data_2ES9
# 
_entry.id   2ES9 
# 
_audit_conform.dict_name       mmcif_pdbx.dic 
_audit_conform.dict_version    5.398 
_audit_conform.dict_location   http://mmcif.pdb.org/dictionaries/ascii/mmcif_pdbx.dic 
# 
loop_
_database_2.database_id 
_database_2.database_code 
_database_2.pdbx_database_accession 
_database_2.pdbx_DOI 
PDB   2ES9         pdb_00002es9 10.2210/pdb2es9/pdb 
RCSB  RCSB035029   ?            ?                   
WWPDB D_1000035029 ?            ?                   
# 
loop_
_pdbx_audit_revision_history.ordinal 
_pdbx_audit_revision_history.data_content_type 
_pdbx_audit_revision_history.major_revision 
_pdbx_audit_revision_history.minor_revision 
_pdbx_audit_revision_history.revision_date 
1 'Structure model' 1 0 2005-11-01 
2 'Structure model' 1 1 2008-05-01 
3 'Structure model' 1 2 2011-07-13 
4 'Structure model' 1 3 2024-03-06 
5 'Structure model' 1 4 2024-10-30 
# 
_pdbx_audit_revision_details.ordinal             1 
_pdbx_audit_revision_details.revision_ordinal    1 
_pdbx_audit_revision_details.data_content_type   'Structure model' 
_pdbx_audit_revision_details.provider            repository 
_pdbx_audit_revision_details.type                'Initial release' 
_pdbx_audit_revision_details.description         ? 
_pdbx_audit_revision_details.details             ? 
# 
loop_
_pdbx_audit_revision_group.ordinal 
_pdbx_audit_revision_group.revision_ordinal 
_pdbx_audit_revision_group.data_content_type 
_pdbx_audit_revision_group.group 
1 2 'Structure model' 'Version format compliance' 
2 3 'Structure model' 'Source and taxonomy'       
3 3 'Structure model' 'Version format compliance' 
4 4 'Structure model' 'Data collection'           
5 4 'Structure model' 'Database references'       
6 4 'Structure model' 'Derived calculations'      
7 5 'Structure model' 'Structure summary'         
# 
loop_
_pdbx_audit_revision_category.ordinal 
_pdbx_audit_revision_category.revision_ordinal 
_pdbx_audit_revision_category.data_content_type 
_pdbx_audit_revision_category.category 
1 4 'Structure model' chem_comp_atom            
2 4 'Structure model' chem_comp_bond            
3 4 'Structure model' database_2                
4 4 'Structure model' pdbx_database_related     
5 4 'Structure model' struct_conn               
6 4 'Structure model' struct_ref_seq_dif        
7 5 'Structure model' pdbx_entry_details        
8 5 'Structure model' pdbx_modification_feature 
# 
loop_
_pdbx_audit_revision_item.ordinal 
_pdbx_audit_revision_item.revision_ordinal 
_pdbx_audit_revision_item.data_content_type 
_pdbx_audit_revision_item.item 
1 4 'Structure model' '_database_2.pdbx_DOI'                
2 4 'Structure model' '_database_2.pdbx_database_accession' 
3 4 'Structure model' '_pdbx_database_related.db_name'      
4 4 'Structure model' '_struct_conn.pdbx_leaving_atom_flag' 
5 4 'Structure model' '_struct_ref_seq_dif.details'         
# 
_pdbx_database_status.status_code                     REL 
_pdbx_database_status.entry_id                        2ES9 
_pdbx_database_status.recvd_initial_deposition_date   2005-10-25 
_pdbx_database_status.deposit_site                    RCSB 
_pdbx_database_status.process_site                    RCSB 
_pdbx_database_status.status_code_sf                  REL 
_pdbx_database_status.status_code_mr                  ? 
_pdbx_database_status.SG_entry                        Y 
_pdbx_database_status.pdb_format_compatible           Y 
_pdbx_database_status.status_code_cs                  ? 
_pdbx_database_status.methods_development_category    ? 
_pdbx_database_status.status_code_nmr_data            ? 
# 
_pdbx_database_related.db_name        TargetDB 
_pdbx_database_related.db_id          STR65 
_pdbx_database_related.details        . 
_pdbx_database_related.content_type   unspecified 
# 
loop_
_audit_author.name 
_audit_author.pdbx_ordinal 
'Benach, J.'                                      1  
'Abashidze, M.'                                   2  
'Jayaraman, S.'                                   3  
'Janjua, H.'                                      4  
'Cooper, B.'                                      5  
'Rong, X.'                                        6  
'Acton, T.B.'                                     7  
'Montelione, G.T.'                                8  
'Tong, L.'                                        9  
'Hunt, J.F.'                                      10 
'Northeast Structural Genomics Consortium (NESG)' 11 
# 
_citation.id                        primary 
_citation.title                     'Crystal structure of Q8ZRJ2 from Salmonella typhimurium NESG TARGET STR65.' 
_citation.journal_abbrev            'To be Published' 
_citation.journal_volume            ? 
_citation.page_first                ? 
_citation.page_last                 ? 
_citation.year                      ? 
_citation.journal_id_ASTM           ? 
_citation.country                   ? 
_citation.journal_id_ISSN           ? 
_citation.journal_id_CSD            0353 
_citation.book_publisher            ? 
_citation.pdbx_database_id_PubMed   ? 
_citation.pdbx_database_id_DOI      ? 
# 
loop_
_citation_author.citation_id 
_citation_author.name 
_citation_author.ordinal 
_citation_author.identifier_ORCID 
primary 'Benach, J.'       1 ? 
primary 'AbashidzE, M.'    2 ? 
primary 'Jayaraman, S.'    3 ? 
primary 'Rong, X.'         4 ? 
primary 'Acton, T.B.'      5 ? 
primary 'Montelione, G.T.' 6 ? 
primary 'Tong, L.'         7 ? 
# 
loop_
_entity.id 
_entity.type 
_entity.src_method 
_entity.pdbx_description 
_entity.formula_weight 
_entity.pdbx_number_of_molecules 
_entity.pdbx_ec 
_entity.pdbx_mutation 
_entity.pdbx_fragment 
_entity.details 
1 polymer man 'putative cytoplasmic protein' 13178.196 1   ? ? ? ? 
2 water   nat water                          18.015    163 ? ? ? ? 
# 
_entity_poly.entity_id                      1 
_entity_poly.type                           'polypeptide(L)' 
_entity_poly.nstd_linkage                   no 
_entity_poly.nstd_monomer                   yes 
_entity_poly.pdbx_seq_one_letter_code       
;(MSE)VNFKDKS(MSE)PTAIEKALDFIGG(MSE)NTSASVPHS(MSE)DESTAKGILKYLHDLGVPVSPEVVVARGEQE
GWNPEFTKKVAGWAEKVASGNRILIKNPEYFSTY(MSE)QEQLKELVLEHHHHHH
;
_entity_poly.pdbx_seq_one_letter_code_can   
;MVNFKDKSMPTAIEKALDFIGGMNTSASVPHSMDESTAKGILKYLHDLGVPVSPEVVVARGEQEGWNPEFTKKVAGWAEK
VASGNRILIKNPEYFSTYMQEQLKELVLEHHHHHH
;
_entity_poly.pdbx_strand_id                 A 
_entity_poly.pdbx_target_identifier         STR65 
# 
_pdbx_entity_nonpoly.entity_id   2 
_pdbx_entity_nonpoly.name        water 
_pdbx_entity_nonpoly.comp_id     HOH 
# 
loop_
_entity_poly_seq.entity_id 
_entity_poly_seq.num 
_entity_poly_seq.mon_id 
_entity_poly_seq.hetero 
1 1   MSE n 
1 2   VAL n 
1 3   ASN n 
1 4   PHE n 
1 5   LYS n 
1 6   ASP n 
1 7   LYS n 
1 8   SER n 
1 9   MSE n 
1 10  PRO n 
1 11  THR n 
1 12  ALA n 
1 13  ILE n 
1 14  GLU n 
1 15  LYS n 
1 16  ALA n 
1 17  LEU n 
1 18  ASP n 
1 19  PHE n 
1 20  ILE n 
1 21  GLY n 
1 22  GLY n 
1 23  MSE n 
1 24  ASN n 
1 25  THR n 
1 26  SER n 
1 27  ALA n 
1 28  SER n 
1 29  VAL n 
1 30  PRO n 
1 31  HIS n 
1 32  SER n 
1 33  MSE n 
1 34  ASP n 
1 35  GLU n 
1 36  SER n 
1 37  THR n 
1 38  ALA n 
1 39  LYS n 
1 40  GLY n 
1 41  ILE n 
1 42  LEU n 
1 43  LYS n 
1 44  TYR n 
1 45  LEU n 
1 46  HIS n 
1 47  ASP n 
1 48  LEU n 
1 49  GLY n 
1 50  VAL n 
1 51  PRO n 
1 52  VAL n 
1 53  SER n 
1 54  PRO n 
1 55  GLU n 
1 56  VAL n 
1 57  VAL n 
1 58  VAL n 
1 59  ALA n 
1 60  ARG n 
1 61  GLY n 
1 62  GLU n 
1 63  GLN n 
1 64  GLU n 
1 65  GLY n 
1 66  TRP n 
1 67  ASN n 
1 68  PRO n 
1 69  GLU n 
1 70  PHE n 
1 71  THR n 
1 72  LYS n 
1 73  LYS n 
1 74  VAL n 
1 75  ALA n 
1 76  GLY n 
1 77  TRP n 
1 78  ALA n 
1 79  GLU n 
1 80  LYS n 
1 81  VAL n 
1 82  ALA n 
1 83  SER n 
1 84  GLY n 
1 85  ASN n 
1 86  ARG n 
1 87  ILE n 
1 88  LEU n 
1 89  ILE n 
1 90  LYS n 
1 91  ASN n 
1 92  PRO n 
1 93  GLU n 
1 94  TYR n 
1 95  PHE n 
1 96  SER n 
1 97  THR n 
1 98  TYR n 
1 99  MSE n 
1 100 GLN n 
1 101 GLU n 
1 102 GLN n 
1 103 LEU n 
1 104 LYS n 
1 105 GLU n 
1 106 LEU n 
1 107 VAL n 
1 108 LEU n 
1 109 GLU n 
1 110 HIS n 
1 111 HIS n 
1 112 HIS n 
1 113 HIS n 
1 114 HIS n 
1 115 HIS n 
# 
_entity_src_gen.entity_id                          1 
_entity_src_gen.pdbx_src_id                        1 
_entity_src_gen.pdbx_alt_source_flag               sample 
_entity_src_gen.pdbx_seq_type                      ? 
_entity_src_gen.pdbx_beg_seq_num                   ? 
_entity_src_gen.pdbx_end_seq_num                   ? 
_entity_src_gen.gene_src_common_name               ? 
_entity_src_gen.gene_src_genus                     Salmonella 
_entity_src_gen.pdbx_gene_src_gene                 ? 
_entity_src_gen.gene_src_species                   'Salmonella typhimurium' 
_entity_src_gen.gene_src_strain                    LT2 
_entity_src_gen.gene_src_tissue                    ? 
_entity_src_gen.gene_src_tissue_fraction           ? 
_entity_src_gen.gene_src_details                   ? 
_entity_src_gen.pdbx_gene_src_fragment             ? 
_entity_src_gen.pdbx_gene_src_scientific_name      'Salmonella typhimurium' 
_entity_src_gen.pdbx_gene_src_ncbi_taxonomy_id     99287 
_entity_src_gen.pdbx_gene_src_variant              ? 
_entity_src_gen.pdbx_gene_src_cell_line            ? 
_entity_src_gen.pdbx_gene_src_atcc                 ? 
_entity_src_gen.pdbx_gene_src_organ                ? 
_entity_src_gen.pdbx_gene_src_organelle            ? 
_entity_src_gen.pdbx_gene_src_cell                 ? 
_entity_src_gen.pdbx_gene_src_cellular_location    ? 
_entity_src_gen.host_org_common_name               ? 
_entity_src_gen.pdbx_host_org_scientific_name      'Escherichia coli' 
_entity_src_gen.pdbx_host_org_ncbi_taxonomy_id     562 
_entity_src_gen.host_org_genus                     Escherichia 
_entity_src_gen.pdbx_host_org_gene                 ? 
_entity_src_gen.pdbx_host_org_organ                ? 
_entity_src_gen.host_org_species                   ? 
_entity_src_gen.pdbx_host_org_tissue               ? 
_entity_src_gen.pdbx_host_org_tissue_fraction      ? 
_entity_src_gen.pdbx_host_org_strain               ? 
_entity_src_gen.pdbx_host_org_variant              ? 
_entity_src_gen.pdbx_host_org_cell_line            ? 
_entity_src_gen.pdbx_host_org_atcc                 ? 
_entity_src_gen.pdbx_host_org_culture_collection   ? 
_entity_src_gen.pdbx_host_org_cell                 ? 
_entity_src_gen.pdbx_host_org_organelle            ? 
_entity_src_gen.pdbx_host_org_cellular_location    ? 
_entity_src_gen.pdbx_host_org_vector_type          plasmid 
_entity_src_gen.pdbx_host_org_vector               ? 
_entity_src_gen.host_org_details                   ? 
_entity_src_gen.expression_system_id               ? 
_entity_src_gen.plasmid_name                       pE21 
_entity_src_gen.plasmid_details                    ? 
_entity_src_gen.pdbx_description                   ? 
# 
loop_
_chem_comp.id 
_chem_comp.type 
_chem_comp.mon_nstd_flag 
_chem_comp.name 
_chem_comp.pdbx_synonyms 
_chem_comp.formula 
_chem_comp.formula_weight 
ALA 'L-peptide linking' y ALANINE          ? 'C3 H7 N O2'     89.093  
ARG 'L-peptide linking' y ARGININE         ? 'C6 H15 N4 O2 1' 175.209 
ASN 'L-peptide linking' y ASPARAGINE       ? 'C4 H8 N2 O3'    132.118 
ASP 'L-peptide linking' y 'ASPARTIC ACID'  ? 'C4 H7 N O4'     133.103 
GLN 'L-peptide linking' y GLUTAMINE        ? 'C5 H10 N2 O3'   146.144 
GLU 'L-peptide linking' y 'GLUTAMIC ACID'  ? 'C5 H9 N O4'     147.129 
GLY 'peptide linking'   y GLYCINE          ? 'C2 H5 N O2'     75.067  
HIS 'L-peptide linking' y HISTIDINE        ? 'C6 H10 N3 O2 1' 156.162 
HOH non-polymer         . WATER            ? 'H2 O'           18.015  
ILE 'L-peptide linking' y ISOLEUCINE       ? 'C6 H13 N O2'    131.173 
LEU 'L-peptide linking' y LEUCINE          ? 'C6 H13 N O2'    131.173 
LYS 'L-peptide linking' y LYSINE           ? 'C6 H15 N2 O2 1' 147.195 
MET 'L-peptide linking' y METHIONINE       ? 'C5 H11 N O2 S'  149.211 
MSE 'L-peptide linking' n SELENOMETHIONINE ? 'C5 H11 N O2 Se' 196.106 
PHE 'L-peptide linking' y PHENYLALANINE    ? 'C9 H11 N O2'    165.189 
PRO 'L-peptide linking' y PROLINE          ? 'C5 H9 N O2'     115.130 
SER 'L-peptide linking' y SERINE           ? 'C3 H7 N O3'     105.093 
THR 'L-peptide linking' y THREONINE        ? 'C4 H9 N O3'     119.119 
TRP 'L-peptide linking' y TRYPTOPHAN       ? 'C11 H12 N2 O2'  204.225 
TYR 'L-peptide linking' y TYROSINE         ? 'C9 H11 N O3'    181.189 
VAL 'L-peptide linking' y VALINE           ? 'C5 H11 N O2'    117.146 
# 
loop_
_pdbx_poly_seq_scheme.asym_id 
_pdbx_poly_seq_scheme.entity_id 
_pdbx_poly_seq_scheme.seq_id 
_pdbx_poly_seq_scheme.mon_id 
_pdbx_poly_seq_scheme.ndb_seq_num 
_pdbx_poly_seq_scheme.pdb_seq_num 
_pdbx_poly_seq_scheme.auth_seq_num 
_pdbx_poly_seq_scheme.pdb_mon_id 
_pdbx_poly_seq_scheme.auth_mon_id 
_pdbx_poly_seq_scheme.pdb_strand_id 
_pdbx_poly_seq_scheme.pdb_ins_code 
_pdbx_poly_seq_scheme.hetero 
A 1 1   MSE 1   1   ?   ?   ?   A . n 
A 1 2   VAL 2   2   ?   ?   ?   A . n 
A 1 3   ASN 3   3   ?   ?   ?   A . n 
A 1 4   PHE 4   4   ?   ?   ?   A . n 
A 1 5   LYS 5   5   ?   ?   ?   A . n 
A 1 6   ASP 6   6   ?   ?   ?   A . n 
A 1 7   LYS 7   7   ?   ?   ?   A . n 
A 1 8   SER 8   8   ?   ?   ?   A . n 
A 1 9   MSE 9   9   ?   ?   ?   A . n 
A 1 10  PRO 10  10  ?   ?   ?   A . n 
A 1 11  THR 11  11  11  THR THR A . n 
A 1 12  ALA 12  12  12  ALA ALA A . n 
A 1 13  ILE 13  13  13  ILE ILE A . n 
A 1 14  GLU 14  14  14  GLU GLU A . n 
A 1 15  LYS 15  15  15  LYS LYS A . n 
A 1 16  ALA 16  16  16  ALA ALA A . n 
A 1 17  LEU 17  17  17  LEU LEU A . n 
A 1 18  ASP 18  18  18  ASP ASP A . n 
A 1 19  PHE 19  19  19  PHE PHE A . n 
A 1 20  ILE 20  20  20  ILE ILE A . n 
A 1 21  GLY 21  21  21  GLY GLY A . n 
A 1 22  GLY 22  22  22  GLY GLY A . n 
A 1 23  MSE 23  23  23  MSE MSE A . n 
A 1 24  ASN 24  24  24  ASN ASN A . n 
A 1 25  THR 25  25  25  THR THR A . n 
A 1 26  SER 26  26  26  SER SER A . n 
A 1 27  ALA 27  27  27  ALA ALA A . n 
A 1 28  SER 28  28  28  SER SER A . n 
A 1 29  VAL 29  29  29  VAL VAL A . n 
A 1 30  PRO 30  30  30  PRO PRO A . n 
A 1 31  HIS 31  31  31  HIS HIS A . n 
A 1 32  SER 32  32  32  SER SER A . n 
A 1 33  MSE 33  33  33  MSE MSE A . n 
A 1 34  ASP 34  34  34  ASP ASP A . n 
A 1 35  GLU 35  35  35  GLU GLU A . n 
A 1 36  SER 36  36  36  SER SER A . n 
A 1 37  THR 37  37  37  THR THR A . n 
A 1 38  ALA 38  38  38  ALA ALA A . n 
A 1 39  LYS 39  39  39  LYS LYS A . n 
A 1 40  GLY 40  40  40  GLY GLY A . n 
A 1 41  ILE 41  41  41  ILE ILE A . n 
A 1 42  LEU 42  42  42  LEU LEU A . n 
A 1 43  LYS 43  43  43  LYS LYS A . n 
A 1 44  TYR 44  44  44  TYR TYR A . n 
A 1 45  LEU 45  45  45  LEU LEU A . n 
A 1 46  HIS 46  46  46  HIS HIS A . n 
A 1 47  ASP 47  47  47  ASP ASP A . n 
A 1 48  LEU 48  48  48  LEU LEU A . n 
A 1 49  GLY 49  49  49  GLY GLY A . n 
A 1 50  VAL 50  50  50  VAL VAL A . n 
A 1 51  PRO 51  51  51  PRO PRO A . n 
A 1 52  VAL 52  52  52  VAL VAL A . n 
A 1 53  SER 53  53  53  SER SER A . n 
A 1 54  PRO 54  54  54  PRO PRO A . n 
A 1 55  GLU 55  55  55  GLU GLU A . n 
A 1 56  VAL 56  56  56  VAL VAL A . n 
A 1 57  VAL 57  57  57  VAL VAL A . n 
A 1 58  VAL 58  58  58  VAL VAL A . n 
A 1 59  ALA 59  59  59  ALA ALA A . n 
A 1 60  ARG 60  60  60  ARG ARG A . n 
A 1 61  GLY 61  61  61  GLY GLY A . n 
A 1 62  GLU 62  62  62  GLU GLU A . n 
A 1 63  GLN 63  63  63  GLN GLN A . n 
A 1 64  GLU 64  64  64  GLU GLU A . n 
A 1 65  GLY 65  65  65  GLY GLY A . n 
A 1 66  TRP 66  66  66  TRP TRP A . n 
A 1 67  ASN 67  67  67  ASN ASN A . n 
A 1 68  PRO 68  68  68  PRO PRO A . n 
A 1 69  GLU 69  69  69  GLU GLU A . n 
A 1 70  PHE 70  70  70  PHE PHE A . n 
A 1 71  THR 71  71  71  THR THR A . n 
A 1 72  LYS 72  72  72  LYS LYS A . n 
A 1 73  LYS 73  73  73  LYS LYS A . n 
A 1 74  VAL 74  74  74  VAL VAL A . n 
A 1 75  ALA 75  75  75  ALA ALA A . n 
A 1 76  GLY 76  76  76  GLY GLY A . n 
A 1 77  TRP 77  77  77  TRP TRP A . n 
A 1 78  ALA 78  78  78  ALA ALA A . n 
A 1 79  GLU 79  79  79  GLU GLU A . n 
A 1 80  LYS 80  80  80  LYS LYS A . n 
A 1 81  VAL 81  81  81  VAL VAL A . n 
A 1 82  ALA 82  82  82  ALA ALA A . n 
A 1 83  SER 83  83  83  SER SER A . n 
A 1 84  GLY 84  84  84  GLY GLY A . n 
A 1 85  ASN 85  85  85  ASN ASN A . n 
A 1 86  ARG 86  86  86  ARG ARG A . n 
A 1 87  ILE 87  87  87  ILE ILE A . n 
A 1 88  LEU 88  88  88  LEU LEU A . n 
A 1 89  ILE 89  89  89  ILE ILE A . n 
A 1 90  LYS 90  90  90  LYS LYS A . n 
A 1 91  ASN 91  91  91  ASN ASN A . n 
A 1 92  PRO 92  92  92  PRO PRO A . n 
A 1 93  GLU 93  93  93  GLU GLU A . n 
A 1 94  TYR 94  94  94  TYR TYR A . n 
A 1 95  PHE 95  95  95  PHE PHE A . n 
A 1 96  SER 96  96  96  SER SER A . n 
A 1 97  THR 97  97  97  THR THR A . n 
A 1 98  TYR 98  98  98  TYR TYR A . n 
A 1 99  MSE 99  99  99  MSE MSE A . n 
A 1 100 GLN 100 100 100 GLN GLN A . n 
A 1 101 GLU 101 101 101 GLU GLU A . n 
A 1 102 GLN 102 102 102 GLN GLN A . n 
A 1 103 LEU 103 103 103 LEU LEU A . n 
A 1 104 LYS 104 104 104 LYS LYS A . n 
A 1 105 GLU 105 105 105 GLU GLU A . n 
A 1 106 LEU 106 106 106 LEU LEU A . n 
A 1 107 VAL 107 107 107 VAL VAL A . n 
A 1 108 LEU 108 108 108 LEU LEU A . n 
A 1 109 GLU 109 109 109 GLU GLU A . n 
A 1 110 HIS 110 110 110 HIS HIS A . n 
A 1 111 HIS 111 111 ?   ?   ?   A . n 
A 1 112 HIS 112 112 ?   ?   ?   A . n 
A 1 113 HIS 113 113 ?   ?   ?   A . n 
A 1 114 HIS 114 114 ?   ?   ?   A . n 
A 1 115 HIS 115 115 ?   ?   ?   A . n 
# 
loop_
_pdbx_nonpoly_scheme.asym_id 
_pdbx_nonpoly_scheme.entity_id 
_pdbx_nonpoly_scheme.mon_id 
_pdbx_nonpoly_scheme.ndb_seq_num 
_pdbx_nonpoly_scheme.pdb_seq_num 
_pdbx_nonpoly_scheme.auth_seq_num 
_pdbx_nonpoly_scheme.pdb_mon_id 
_pdbx_nonpoly_scheme.auth_mon_id 
_pdbx_nonpoly_scheme.pdb_strand_id 
_pdbx_nonpoly_scheme.pdb_ins_code 
B 2 HOH 1   116 1   HOH HOH A . 
B 2 HOH 2   117 2   HOH HOH A . 
B 2 HOH 3   118 3   HOH HOH A . 
B 2 HOH 4   119 4   HOH HOH A . 
B 2 HOH 5   120 5   HOH HOH A . 
B 2 HOH 6   121 6   HOH HOH A . 
B 2 HOH 7   122 7   HOH HOH A . 
B 2 HOH 8   123 8   HOH HOH A . 
B 2 HOH 9   124 9   HOH HOH A . 
B 2 HOH 10  125 10  HOH HOH A . 
B 2 HOH 11  126 11  HOH HOH A . 
B 2 HOH 12  127 12  HOH HOH A . 
B 2 HOH 13  128 13  HOH HOH A . 
B 2 HOH 14  129 14  HOH HOH A . 
B 2 HOH 15  130 15  HOH HOH A . 
B 2 HOH 16  131 16  HOH HOH A . 
B 2 HOH 17  132 17  HOH HOH A . 
B 2 HOH 18  133 18  HOH HOH A . 
B 2 HOH 19  134 19  HOH HOH A . 
B 2 HOH 20  135 20  HOH HOH A . 
B 2 HOH 21  136 21  HOH HOH A . 
B 2 HOH 22  137 22  HOH HOH A . 
B 2 HOH 23  138 23  HOH HOH A . 
B 2 HOH 24  139 24  HOH HOH A . 
B 2 HOH 25  140 25  HOH HOH A . 
B 2 HOH 26  141 26  HOH HOH A . 
B 2 HOH 27  142 27  HOH HOH A . 
B 2 HOH 28  143 28  HOH HOH A . 
B 2 HOH 29  144 29  HOH HOH A . 
B 2 HOH 30  145 30  HOH HOH A . 
B 2 HOH 31  146 31  HOH HOH A . 
B 2 HOH 32  147 32  HOH HOH A . 
B 2 HOH 33  148 33  HOH HOH A . 
B 2 HOH 34  149 34  HOH HOH A . 
B 2 HOH 35  150 35  HOH HOH A . 
B 2 HOH 36  151 36  HOH HOH A . 
B 2 HOH 37  152 37  HOH HOH A . 
B 2 HOH 38  153 38  HOH HOH A . 
B 2 HOH 39  154 39  HOH HOH A . 
B 2 HOH 40  155 40  HOH HOH A . 
B 2 HOH 41  156 41  HOH HOH A . 
B 2 HOH 42  157 42  HOH HOH A . 
B 2 HOH 43  158 43  HOH HOH A . 
B 2 HOH 44  159 44  HOH HOH A . 
B 2 HOH 45  160 45  HOH HOH A . 
B 2 HOH 46  161 46  HOH HOH A . 
B 2 HOH 47  162 47  HOH HOH A . 
B 2 HOH 48  163 48  HOH HOH A . 
B 2 HOH 49  164 49  HOH HOH A . 
B 2 HOH 50  165 50  HOH HOH A . 
B 2 HOH 51  166 51  HOH HOH A . 
B 2 HOH 52  167 52  HOH HOH A . 
B 2 HOH 53  168 53  HOH HOH A . 
B 2 HOH 54  169 54  HOH HOH A . 
B 2 HOH 55  170 55  HOH HOH A . 
B 2 HOH 56  171 56  HOH HOH A . 
B 2 HOH 57  172 57  HOH HOH A . 
B 2 HOH 58  173 58  HOH HOH A . 
B 2 HOH 59  174 59  HOH HOH A . 
B 2 HOH 60  175 60  HOH HOH A . 
B 2 HOH 61  176 61  HOH HOH A . 
B 2 HOH 62  177 62  HOH HOH A . 
B 2 HOH 63  178 63  HOH HOH A . 
B 2 HOH 64  179 64  HOH HOH A . 
B 2 HOH 65  180 65  HOH HOH A . 
B 2 HOH 66  181 66  HOH HOH A . 
B 2 HOH 67  182 67  HOH HOH A . 
B 2 HOH 68  183 68  HOH HOH A . 
B 2 HOH 69  184 69  HOH HOH A . 
B 2 HOH 70  185 70  HOH HOH A . 
B 2 HOH 71  186 71  HOH HOH A . 
B 2 HOH 72  187 72  HOH HOH A . 
B 2 HOH 73  188 73  HOH HOH A . 
B 2 HOH 74  189 74  HOH HOH A . 
B 2 HOH 75  190 75  HOH HOH A . 
B 2 HOH 76  191 76  HOH HOH A . 
B 2 HOH 77  192 77  HOH HOH A . 
B 2 HOH 78  193 78  HOH HOH A . 
B 2 HOH 79  194 79  HOH HOH A . 
B 2 HOH 80  195 80  HOH HOH A . 
B 2 HOH 81  196 81  HOH HOH A . 
B 2 HOH 82  197 82  HOH HOH A . 
B 2 HOH 83  198 83  HOH HOH A . 
B 2 HOH 84  199 84  HOH HOH A . 
B 2 HOH 85  200 85  HOH HOH A . 
B 2 HOH 86  201 86  HOH HOH A . 
B 2 HOH 87  202 87  HOH HOH A . 
B 2 HOH 88  203 88  HOH HOH A . 
B 2 HOH 89  204 89  HOH HOH A . 
B 2 HOH 90  205 90  HOH HOH A . 
B 2 HOH 91  206 91  HOH HOH A . 
B 2 HOH 92  207 92  HOH HOH A . 
B 2 HOH 93  208 93  HOH HOH A . 
B 2 HOH 94  209 94  HOH HOH A . 
B 2 HOH 95  210 95  HOH HOH A . 
B 2 HOH 96  211 96  HOH HOH A . 
B 2 HOH 97  212 97  HOH HOH A . 
B 2 HOH 98  213 98  HOH HOH A . 
B 2 HOH 99  214 99  HOH HOH A . 
B 2 HOH 100 215 100 HOH HOH A . 
B 2 HOH 101 216 101 HOH HOH A . 
B 2 HOH 102 217 102 HOH HOH A . 
B 2 HOH 103 218 103 HOH HOH A . 
B 2 HOH 104 219 104 HOH HOH A . 
B 2 HOH 105 220 105 HOH HOH A . 
B 2 HOH 106 221 106 HOH HOH A . 
B 2 HOH 107 222 107 HOH HOH A . 
B 2 HOH 108 223 108 HOH HOH A . 
B 2 HOH 109 224 109 HOH HOH A . 
B 2 HOH 110 225 110 HOH HOH A . 
B 2 HOH 111 226 111 HOH HOH A . 
B 2 HOH 112 227 112 HOH HOH A . 
B 2 HOH 113 228 113 HOH HOH A . 
B 2 HOH 114 229 114 HOH HOH A . 
B 2 HOH 115 230 115 HOH HOH A . 
B 2 HOH 116 231 116 HOH HOH A . 
B 2 HOH 117 232 117 HOH HOH A . 
B 2 HOH 118 233 118 HOH HOH A . 
B 2 HOH 119 234 119 HOH HOH A . 
B 2 HOH 120 235 120 HOH HOH A . 
B 2 HOH 121 236 121 HOH HOH A . 
B 2 HOH 122 237 122 HOH HOH A . 
B 2 HOH 123 238 123 HOH HOH A . 
B 2 HOH 124 239 124 HOH HOH A . 
B 2 HOH 125 240 125 HOH HOH A . 
B 2 HOH 126 241 126 HOH HOH A . 
B 2 HOH 127 242 127 HOH HOH A . 
B 2 HOH 128 243 128 HOH HOH A . 
B 2 HOH 129 244 129 HOH HOH A . 
B 2 HOH 130 245 130 HOH HOH A . 
B 2 HOH 131 246 131 HOH HOH A . 
B 2 HOH 132 247 132 HOH HOH A . 
B 2 HOH 133 248 133 HOH HOH A . 
B 2 HOH 134 249 134 HOH HOH A . 
B 2 HOH 135 250 135 HOH HOH A . 
B 2 HOH 136 251 136 HOH HOH A . 
B 2 HOH 137 252 137 HOH HOH A . 
B 2 HOH 138 253 138 HOH HOH A . 
B 2 HOH 139 254 139 HOH HOH A . 
B 2 HOH 140 255 140 HOH HOH A . 
B 2 HOH 141 256 141 HOH HOH A . 
B 2 HOH 142 257 142 HOH HOH A . 
B 2 HOH 143 258 143 HOH HOH A . 
B 2 HOH 144 259 144 HOH HOH A . 
B 2 HOH 145 260 145 HOH HOH A . 
B 2 HOH 146 261 146 HOH HOH A . 
B 2 HOH 147 262 147 HOH HOH A . 
B 2 HOH 148 263 148 HOH HOH A . 
B 2 HOH 149 264 149 HOH HOH A . 
B 2 HOH 150 265 150 HOH HOH A . 
B 2 HOH 151 266 151 HOH HOH A . 
B 2 HOH 152 267 152 HOH HOH A . 
B 2 HOH 153 268 153 HOH HOH A . 
B 2 HOH 154 269 154 HOH HOH A . 
B 2 HOH 155 270 155 HOH HOH A . 
B 2 HOH 156 271 156 HOH HOH A . 
B 2 HOH 157 272 157 HOH HOH A . 
B 2 HOH 158 273 158 HOH HOH A . 
B 2 HOH 159 274 159 HOH HOH A . 
B 2 HOH 160 275 160 HOH HOH A . 
B 2 HOH 161 276 161 HOH HOH A . 
B 2 HOH 162 277 162 HOH HOH A . 
B 2 HOH 163 278 163 HOH HOH A . 
# 
loop_
_software.name 
_software.classification 
_software.version 
_software.citation_id 
_software.pdbx_ordinal 
DENZO     'data reduction' .   ? 1 
SCALEPACK 'data scaling'   .   ? 2 
SOLVE     phasing          .   ? 3 
RESOLVE   'model building' .   ? 4 
CNS       refinement       1.1 ? 5 
RESOLVE   phasing          .   ? 6 
# 
_cell.entry_id           2ES9 
_cell.length_a           88.233 
_cell.length_b           88.233 
_cell.length_c           88.233 
_cell.angle_alpha        90.00 
_cell.angle_beta         90.00 
_cell.angle_gamma        90.00 
_cell.Z_PDB              24 
_cell.pdbx_unique_axis   ? 
_cell.length_a_esd       ? 
_cell.length_b_esd       ? 
_cell.length_c_esd       ? 
_cell.angle_alpha_esd    ? 
_cell.angle_beta_esd     ? 
_cell.angle_gamma_esd    ? 
# 
_symmetry.entry_id                         2ES9 
_symmetry.space_group_name_H-M             'I 21 3' 
_symmetry.pdbx_full_space_group_name_H-M   ? 
_symmetry.cell_setting                     ? 
_symmetry.Int_Tables_number                199 
_symmetry.space_group_name_Hall            ? 
# 
_exptl.entry_id          2ES9 
_exptl.method            'X-RAY DIFFRACTION' 
_exptl.crystals_number   1 
# 
_exptl_crystal.id                    1 
_exptl_crystal.density_meas          ? 
_exptl_crystal.density_Matthews      2.17 
_exptl_crystal.density_percent_sol   43.34 
_exptl_crystal.description           ? 
_exptl_crystal.F_000                 ? 
_exptl_crystal.preparation           ? 
# 
_exptl_crystal_grow.crystal_id      1 
_exptl_crystal_grow.method          'VAPOR DIFFUSION, HANGING DROP' 
_exptl_crystal_grow.temp            ? 
_exptl_crystal_grow.temp_details    ? 
_exptl_crystal_grow.pH              ? 
_exptl_crystal_grow.pdbx_details    'VAPOR DIFFUSION, HANGING DROP' 
_exptl_crystal_grow.pdbx_pH_range   . 
# 
_diffrn.id                     1 
_diffrn.ambient_temp           100.0 
_diffrn.ambient_temp_details   ? 
_diffrn.crystal_id             1 
# 
_diffrn_detector.diffrn_id              1 
_diffrn_detector.detector               CCD 
_diffrn_detector.type                   'ADSC QUANTUM 4' 
_diffrn_detector.pdbx_collection_date   2005-09-01 
_diffrn_detector.details                ? 
# 
_diffrn_radiation.diffrn_id                        1 
_diffrn_radiation.wavelength_id                    1 
_diffrn_radiation.pdbx_monochromatic_or_laue_m_l   M 
_diffrn_radiation.monochromator                    'SI 111 CHANNEL' 
_diffrn_radiation.pdbx_diffrn_protocol             MAD 
_diffrn_radiation.pdbx_scattering_type             x-ray 
# 
loop_
_diffrn_radiation_wavelength.id 
_diffrn_radiation_wavelength.wavelength 
_diffrn_radiation_wavelength.wt 
1 0.97915 1.0 
2 0.97944 1.0 
3 0.96801 1.0 
# 
_diffrn_source.diffrn_id                   1 
_diffrn_source.source                      SYNCHROTRON 
_diffrn_source.type                        'NSLS BEAMLINE X4A' 
_diffrn_source.pdbx_synchrotron_site       NSLS 
_diffrn_source.pdbx_synchrotron_beamline   X4A 
_diffrn_source.pdbx_wavelength             ? 
_diffrn_source.pdbx_wavelength_list        '0.97915, 0.97944, 0.96801' 
# 
_reflns.entry_id                     2ES9 
_reflns.observed_criterion_sigma_I   -3.000 
_reflns.observed_criterion_sigma_F   ? 
_reflns.d_resolution_low             30.000 
_reflns.d_resolution_high            1.900 
_reflns.number_obs                   9163 
_reflns.number_all                   ? 
_reflns.percent_possible_obs         99.8 
_reflns.pdbx_Rmerge_I_obs            0.097 
_reflns.pdbx_Rsym_value              ? 
_reflns.pdbx_netI_over_sigmaI        ? 
_reflns.B_iso_Wilson_estimate        19.0 
_reflns.pdbx_redundancy              42.8 
_reflns.R_free_details               ? 
_reflns.limit_h_max                  ? 
_reflns.limit_h_min                  ? 
_reflns.limit_k_max                  ? 
_reflns.limit_k_min                  ? 
_reflns.limit_l_max                  ? 
_reflns.limit_l_min                  ? 
_reflns.observed_criterion_F_max     ? 
_reflns.observed_criterion_F_min     ? 
_reflns.pdbx_chi_squared             ? 
_reflns.pdbx_scaling_rejects         ? 
_reflns.pdbx_ordinal                 1 
_reflns.pdbx_diffrn_id               1 
# 
_reflns_shell.d_res_high             1.90 
_reflns_shell.d_res_low              1.97 
_reflns_shell.percent_possible_all   100.00 
_reflns_shell.Rmerge_I_obs           0.56 
_reflns_shell.pdbx_Rsym_value        ? 
_reflns_shell.meanI_over_sigI_obs    ? 
_reflns_shell.pdbx_redundancy        40.0 
_reflns_shell.percent_possible_obs   ? 
_reflns_shell.number_unique_all      ? 
_reflns_shell.number_measured_all    ? 
_reflns_shell.number_measured_obs    ? 
_reflns_shell.number_unique_obs      ? 
_reflns_shell.pdbx_chi_squared       ? 
_reflns_shell.pdbx_ordinal           1 
_reflns_shell.pdbx_diffrn_id         1 
# 
_refine.entry_id                                 2ES9 
_refine.ls_number_reflns_obs                     8999 
_refine.ls_number_reflns_all                     ? 
_refine.pdbx_ls_sigma_I                          ? 
_refine.pdbx_ls_sigma_F                          2.0 
_refine.pdbx_data_cutoff_high_absF               677899.28 
_refine.pdbx_data_cutoff_low_absF                0.000000 
_refine.pdbx_data_cutoff_high_rms_absF           ? 
_refine.ls_d_res_low                             18.81 
_refine.ls_d_res_high                            2.00 
_refine.ls_percent_reflns_obs                    97.1 
_refine.ls_R_factor_obs                          0.242 
_refine.ls_R_factor_all                          ? 
_refine.ls_R_factor_R_work                       0.242 
_refine.ls_R_factor_R_free                       0.26 
_refine.ls_R_factor_R_free_error                 0.007 
_refine.ls_R_factor_R_free_error_details         ? 
_refine.ls_percent_reflns_R_free                 9.4 
_refine.ls_number_reflns_R_free                  1380 
_refine.ls_number_parameters                     ? 
_refine.ls_number_restraints                     ? 
_refine.occupancy_min                            ? 
_refine.occupancy_max                            ? 
_refine.correlation_coeff_Fo_to_Fc               ? 
_refine.correlation_coeff_Fo_to_Fc_free          ? 
_refine.B_iso_mean                               38.4 
_refine.aniso_B[1][1]                            0.00 
_refine.aniso_B[2][2]                            0.00 
_refine.aniso_B[3][3]                            0.00 
_refine.aniso_B[1][2]                            0.00 
_refine.aniso_B[1][3]                            0.00 
_refine.aniso_B[2][3]                            0.00 
_refine.solvent_model_details                    'FLAT MODEL' 
_refine.solvent_model_param_ksol                 0.288248 
_refine.solvent_model_param_bsol                 39.3352 
_refine.pdbx_solvent_vdw_probe_radii             ? 
_refine.pdbx_solvent_ion_probe_radii             ? 
_refine.pdbx_solvent_shrinkage_radii             ? 
_refine.pdbx_ls_cross_valid_method               THROUGHOUT 
_refine.details                                  ? 
_refine.pdbx_starting_model                      ? 
_refine.pdbx_method_to_determine_struct          MAD 
_refine.pdbx_isotropic_thermal_model             RESTRAINED 
_refine.pdbx_stereochemistry_target_values       ? 
_refine.pdbx_stereochem_target_val_spec_case     ? 
_refine.pdbx_R_Free_selection_details            RANDOM 
_refine.pdbx_overall_ESU_R                       ? 
_refine.pdbx_overall_ESU_R_Free                  ? 
_refine.overall_SU_ML                            ? 
_refine.overall_SU_B                             ? 
_refine.ls_redundancy_reflns_obs                 ? 
_refine.B_iso_min                                ? 
_refine.B_iso_max                                ? 
_refine.overall_SU_R_Cruickshank_DPI             ? 
_refine.overall_SU_R_free                        ? 
_refine.ls_wR_factor_R_free                      ? 
_refine.ls_wR_factor_R_work                      ? 
_refine.overall_FOM_free_R_set                   ? 
_refine.overall_FOM_work_R_set                   ? 
_refine.pdbx_refine_id                           'X-RAY DIFFRACTION' 
_refine.pdbx_diffrn_id                           1 
_refine.pdbx_TLS_residual_ADP_flag               ? 
_refine.pdbx_overall_phase_error                 ? 
_refine.pdbx_overall_SU_R_free_Cruickshank_DPI   ? 
_refine.pdbx_overall_SU_R_Blow_DPI               ? 
_refine.pdbx_overall_SU_R_free_Blow_DPI          ? 
# 
_refine_analyze.entry_id                        2ES9 
_refine_analyze.Luzzati_coordinate_error_obs    0.29 
_refine_analyze.Luzzati_sigma_a_obs             0.20 
_refine_analyze.Luzzati_d_res_low_obs           5.00 
_refine_analyze.Luzzati_coordinate_error_free   0.34 
_refine_analyze.Luzzati_sigma_a_free            0.23 
_refine_analyze.Luzzati_d_res_low_free          ? 
_refine_analyze.number_disordered_residues      ? 
_refine_analyze.occupancy_sum_hydrogen          ? 
_refine_analyze.occupancy_sum_non_hydrogen      ? 
_refine_analyze.pdbx_Luzzati_d_res_high_obs     ? 
_refine_analyze.pdbx_refine_id                  'X-RAY DIFFRACTION' 
# 
_refine_hist.pdbx_refine_id                   'X-RAY DIFFRACTION' 
_refine_hist.cycle_id                         LAST 
_refine_hist.pdbx_number_atoms_protein        778 
_refine_hist.pdbx_number_atoms_nucleic_acid   0 
_refine_hist.pdbx_number_atoms_ligand         0 
_refine_hist.number_atoms_solvent             163 
_refine_hist.number_atoms_total               941 
_refine_hist.d_res_high                       2.00 
_refine_hist.d_res_low                        18.81 
# 
loop_
_refine_ls_restr.type 
_refine_ls_restr.dev_ideal 
_refine_ls_restr.dev_ideal_target 
_refine_ls_restr.weight 
_refine_ls_restr.number 
_refine_ls_restr.pdbx_refine_id 
_refine_ls_restr.pdbx_restraint_function 
c_bond_d                0.006 ? ? ? 'X-RAY DIFFRACTION' ? 
c_bond_d_na             ?     ? ? ? 'X-RAY DIFFRACTION' ? 
c_bond_d_prot           ?     ? ? ? 'X-RAY DIFFRACTION' ? 
c_angle_d               ?     ? ? ? 'X-RAY DIFFRACTION' ? 
c_angle_d_na            ?     ? ? ? 'X-RAY DIFFRACTION' ? 
c_angle_d_prot          ?     ? ? ? 'X-RAY DIFFRACTION' ? 
c_angle_deg             1.1   ? ? ? 'X-RAY DIFFRACTION' ? 
c_angle_deg_na          ?     ? ? ? 'X-RAY DIFFRACTION' ? 
c_angle_deg_prot        ?     ? ? ? 'X-RAY DIFFRACTION' ? 
c_dihedral_angle_d      19.1  ? ? ? 'X-RAY DIFFRACTION' ? 
c_dihedral_angle_d_na   ?     ? ? ? 'X-RAY DIFFRACTION' ? 
c_dihedral_angle_d_prot ?     ? ? ? 'X-RAY DIFFRACTION' ? 
c_improper_angle_d      1.02  ? ? ? 'X-RAY DIFFRACTION' ? 
c_improper_angle_d_na   ?     ? ? ? 'X-RAY DIFFRACTION' ? 
c_improper_angle_d_prot ?     ? ? ? 'X-RAY DIFFRACTION' ? 
c_mcbond_it             ?     ? ? ? 'X-RAY DIFFRACTION' ? 
c_mcangle_it            ?     ? ? ? 'X-RAY DIFFRACTION' ? 
c_scbond_it             ?     ? ? ? 'X-RAY DIFFRACTION' ? 
c_scangle_it            ?     ? ? ? 'X-RAY DIFFRACTION' ? 
# 
_refine_ls_shell.pdbx_total_number_of_bins_used   6 
_refine_ls_shell.d_res_high                       2.00 
_refine_ls_shell.d_res_low                        2.13 
_refine_ls_shell.number_reflns_R_work             2237 
_refine_ls_shell.R_factor_R_work                  0.274 
_refine_ls_shell.percent_reflns_obs               95.4 
_refine_ls_shell.R_factor_R_free                  0.31 
_refine_ls_shell.R_factor_R_free_error            0.023 
_refine_ls_shell.percent_reflns_R_free            7.6 
_refine_ls_shell.number_reflns_R_free             183 
_refine_ls_shell.number_reflns_obs                ? 
_refine_ls_shell.redundancy_reflns_obs            ? 
_refine_ls_shell.number_reflns_all                ? 
_refine_ls_shell.R_factor_all                     ? 
_refine_ls_shell.pdbx_refine_id                   'X-RAY DIFFRACTION' 
# 
loop_
_pdbx_xplor_file.serial_no 
_pdbx_xplor_file.param_file 
_pdbx_xplor_file.topol_file 
_pdbx_xplor_file.pdbx_refine_id 
1 protein_rep.param protein.top 'X-RAY DIFFRACTION' 
2 water_rep.param   ?           'X-RAY DIFFRACTION' 
# 
_struct.entry_id                  2ES9 
_struct.title                     'Crystal structure of Q8ZRJ2 from salmonella typhimurium. NESG TARGET STR65' 
_struct.pdbx_model_details        ? 
_struct.pdbx_CASP_flag            ? 
_struct.pdbx_model_type_details   ? 
# 
_struct_keywords.entry_id        2ES9 
_struct_keywords.pdbx_keywords   'STRUCTURAL GENOMICS, UNKNOWN FUNCTION' 
_struct_keywords.text            
'STRUCTURAL GENOMICS, PSI, PROTEIN STRUCTURE INITIATIVE, NORTHEAST STRUCTURAL GENOMICS CONSORTIUM, NESG, UNKNOWN FUNCTION' 
# 
loop_
_struct_asym.id 
_struct_asym.pdbx_blank_PDB_chainid_flag 
_struct_asym.pdbx_modified 
_struct_asym.entity_id 
_struct_asym.details 
A N N 1 ? 
B N N 2 ? 
# 
_struct_ref.id                         1 
_struct_ref.db_name                    UNP 
_struct_ref.db_code                    Q8ZRJ2_SALTY 
_struct_ref.pdbx_db_accession          Q8ZRJ2 
_struct_ref.entity_id                  1 
_struct_ref.pdbx_seq_one_letter_code   
;MVNFKDKSMPTAIEKALDFIGGMNTSASVPHSMDESTAKGILKYLHDLGVPVSPEVVVARGEQEGWNPEFTKKVAGWAEK
VASGNRILIKNPEYFSTYMQEQLKELV
;
_struct_ref.pdbx_align_begin           1 
_struct_ref.pdbx_db_isoform            ? 
# 
_struct_ref_seq.align_id                      1 
_struct_ref_seq.ref_id                        1 
_struct_ref_seq.pdbx_PDB_id_code              2ES9 
_struct_ref_seq.pdbx_strand_id                A 
_struct_ref_seq.seq_align_beg                 1 
_struct_ref_seq.pdbx_seq_align_beg_ins_code   ? 
_struct_ref_seq.seq_align_end                 107 
_struct_ref_seq.pdbx_seq_align_end_ins_code   ? 
_struct_ref_seq.pdbx_db_accession             Q8ZRJ2 
_struct_ref_seq.db_align_beg                  1 
_struct_ref_seq.pdbx_db_align_beg_ins_code    ? 
_struct_ref_seq.db_align_end                  107 
_struct_ref_seq.pdbx_db_align_end_ins_code    ? 
_struct_ref_seq.pdbx_auth_seq_align_beg       1 
_struct_ref_seq.pdbx_auth_seq_align_end       107 
# 
loop_
_struct_ref_seq_dif.align_id 
_struct_ref_seq_dif.pdbx_pdb_id_code 
_struct_ref_seq_dif.mon_id 
_struct_ref_seq_dif.pdbx_pdb_strand_id 
_struct_ref_seq_dif.seq_num 
_struct_ref_seq_dif.pdbx_pdb_ins_code 
_struct_ref_seq_dif.pdbx_seq_db_name 
_struct_ref_seq_dif.pdbx_seq_db_accession_code 
_struct_ref_seq_dif.db_mon_id 
_struct_ref_seq_dif.pdbx_seq_db_seq_num 
_struct_ref_seq_dif.details 
_struct_ref_seq_dif.pdbx_auth_seq_num 
_struct_ref_seq_dif.pdbx_ordinal 
1 2ES9 MSE A 1   ? UNP Q8ZRJ2 MET 1  'modified residue' 1   1  
1 2ES9 MSE A 9   ? UNP Q8ZRJ2 MET 9  'modified residue' 9   2  
1 2ES9 MSE A 23  ? UNP Q8ZRJ2 MET 23 'modified residue' 23  3  
1 2ES9 MSE A 33  ? UNP Q8ZRJ2 MET 33 'modified residue' 33  4  
1 2ES9 MSE A 99  ? UNP Q8ZRJ2 MET 99 'modified residue' 99  5  
1 2ES9 LEU A 108 ? UNP Q8ZRJ2 ?   ?  'cloning artifact' 108 6  
1 2ES9 GLU A 109 ? UNP Q8ZRJ2 ?   ?  'cloning artifact' 109 7  
1 2ES9 HIS A 110 ? UNP Q8ZRJ2 ?   ?  'expression tag'   110 8  
1 2ES9 HIS A 111 ? UNP Q8ZRJ2 ?   ?  'expression tag'   111 9  
1 2ES9 HIS A 112 ? UNP Q8ZRJ2 ?   ?  'expression tag'   112 10 
1 2ES9 HIS A 113 ? UNP Q8ZRJ2 ?   ?  'expression tag'   113 11 
1 2ES9 HIS A 114 ? UNP Q8ZRJ2 ?   ?  'expression tag'   114 12 
1 2ES9 HIS A 115 ? UNP Q8ZRJ2 ?   ?  'expression tag'   115 13 
# 
_pdbx_struct_assembly.id                   1 
_pdbx_struct_assembly.details              author_defined_assembly 
_pdbx_struct_assembly.method_details       ? 
_pdbx_struct_assembly.oligomeric_details   monomeric 
_pdbx_struct_assembly.oligomeric_count     1 
# 
_pdbx_struct_assembly_gen.assembly_id       1 
_pdbx_struct_assembly_gen.oper_expression   1 
_pdbx_struct_assembly_gen.asym_id_list      A,B 
# 
_pdbx_struct_oper_list.id                   1 
_pdbx_struct_oper_list.type                 'identity operation' 
_pdbx_struct_oper_list.name                 1_555 
_pdbx_struct_oper_list.symmetry_operation   x,y,z 
_pdbx_struct_oper_list.matrix[1][1]         1.0000000000 
_pdbx_struct_oper_list.matrix[1][2]         0.0000000000 
_pdbx_struct_oper_list.matrix[1][3]         0.0000000000 
_pdbx_struct_oper_list.vector[1]            0.0000000000 
_pdbx_struct_oper_list.matrix[2][1]         0.0000000000 
_pdbx_struct_oper_list.matrix[2][2]         1.0000000000 
_pdbx_struct_oper_list.matrix[2][3]         0.0000000000 
_pdbx_struct_oper_list.vector[2]            0.0000000000 
_pdbx_struct_oper_list.matrix[3][1]         0.0000000000 
_pdbx_struct_oper_list.matrix[3][2]         0.0000000000 
_pdbx_struct_oper_list.matrix[3][3]         1.0000000000 
_pdbx_struct_oper_list.vector[3]            0.0000000000 
# 
loop_
_struct_conf.conf_type_id 
_struct_conf.id 
_struct_conf.pdbx_PDB_helix_id 
_struct_conf.beg_label_comp_id 
_struct_conf.beg_label_asym_id 
_struct_conf.beg_label_seq_id 
_struct_conf.pdbx_beg_PDB_ins_code 
_struct_conf.end_label_comp_id 
_struct_conf.end_label_asym_id 
_struct_conf.end_label_seq_id 
_struct_conf.pdbx_end_PDB_ins_code 
_struct_conf.beg_auth_comp_id 
_struct_conf.beg_auth_asym_id 
_struct_conf.beg_auth_seq_id 
_struct_conf.end_auth_comp_id 
_struct_conf.end_auth_asym_id 
_struct_conf.end_auth_seq_id 
_struct_conf.pdbx_PDB_helix_class 
_struct_conf.details 
_struct_conf.pdbx_PDB_helix_length 
HELX_P HELX_P1 1 THR A 11 ? GLY A 22  ? THR A 11 GLY A 22  1 ? 12 
HELX_P HELX_P2 2 HIS A 31 ? LEU A 48  ? HIS A 31 LEU A 48  1 ? 18 
HELX_P HELX_P3 3 SER A 53 ? GLU A 64  ? SER A 53 GLU A 64  1 ? 12 
HELX_P HELX_P4 4 ASN A 67 ? SER A 83  ? ASN A 67 SER A 83  1 ? 17 
HELX_P HELX_P5 5 ASN A 91 ? PHE A 95  ? ASN A 91 PHE A 95  5 ? 5  
HELX_P HELX_P6 6 SER A 96 ? GLU A 109 ? SER A 96 GLU A 109 1 ? 14 
# 
_struct_conf_type.id          HELX_P 
_struct_conf_type.criteria    ? 
_struct_conf_type.reference   ? 
# 
loop_
_struct_conn.id 
_struct_conn.conn_type_id 
_struct_conn.pdbx_leaving_atom_flag 
_struct_conn.pdbx_PDB_id 
_struct_conn.ptnr1_label_asym_id 
_struct_conn.ptnr1_label_comp_id 
_struct_conn.ptnr1_label_seq_id 
_struct_conn.ptnr1_label_atom_id 
_struct_conn.pdbx_ptnr1_label_alt_id 
_struct_conn.pdbx_ptnr1_PDB_ins_code 
_struct_conn.pdbx_ptnr1_standard_comp_id 
_struct_conn.ptnr1_symmetry 
_struct_conn.ptnr2_label_asym_id 
_struct_conn.ptnr2_label_comp_id 
_struct_conn.ptnr2_label_seq_id 
_struct_conn.ptnr2_label_atom_id 
_struct_conn.pdbx_ptnr2_label_alt_id 
_struct_conn.pdbx_ptnr2_PDB_ins_code 
_struct_conn.ptnr1_auth_asym_id 
_struct_conn.ptnr1_auth_comp_id 
_struct_conn.ptnr1_auth_seq_id 
_struct_conn.ptnr2_auth_asym_id 
_struct_conn.ptnr2_auth_comp_id 
_struct_conn.ptnr2_auth_seq_id 
_struct_conn.ptnr2_symmetry 
_struct_conn.pdbx_ptnr3_label_atom_id 
_struct_conn.pdbx_ptnr3_label_seq_id 
_struct_conn.pdbx_ptnr3_label_comp_id 
_struct_conn.pdbx_ptnr3_label_asym_id 
_struct_conn.pdbx_ptnr3_label_alt_id 
_struct_conn.pdbx_ptnr3_PDB_ins_code 
_struct_conn.details 
_struct_conn.pdbx_dist_value 
_struct_conn.pdbx_value_order 
_struct_conn.pdbx_role 
covale1 covale both ? A GLY 22 C ? ? ? 1_555 A MSE 23  N ? ? A GLY 22 A MSE 23  1_555 ? ? ? ? ? ? ? 1.332 ? ? 
covale2 covale both ? A MSE 23 C ? ? ? 1_555 A ASN 24  N ? ? A MSE 23 A ASN 24  1_555 ? ? ? ? ? ? ? 1.326 ? ? 
covale3 covale both ? A SER 32 C ? ? ? 1_555 A MSE 33  N ? ? A SER 32 A MSE 33  1_555 ? ? ? ? ? ? ? 1.334 ? ? 
covale4 covale both ? A MSE 33 C ? ? ? 1_555 A ASP 34  N ? ? A MSE 33 A ASP 34  1_555 ? ? ? ? ? ? ? 1.327 ? ? 
covale5 covale both ? A TYR 98 C ? ? ? 1_555 A MSE 99  N ? ? A TYR 98 A MSE 99  1_555 ? ? ? ? ? ? ? 1.333 ? ? 
covale6 covale both ? A MSE 99 C ? ? ? 1_555 A GLN 100 N ? ? A MSE 99 A GLN 100 1_555 ? ? ? ? ? ? ? 1.326 ? ? 
# 
_struct_conn_type.id          covale 
_struct_conn_type.criteria    ? 
_struct_conn_type.reference   ? 
# 
loop_
_pdbx_modification_feature.ordinal 
_pdbx_modification_feature.label_comp_id 
_pdbx_modification_feature.label_asym_id 
_pdbx_modification_feature.label_seq_id 
_pdbx_modification_feature.label_alt_id 
_pdbx_modification_feature.modified_residue_label_comp_id 
_pdbx_modification_feature.modified_residue_label_asym_id 
_pdbx_modification_feature.modified_residue_label_seq_id 
_pdbx_modification_feature.modified_residue_label_alt_id 
_pdbx_modification_feature.auth_comp_id 
_pdbx_modification_feature.auth_asym_id 
_pdbx_modification_feature.auth_seq_id 
_pdbx_modification_feature.PDB_ins_code 
_pdbx_modification_feature.symmetry 
_pdbx_modification_feature.modified_residue_auth_comp_id 
_pdbx_modification_feature.modified_residue_auth_asym_id 
_pdbx_modification_feature.modified_residue_auth_seq_id 
_pdbx_modification_feature.modified_residue_PDB_ins_code 
_pdbx_modification_feature.modified_residue_symmetry 
_pdbx_modification_feature.comp_id_linking_atom 
_pdbx_modification_feature.modified_residue_id_linking_atom 
_pdbx_modification_feature.modified_residue_id 
_pdbx_modification_feature.ref_pcm_id 
_pdbx_modification_feature.ref_comp_id 
_pdbx_modification_feature.type 
_pdbx_modification_feature.category 
1 MSE A 23 ? . . . . MSE A 23 ? 1_555 . . . . . . . MET 1 MSE Selenomethionine 'Named protein modification' 
2 MSE A 33 ? . . . . MSE A 33 ? 1_555 . . . . . . . MET 1 MSE Selenomethionine 'Named protein modification' 
3 MSE A 99 ? . . . . MSE A 99 ? 1_555 . . . . . . . MET 1 MSE Selenomethionine 'Named protein modification' 
# 
_pdbx_entry_details.entry_id                   2ES9 
_pdbx_entry_details.compound_details           ? 
_pdbx_entry_details.source_details             ? 
_pdbx_entry_details.nonpolymer_details         ? 
_pdbx_entry_details.sequence_details           ? 
_pdbx_entry_details.has_ligand_of_interest     ? 
_pdbx_entry_details.has_protein_modification   Y 
# 
_pdbx_SG_project.id                    1 
_pdbx_SG_project.project_name          'PSI, Protein Structure Initiative' 
_pdbx_SG_project.full_name_of_center   'Northeast Structural Genomics Consortium' 
_pdbx_SG_project.initial_of_center     NESG 
# 
loop_
_pdbx_struct_mod_residue.id 
_pdbx_struct_mod_residue.label_asym_id 
_pdbx_struct_mod_residue.label_comp_id 
_pdbx_struct_mod_residue.label_seq_id 
_pdbx_struct_mod_residue.auth_asym_id 
_pdbx_struct_mod_residue.auth_comp_id 
_pdbx_struct_mod_residue.auth_seq_id 
_pdbx_struct_mod_residue.PDB_ins_code 
_pdbx_struct_mod_residue.parent_comp_id 
_pdbx_struct_mod_residue.details 
1 A MSE 23 A MSE 23 ? MET SELENOMETHIONINE 
2 A MSE 33 A MSE 33 ? MET SELENOMETHIONINE 
3 A MSE 99 A MSE 99 ? MET SELENOMETHIONINE 
# 
loop_
_pdbx_unobs_or_zero_occ_residues.id 
_pdbx_unobs_or_zero_occ_residues.PDB_model_num 
_pdbx_unobs_or_zero_occ_residues.polymer_flag 
_pdbx_unobs_or_zero_occ_residues.occupancy_flag 
_pdbx_unobs_or_zero_occ_residues.auth_asym_id 
_pdbx_unobs_or_zero_occ_residues.auth_comp_id 
_pdbx_unobs_or_zero_occ_residues.auth_seq_id 
_pdbx_unobs_or_zero_occ_residues.PDB_ins_code 
_pdbx_unobs_or_zero_occ_residues.label_asym_id 
_pdbx_unobs_or_zero_occ_residues.label_comp_id 
_pdbx_unobs_or_zero_occ_residues.label_seq_id 
1  1 Y 1 A MSE 1   ? A MSE 1   
2  1 Y 1 A VAL 2   ? A VAL 2   
3  1 Y 1 A ASN 3   ? A ASN 3   
4  1 Y 1 A PHE 4   ? A PHE 4   
5  1 Y 1 A LYS 5   ? A LYS 5   
6  1 Y 1 A ASP 6   ? A ASP 6   
7  1 Y 1 A LYS 7   ? A LYS 7   
8  1 Y 1 A SER 8   ? A SER 8   
9  1 Y 1 A MSE 9   ? A MSE 9   
10 1 Y 1 A PRO 10  ? A PRO 10  
11 1 Y 1 A HIS 111 ? A HIS 111 
12 1 Y 1 A HIS 112 ? A HIS 112 
13 1 Y 1 A HIS 113 ? A HIS 113 
14 1 Y 1 A HIS 114 ? A HIS 114 
15 1 Y 1 A HIS 115 ? A HIS 115 
# 
loop_
_chem_comp_atom.comp_id 
_chem_comp_atom.atom_id 
_chem_comp_atom.type_symbol 
_chem_comp_atom.pdbx_aromatic_flag 
_chem_comp_atom.pdbx_stereo_config 
_chem_comp_atom.pdbx_ordinal 
ALA N    N  N N 1   
ALA CA   C  N S 2   
ALA C    C  N N 3   
ALA O    O  N N 4   
ALA CB   C  N N 5   
ALA OXT  O  N N 6   
ALA H    H  N N 7   
ALA H2   H  N N 8   
ALA HA   H  N N 9   
ALA HB1  H  N N 10  
ALA HB2  H  N N 11  
ALA HB3  H  N N 12  
ALA HXT  H  N N 13  
ARG N    N  N N 14  
ARG CA   C  N S 15  
ARG C    C  N N 16  
ARG O    O  N N 17  
ARG CB   C  N N 18  
ARG CG   C  N N 19  
ARG CD   C  N N 20  
ARG NE   N  N N 21  
ARG CZ   C  N N 22  
ARG NH1  N  N N 23  
ARG NH2  N  N N 24  
ARG OXT  O  N N 25  
ARG H    H  N N 26  
ARG H2   H  N N 27  
ARG HA   H  N N 28  
ARG HB2  H  N N 29  
ARG HB3  H  N N 30  
ARG HG2  H  N N 31  
ARG HG3  H  N N 32  
ARG HD2  H  N N 33  
ARG HD3  H  N N 34  
ARG HE   H  N N 35  
ARG HH11 H  N N 36  
ARG HH12 H  N N 37  
ARG HH21 H  N N 38  
ARG HH22 H  N N 39  
ARG HXT  H  N N 40  
ASN N    N  N N 41  
ASN CA   C  N S 42  
ASN C    C  N N 43  
ASN O    O  N N 44  
ASN CB   C  N N 45  
ASN CG   C  N N 46  
ASN OD1  O  N N 47  
ASN ND2  N  N N 48  
ASN OXT  O  N N 49  
ASN H    H  N N 50  
ASN H2   H  N N 51  
ASN HA   H  N N 52  
ASN HB2  H  N N 53  
ASN HB3  H  N N 54  
ASN HD21 H  N N 55  
ASN HD22 H  N N 56  
ASN HXT  H  N N 57  
ASP N    N  N N 58  
ASP CA   C  N S 59  
ASP C    C  N N 60  
ASP O    O  N N 61  
ASP CB   C  N N 62  
ASP CG   C  N N 63  
ASP OD1  O  N N 64  
ASP OD2  O  N N 65  
ASP OXT  O  N N 66  
ASP H    H  N N 67  
ASP H2   H  N N 68  
ASP HA   H  N N 69  
ASP HB2  H  N N 70  
ASP HB3  H  N N 71  
ASP HD2  H  N N 72  
ASP HXT  H  N N 73  
GLN N    N  N N 74  
GLN CA   C  N S 75  
GLN C    C  N N 76  
GLN O    O  N N 77  
GLN CB   C  N N 78  
GLN CG   C  N N 79  
GLN CD   C  N N 80  
GLN OE1  O  N N 81  
GLN NE2  N  N N 82  
GLN OXT  O  N N 83  
GLN H    H  N N 84  
GLN H2   H  N N 85  
GLN HA   H  N N 86  
GLN HB2  H  N N 87  
GLN HB3  H  N N 88  
GLN HG2  H  N N 89  
GLN HG3  H  N N 90  
GLN HE21 H  N N 91  
GLN HE22 H  N N 92  
GLN HXT  H  N N 93  
GLU N    N  N N 94  
GLU CA   C  N S 95  
GLU C    C  N N 96  
GLU O    O  N N 97  
GLU CB   C  N N 98  
GLU CG   C  N N 99  
GLU CD   C  N N 100 
GLU OE1  O  N N 101 
GLU OE2  O  N N 102 
GLU OXT  O  N N 103 
GLU H    H  N N 104 
GLU H2   H  N N 105 
GLU HA   H  N N 106 
GLU HB2  H  N N 107 
GLU HB3  H  N N 108 
GLU HG2  H  N N 109 
GLU HG3  H  N N 110 
GLU HE2  H  N N 111 
GLU HXT  H  N N 112 
GLY N    N  N N 113 
GLY CA   C  N N 114 
GLY C    C  N N 115 
GLY O    O  N N 116 
GLY OXT  O  N N 117 
GLY H    H  N N 118 
GLY H2   H  N N 119 
GLY HA2  H  N N 120 
GLY HA3  H  N N 121 
GLY HXT  H  N N 122 
HIS N    N  N N 123 
HIS CA   C  N S 124 
HIS C    C  N N 125 
HIS O    O  N N 126 
HIS CB   C  N N 127 
HIS CG   C  Y N 128 
HIS ND1  N  Y N 129 
HIS CD2  C  Y N 130 
HIS CE1  C  Y N 131 
HIS NE2  N  Y N 132 
HIS OXT  O  N N 133 
HIS H    H  N N 134 
HIS H2   H  N N 135 
HIS HA   H  N N 136 
HIS HB2  H  N N 137 
HIS HB3  H  N N 138 
HIS HD1  H  N N 139 
HIS HD2  H  N N 140 
HIS HE1  H  N N 141 
HIS HE2  H  N N 142 
HIS HXT  H  N N 143 
HOH O    O  N N 144 
HOH H1   H  N N 145 
HOH H2   H  N N 146 
ILE N    N  N N 147 
ILE CA   C  N S 148 
ILE C    C  N N 149 
ILE O    O  N N 150 
ILE CB   C  N S 151 
ILE CG1  C  N N 152 
ILE CG2  C  N N 153 
ILE CD1  C  N N 154 
ILE OXT  O  N N 155 
ILE H    H  N N 156 
ILE H2   H  N N 157 
ILE HA   H  N N 158 
ILE HB   H  N N 159 
ILE HG12 H  N N 160 
ILE HG13 H  N N 161 
ILE HG21 H  N N 162 
ILE HG22 H  N N 163 
ILE HG23 H  N N 164 
ILE HD11 H  N N 165 
ILE HD12 H  N N 166 
ILE HD13 H  N N 167 
ILE HXT  H  N N 168 
LEU N    N  N N 169 
LEU CA   C  N S 170 
LEU C    C  N N 171 
LEU O    O  N N 172 
LEU CB   C  N N 173 
LEU CG   C  N N 174 
LEU CD1  C  N N 175 
LEU CD2  C  N N 176 
LEU OXT  O  N N 177 
LEU H    H  N N 178 
LEU H2   H  N N 179 
LEU HA   H  N N 180 
LEU HB2  H  N N 181 
LEU HB3  H  N N 182 
LEU HG   H  N N 183 
LEU HD11 H  N N 184 
LEU HD12 H  N N 185 
LEU HD13 H  N N 186 
LEU HD21 H  N N 187 
LEU HD22 H  N N 188 
LEU HD23 H  N N 189 
LEU HXT  H  N N 190 
LYS N    N  N N 191 
LYS CA   C  N S 192 
LYS C    C  N N 193 
LYS O    O  N N 194 
LYS CB   C  N N 195 
LYS CG   C  N N 196 
LYS CD   C  N N 197 
LYS CE   C  N N 198 
LYS NZ   N  N N 199 
LYS OXT  O  N N 200 
LYS H    H  N N 201 
LYS H2   H  N N 202 
LYS HA   H  N N 203 
LYS HB2  H  N N 204 
LYS HB3  H  N N 205 
LYS HG2  H  N N 206 
LYS HG3  H  N N 207 
LYS HD2  H  N N 208 
LYS HD3  H  N N 209 
LYS HE2  H  N N 210 
LYS HE3  H  N N 211 
LYS HZ1  H  N N 212 
LYS HZ2  H  N N 213 
LYS HZ3  H  N N 214 
LYS HXT  H  N N 215 
MET N    N  N N 216 
MET CA   C  N S 217 
MET C    C  N N 218 
MET O    O  N N 219 
MET CB   C  N N 220 
MET CG   C  N N 221 
MET SD   S  N N 222 
MET CE   C  N N 223 
MET OXT  O  N N 224 
MET H    H  N N 225 
MET H2   H  N N 226 
MET HA   H  N N 227 
MET HB2  H  N N 228 
MET HB3  H  N N 229 
MET HG2  H  N N 230 
MET HG3  H  N N 231 
MET HE1  H  N N 232 
MET HE2  H  N N 233 
MET HE3  H  N N 234 
MET HXT  H  N N 235 
MSE N    N  N N 236 
MSE CA   C  N S 237 
MSE C    C  N N 238 
MSE O    O  N N 239 
MSE OXT  O  N N 240 
MSE CB   C  N N 241 
MSE CG   C  N N 242 
MSE SE   SE N N 243 
MSE CE   C  N N 244 
MSE H    H  N N 245 
MSE H2   H  N N 246 
MSE HA   H  N N 247 
MSE HXT  H  N N 248 
MSE HB2  H  N N 249 
MSE HB3  H  N N 250 
MSE HG2  H  N N 251 
MSE HG3  H  N N 252 
MSE HE1  H  N N 253 
MSE HE2  H  N N 254 
MSE HE3  H  N N 255 
PHE N    N  N N 256 
PHE CA   C  N S 257 
PHE C    C  N N 258 
PHE O    O  N N 259 
PHE CB   C  N N 260 
PHE CG   C  Y N 261 
PHE CD1  C  Y N 262 
PHE CD2  C  Y N 263 
PHE CE1  C  Y N 264 
PHE CE2  C  Y N 265 
PHE CZ   C  Y N 266 
PHE OXT  O  N N 267 
PHE H    H  N N 268 
PHE H2   H  N N 269 
PHE HA   H  N N 270 
PHE HB2  H  N N 271 
PHE HB3  H  N N 272 
PHE HD1  H  N N 273 
PHE HD2  H  N N 274 
PHE HE1  H  N N 275 
PHE HE2  H  N N 276 
PHE HZ   H  N N 277 
PHE HXT  H  N N 278 
PRO N    N  N N 279 
PRO CA   C  N S 280 
PRO C    C  N N 281 
PRO O    O  N N 282 
PRO CB   C  N N 283 
PRO CG   C  N N 284 
PRO CD   C  N N 285 
PRO OXT  O  N N 286 
PRO H    H  N N 287 
PRO HA   H  N N 288 
PRO HB2  H  N N 289 
PRO HB3  H  N N 290 
PRO HG2  H  N N 291 
PRO HG3  H  N N 292 
PRO HD2  H  N N 293 
PRO HD3  H  N N 294 
PRO HXT  H  N N 295 
SER N    N  N N 296 
SER CA   C  N S 297 
SER C    C  N N 298 
SER O    O  N N 299 
SER CB   C  N N 300 
SER OG   O  N N 301 
SER OXT  O  N N 302 
SER H    H  N N 303 
SER H2   H  N N 304 
SER HA   H  N N 305 
SER HB2  H  N N 306 
SER HB3  H  N N 307 
SER HG   H  N N 308 
SER HXT  H  N N 309 
THR N    N  N N 310 
THR CA   C  N S 311 
THR C    C  N N 312 
THR O    O  N N 313 
THR CB   C  N R 314 
THR OG1  O  N N 315 
THR CG2  C  N N 316 
THR OXT  O  N N 317 
THR H    H  N N 318 
THR H2   H  N N 319 
THR HA   H  N N 320 
THR HB   H  N N 321 
THR HG1  H  N N 322 
THR HG21 H  N N 323 
THR HG22 H  N N 324 
THR HG23 H  N N 325 
THR HXT  H  N N 326 
TRP N    N  N N 327 
TRP CA   C  N S 328 
TRP C    C  N N 329 
TRP O    O  N N 330 
TRP CB   C  N N 331 
TRP CG   C  Y N 332 
TRP CD1  C  Y N 333 
TRP CD2  C  Y N 334 
TRP NE1  N  Y N 335 
TRP CE2  C  Y N 336 
TRP CE3  C  Y N 337 
TRP CZ2  C  Y N 338 
TRP CZ3  C  Y N 339 
TRP CH2  C  Y N 340 
TRP OXT  O  N N 341 
TRP H    H  N N 342 
TRP H2   H  N N 343 
TRP HA   H  N N 344 
TRP HB2  H  N N 345 
TRP HB3  H  N N 346 
TRP HD1  H  N N 347 
TRP HE1  H  N N 348 
TRP HE3  H  N N 349 
TRP HZ2  H  N N 350 
TRP HZ3  H  N N 351 
TRP HH2  H  N N 352 
TRP HXT  H  N N 353 
TYR N    N  N N 354 
TYR CA   C  N S 355 
TYR C    C  N N 356 
TYR O    O  N N 357 
TYR CB   C  N N 358 
TYR CG   C  Y N 359 
TYR CD1  C  Y N 360 
TYR CD2  C  Y N 361 
TYR CE1  C  Y N 362 
TYR CE2  C  Y N 363 
TYR CZ   C  Y N 364 
TYR OH   O  N N 365 
TYR OXT  O  N N 366 
TYR H    H  N N 367 
TYR H2   H  N N 368 
TYR HA   H  N N 369 
TYR HB2  H  N N 370 
TYR HB3  H  N N 371 
TYR HD1  H  N N 372 
TYR HD2  H  N N 373 
TYR HE1  H  N N 374 
TYR HE2  H  N N 375 
TYR HH   H  N N 376 
TYR HXT  H  N N 377 
VAL N    N  N N 378 
VAL CA   C  N S 379 
VAL C    C  N N 380 
VAL O    O  N N 381 
VAL CB   C  N N 382 
VAL CG1  C  N N 383 
VAL CG2  C  N N 384 
VAL OXT  O  N N 385 
VAL H    H  N N 386 
VAL H2   H  N N 387 
VAL HA   H  N N 388 
VAL HB   H  N N 389 
VAL HG11 H  N N 390 
VAL HG12 H  N N 391 
VAL HG13 H  N N 392 
VAL HG21 H  N N 393 
VAL HG22 H  N N 394 
VAL HG23 H  N N 395 
VAL HXT  H  N N 396 
# 
loop_
_chem_comp_bond.comp_id 
_chem_comp_bond.atom_id_1 
_chem_comp_bond.atom_id_2 
_chem_comp_bond.value_order 
_chem_comp_bond.pdbx_aromatic_flag 
_chem_comp_bond.pdbx_stereo_config 
_chem_comp_bond.pdbx_ordinal 
ALA N   CA   sing N N 1   
ALA N   H    sing N N 2   
ALA N   H2   sing N N 3   
ALA CA  C    sing N N 4   
ALA CA  CB   sing N N 5   
ALA CA  HA   sing N N 6   
ALA C   O    doub N N 7   
ALA C   OXT  sing N N 8   
ALA CB  HB1  sing N N 9   
ALA CB  HB2  sing N N 10  
ALA CB  HB3  sing N N 11  
ALA OXT HXT  sing N N 12  
ARG N   CA   sing N N 13  
ARG N   H    sing N N 14  
ARG N   H2   sing N N 15  
ARG CA  C    sing N N 16  
ARG CA  CB   sing N N 17  
ARG CA  HA   sing N N 18  
ARG C   O    doub N N 19  
ARG C   OXT  sing N N 20  
ARG CB  CG   sing N N 21  
ARG CB  HB2  sing N N 22  
ARG CB  HB3  sing N N 23  
ARG CG  CD   sing N N 24  
ARG CG  HG2  sing N N 25  
ARG CG  HG3  sing N N 26  
ARG CD  NE   sing N N 27  
ARG CD  HD2  sing N N 28  
ARG CD  HD3  sing N N 29  
ARG NE  CZ   sing N N 30  
ARG NE  HE   sing N N 31  
ARG CZ  NH1  sing N N 32  
ARG CZ  NH2  doub N N 33  
ARG NH1 HH11 sing N N 34  
ARG NH1 HH12 sing N N 35  
ARG NH2 HH21 sing N N 36  
ARG NH2 HH22 sing N N 37  
ARG OXT HXT  sing N N 38  
ASN N   CA   sing N N 39  
ASN N   H    sing N N 40  
ASN N   H2   sing N N 41  
ASN CA  C    sing N N 42  
ASN CA  CB   sing N N 43  
ASN CA  HA   sing N N 44  
ASN C   O    doub N N 45  
ASN C   OXT  sing N N 46  
ASN CB  CG   sing N N 47  
ASN CB  HB2  sing N N 48  
ASN CB  HB3  sing N N 49  
ASN CG  OD1  doub N N 50  
ASN CG  ND2  sing N N 51  
ASN ND2 HD21 sing N N 52  
ASN ND2 HD22 sing N N 53  
ASN OXT HXT  sing N N 54  
ASP N   CA   sing N N 55  
ASP N   H    sing N N 56  
ASP N   H2   sing N N 57  
ASP CA  C    sing N N 58  
ASP CA  CB   sing N N 59  
ASP CA  HA   sing N N 60  
ASP C   O    doub N N 61  
ASP C   OXT  sing N N 62  
ASP CB  CG   sing N N 63  
ASP CB  HB2  sing N N 64  
ASP CB  HB3  sing N N 65  
ASP CG  OD1  doub N N 66  
ASP CG  OD2  sing N N 67  
ASP OD2 HD2  sing N N 68  
ASP OXT HXT  sing N N 69  
GLN N   CA   sing N N 70  
GLN N   H    sing N N 71  
GLN N   H2   sing N N 72  
GLN CA  C    sing N N 73  
GLN CA  CB   sing N N 74  
GLN CA  HA   sing N N 75  
GLN C   O    doub N N 76  
GLN C   OXT  sing N N 77  
GLN CB  CG   sing N N 78  
GLN CB  HB2  sing N N 79  
GLN CB  HB3  sing N N 80  
GLN CG  CD   sing N N 81  
GLN CG  HG2  sing N N 82  
GLN CG  HG3  sing N N 83  
GLN CD  OE1  doub N N 84  
GLN CD  NE2  sing N N 85  
GLN NE2 HE21 sing N N 86  
GLN NE2 HE22 sing N N 87  
GLN OXT HXT  sing N N 88  
GLU N   CA   sing N N 89  
GLU N   H    sing N N 90  
GLU N   H2   sing N N 91  
GLU CA  C    sing N N 92  
GLU CA  CB   sing N N 93  
GLU CA  HA   sing N N 94  
GLU C   O    doub N N 95  
GLU C   OXT  sing N N 96  
GLU CB  CG   sing N N 97  
GLU CB  HB2  sing N N 98  
GLU CB  HB3  sing N N 99  
GLU CG  CD   sing N N 100 
GLU CG  HG2  sing N N 101 
GLU CG  HG3  sing N N 102 
GLU CD  OE1  doub N N 103 
GLU CD  OE2  sing N N 104 
GLU OE2 HE2  sing N N 105 
GLU OXT HXT  sing N N 106 
GLY N   CA   sing N N 107 
GLY N   H    sing N N 108 
GLY N   H2   sing N N 109 
GLY CA  C    sing N N 110 
GLY CA  HA2  sing N N 111 
GLY CA  HA3  sing N N 112 
GLY C   O    doub N N 113 
GLY C   OXT  sing N N 114 
GLY OXT HXT  sing N N 115 
HIS N   CA   sing N N 116 
HIS N   H    sing N N 117 
HIS N   H2   sing N N 118 
HIS CA  C    sing N N 119 
HIS CA  CB   sing N N 120 
HIS CA  HA   sing N N 121 
HIS C   O    doub N N 122 
HIS C   OXT  sing N N 123 
HIS CB  CG   sing N N 124 
HIS CB  HB2  sing N N 125 
HIS CB  HB3  sing N N 126 
HIS CG  ND1  sing Y N 127 
HIS CG  CD2  doub Y N 128 
HIS ND1 CE1  doub Y N 129 
HIS ND1 HD1  sing N N 130 
HIS CD2 NE2  sing Y N 131 
HIS CD2 HD2  sing N N 132 
HIS CE1 NE2  sing Y N 133 
HIS CE1 HE1  sing N N 134 
HIS NE2 HE2  sing N N 135 
HIS OXT HXT  sing N N 136 
HOH O   H1   sing N N 137 
HOH O   H2   sing N N 138 
ILE N   CA   sing N N 139 
ILE N   H    sing N N 140 
ILE N   H2   sing N N 141 
ILE CA  C    sing N N 142 
ILE CA  CB   sing N N 143 
ILE CA  HA   sing N N 144 
ILE C   O    doub N N 145 
ILE C   OXT  sing N N 146 
ILE CB  CG1  sing N N 147 
ILE CB  CG2  sing N N 148 
ILE CB  HB   sing N N 149 
ILE CG1 CD1  sing N N 150 
ILE CG1 HG12 sing N N 151 
ILE CG1 HG13 sing N N 152 
ILE CG2 HG21 sing N N 153 
ILE CG2 HG22 sing N N 154 
ILE CG2 HG23 sing N N 155 
ILE CD1 HD11 sing N N 156 
ILE CD1 HD12 sing N N 157 
ILE CD1 HD13 sing N N 158 
ILE OXT HXT  sing N N 159 
LEU N   CA   sing N N 160 
LEU N   H    sing N N 161 
LEU N   H2   sing N N 162 
LEU CA  C    sing N N 163 
LEU CA  CB   sing N N 164 
LEU CA  HA   sing N N 165 
LEU C   O    doub N N 166 
LEU C   OXT  sing N N 167 
LEU CB  CG   sing N N 168 
LEU CB  HB2  sing N N 169 
LEU CB  HB3  sing N N 170 
LEU CG  CD1  sing N N 171 
LEU CG  CD2  sing N N 172 
LEU CG  HG   sing N N 173 
LEU CD1 HD11 sing N N 174 
LEU CD1 HD12 sing N N 175 
LEU CD1 HD13 sing N N 176 
LEU CD2 HD21 sing N N 177 
LEU CD2 HD22 sing N N 178 
LEU CD2 HD23 sing N N 179 
LEU OXT HXT  sing N N 180 
LYS N   CA   sing N N 181 
LYS N   H    sing N N 182 
LYS N   H2   sing N N 183 
LYS CA  C    sing N N 184 
LYS CA  CB   sing N N 185 
LYS CA  HA   sing N N 186 
LYS C   O    doub N N 187 
LYS C   OXT  sing N N 188 
LYS CB  CG   sing N N 189 
LYS CB  HB2  sing N N 190 
LYS CB  HB3  sing N N 191 
LYS CG  CD   sing N N 192 
LYS CG  HG2  sing N N 193 
LYS CG  HG3  sing N N 194 
LYS CD  CE   sing N N 195 
LYS CD  HD2  sing N N 196 
LYS CD  HD3  sing N N 197 
LYS CE  NZ   sing N N 198 
LYS CE  HE2  sing N N 199 
LYS CE  HE3  sing N N 200 
LYS NZ  HZ1  sing N N 201 
LYS NZ  HZ2  sing N N 202 
LYS NZ  HZ3  sing N N 203 
LYS OXT HXT  sing N N 204 
MET N   CA   sing N N 205 
MET N   H    sing N N 206 
MET N   H2   sing N N 207 
MET CA  C    sing N N 208 
MET CA  CB   sing N N 209 
MET CA  HA   sing N N 210 
MET C   O    doub N N 211 
MET C   OXT  sing N N 212 
MET CB  CG   sing N N 213 
MET CB  HB2  sing N N 214 
MET CB  HB3  sing N N 215 
MET CG  SD   sing N N 216 
MET CG  HG2  sing N N 217 
MET CG  HG3  sing N N 218 
MET SD  CE   sing N N 219 
MET CE  HE1  sing N N 220 
MET CE  HE2  sing N N 221 
MET CE  HE3  sing N N 222 
MET OXT HXT  sing N N 223 
MSE N   CA   sing N N 224 
MSE N   H    sing N N 225 
MSE N   H2   sing N N 226 
MSE CA  C    sing N N 227 
MSE CA  CB   sing N N 228 
MSE CA  HA   sing N N 229 
MSE C   O    doub N N 230 
MSE C   OXT  sing N N 231 
MSE OXT HXT  sing N N 232 
MSE CB  CG   sing N N 233 
MSE CB  HB2  sing N N 234 
MSE CB  HB3  sing N N 235 
MSE CG  SE   sing N N 236 
MSE CG  HG2  sing N N 237 
MSE CG  HG3  sing N N 238 
MSE SE  CE   sing N N 239 
MSE CE  HE1  sing N N 240 
MSE CE  HE2  sing N N 241 
MSE CE  HE3  sing N N 242 
PHE N   CA   sing N N 243 
PHE N   H    sing N N 244 
PHE N   H2   sing N N 245 
PHE CA  C    sing N N 246 
PHE CA  CB   sing N N 247 
PHE CA  HA   sing N N 248 
PHE C   O    doub N N 249 
PHE C   OXT  sing N N 250 
PHE CB  CG   sing N N 251 
PHE CB  HB2  sing N N 252 
PHE CB  HB3  sing N N 253 
PHE CG  CD1  doub Y N 254 
PHE CG  CD2  sing Y N 255 
PHE CD1 CE1  sing Y N 256 
PHE CD1 HD1  sing N N 257 
PHE CD2 CE2  doub Y N 258 
PHE CD2 HD2  sing N N 259 
PHE CE1 CZ   doub Y N 260 
PHE CE1 HE1  sing N N 261 
PHE CE2 CZ   sing Y N 262 
PHE CE2 HE2  sing N N 263 
PHE CZ  HZ   sing N N 264 
PHE OXT HXT  sing N N 265 
PRO N   CA   sing N N 266 
PRO N   CD   sing N N 267 
PRO N   H    sing N N 268 
PRO CA  C    sing N N 269 
PRO CA  CB   sing N N 270 
PRO CA  HA   sing N N 271 
PRO C   O    doub N N 272 
PRO C   OXT  sing N N 273 
PRO CB  CG   sing N N 274 
PRO CB  HB2  sing N N 275 
PRO CB  HB3  sing N N 276 
PRO CG  CD   sing N N 277 
PRO CG  HG2  sing N N 278 
PRO CG  HG3  sing N N 279 
PRO CD  HD2  sing N N 280 
PRO CD  HD3  sing N N 281 
PRO OXT HXT  sing N N 282 
SER N   CA   sing N N 283 
SER N   H    sing N N 284 
SER N   H2   sing N N 285 
SER CA  C    sing N N 286 
SER CA  CB   sing N N 287 
SER CA  HA   sing N N 288 
SER C   O    doub N N 289 
SER C   OXT  sing N N 290 
SER CB  OG   sing N N 291 
SER CB  HB2  sing N N 292 
SER CB  HB3  sing N N 293 
SER OG  HG   sing N N 294 
SER OXT HXT  sing N N 295 
THR N   CA   sing N N 296 
THR N   H    sing N N 297 
THR N   H2   sing N N 298 
THR CA  C    sing N N 299 
THR CA  CB   sing N N 300 
THR CA  HA   sing N N 301 
THR C   O    doub N N 302 
THR C   OXT  sing N N 303 
THR CB  OG1  sing N N 304 
THR CB  CG2  sing N N 305 
THR CB  HB   sing N N 306 
THR OG1 HG1  sing N N 307 
THR CG2 HG21 sing N N 308 
THR CG2 HG22 sing N N 309 
THR CG2 HG23 sing N N 310 
THR OXT HXT  sing N N 311 
TRP N   CA   sing N N 312 
TRP N   H    sing N N 313 
TRP N   H2   sing N N 314 
TRP CA  C    sing N N 315 
TRP CA  CB   sing N N 316 
TRP CA  HA   sing N N 317 
TRP C   O    doub N N 318 
TRP C   OXT  sing N N 319 
TRP CB  CG   sing N N 320 
TRP CB  HB2  sing N N 321 
TRP CB  HB3  sing N N 322 
TRP CG  CD1  doub Y N 323 
TRP CG  CD2  sing Y N 324 
TRP CD1 NE1  sing Y N 325 
TRP CD1 HD1  sing N N 326 
TRP CD2 CE2  doub Y N 327 
TRP CD2 CE3  sing Y N 328 
TRP NE1 CE2  sing Y N 329 
TRP NE1 HE1  sing N N 330 
TRP CE2 CZ2  sing Y N 331 
TRP CE3 CZ3  doub Y N 332 
TRP CE3 HE3  sing N N 333 
TRP CZ2 CH2  doub Y N 334 
TRP CZ2 HZ2  sing N N 335 
TRP CZ3 CH2  sing Y N 336 
TRP CZ3 HZ3  sing N N 337 
TRP CH2 HH2  sing N N 338 
TRP OXT HXT  sing N N 339 
TYR N   CA   sing N N 340 
TYR N   H    sing N N 341 
TYR N   H2   sing N N 342 
TYR CA  C    sing N N 343 
TYR CA  CB   sing N N 344 
TYR CA  HA   sing N N 345 
TYR C   O    doub N N 346 
TYR C   OXT  sing N N 347 
TYR CB  CG   sing N N 348 
TYR CB  HB2  sing N N 349 
TYR CB  HB3  sing N N 350 
TYR CG  CD1  doub Y N 351 
TYR CG  CD2  sing Y N 352 
TYR CD1 CE1  sing Y N 353 
TYR CD1 HD1  sing N N 354 
TYR CD2 CE2  doub Y N 355 
TYR CD2 HD2  sing N N 356 
TYR CE1 CZ   doub Y N 357 
TYR CE1 HE1  sing N N 358 
TYR CE2 CZ   sing Y N 359 
TYR CE2 HE2  sing N N 360 
TYR CZ  OH   sing N N 361 
TYR OH  HH   sing N N 362 
TYR OXT HXT  sing N N 363 
VAL N   CA   sing N N 364 
VAL N   H    sing N N 365 
VAL N   H2   sing N N 366 
VAL CA  C    sing N N 367 
VAL CA  CB   sing N N 368 
VAL CA  HA   sing N N 369 
VAL C   O    doub N N 370 
VAL C   OXT  sing N N 371 
VAL CB  CG1  sing N N 372 
VAL CB  CG2  sing N N 373 
VAL CB  HB   sing N N 374 
VAL CG1 HG11 sing N N 375 
VAL CG1 HG12 sing N N 376 
VAL CG1 HG13 sing N N 377 
VAL CG2 HG21 sing N N 378 
VAL CG2 HG22 sing N N 379 
VAL CG2 HG23 sing N N 380 
VAL OXT HXT  sing N N 381 
# 
_atom_sites.entry_id                    2ES9 
_atom_sites.fract_transf_matrix[1][1]   -0.00129398 
_atom_sites.fract_transf_matrix[1][2]   -0.00109975 
_atom_sites.fract_transf_matrix[1][3]   0.01120606 
_atom_sites.fract_transf_matrix[2][1]   -0.00333566 
_atom_sites.fract_transf_matrix[2][2]   0.01081093 
_atom_sites.fract_transf_matrix[2][3]   0.00067580 
_atom_sites.fract_transf_matrix[3][1]   -0.01075447 
_atom_sites.fract_transf_matrix[3][2]   -0.00322085 
_atom_sites.fract_transf_matrix[3][3]   -0.00155792 
_atom_sites.fract_transf_vector[1]      0.624684 
_atom_sites.fract_transf_vector[2]      0.639112 
_atom_sites.fract_transf_vector[3]      0.389832 
# 
loop_
_atom_type.symbol 
C  
N  
O  
SE 
# 
loop_
_atom_site.group_PDB 
_atom_site.id 
_atom_site.type_symbol 
_atom_site.label_atom_id 
_atom_site.label_alt_id 
_atom_site.label_comp_id 
_atom_site.label_asym_id 
_atom_site.label_entity_id 
_atom_site.label_seq_id 
_atom_site.pdbx_PDB_ins_code 
_atom_site.Cartn_x 
_atom_site.Cartn_y 
_atom_site.Cartn_z 
_atom_site.occupancy 
_atom_site.B_iso_or_equiv 
_atom_site.pdbx_formal_charge 
_atom_site.auth_seq_id 
_atom_site.auth_comp_id 
_atom_site.auth_asym_id 
_atom_site.auth_atom_id 
_atom_site.pdbx_PDB_model_num 
ATOM   1   N  N   . THR A 1 11  ? 2.607   14.217  2.571   1.00 36.03  ? 11  THR A N   1 
ATOM   2   C  CA  . THR A 1 11  ? 1.187   13.771  2.601   1.00 36.18  ? 11  THR A CA  1 
ATOM   3   C  C   . THR A 1 11  ? 1.065   12.277  2.937   1.00 35.87  ? 11  THR A C   1 
ATOM   4   O  O   . THR A 1 11  ? 2.041   11.529  2.863   1.00 36.09  ? 11  THR A O   1 
ATOM   5   C  CB  . THR A 1 11  ? 0.474   14.071  1.255   1.00 37.02  ? 11  THR A CB  1 
ATOM   6   O  OG1 . THR A 1 11  ? -0.941  14.093  1.461   1.00 40.62  ? 11  THR A OG1 1 
ATOM   7   C  CG2 . THR A 1 11  ? 0.790   13.011  0.211   1.00 33.59  ? 11  THR A CG2 1 
ATOM   8   N  N   . ALA A 1 12  ? -0.145  11.853  3.297   1.00 35.15  ? 12  ALA A N   1 
ATOM   9   C  CA  . ALA A 1 12  ? -0.418  10.458  3.647   1.00 33.86  ? 12  ALA A CA  1 
ATOM   10  C  C   . ALA A 1 12  ? -0.096  9.493   2.511   1.00 32.85  ? 12  ALA A C   1 
ATOM   11  O  O   . ALA A 1 12  ? 0.473   8.427   2.740   1.00 30.52  ? 12  ALA A O   1 
ATOM   12  C  CB  . ALA A 1 12  ? -1.867  10.299  4.076   1.00 31.95  ? 12  ALA A CB  1 
ATOM   13  N  N   . ILE A 1 13  ? -0.442  9.879   1.286   1.00 33.40  ? 13  ILE A N   1 
ATOM   14  C  CA  . ILE A 1 13  ? -0.182  9.048   0.110   1.00 34.01  ? 13  ILE A CA  1 
ATOM   15  C  C   . ILE A 1 13  ? 1.322   8.863   -0.123  1.00 36.23  ? 13  ILE A C   1 
ATOM   16  O  O   . ILE A 1 13  ? 1.779   7.757   -0.429  1.00 36.10  ? 13  ILE A O   1 
ATOM   17  C  CB  . ILE A 1 13  ? -0.849  9.647   -1.155  1.00 35.41  ? 13  ILE A CB  1 
ATOM   18  C  CG1 . ILE A 1 13  ? -2.371  9.671   -0.972  1.00 35.37  ? 13  ILE A CG1 1 
ATOM   19  C  CG2 . ILE A 1 13  ? -0.463  8.848   -2.398  1.00 33.37  ? 13  ILE A CG2 1 
ATOM   20  C  CD1 . ILE A 1 13  ? -3.126  10.544  -1.972  1.00 36.32  ? 13  ILE A CD1 1 
ATOM   21  N  N   . GLU A 1 14  ? 2.090   9.939   0.043   1.00 37.00  ? 14  GLU A N   1 
ATOM   22  C  CA  . GLU A 1 14  ? 3.539   9.877   -0.143  1.00 39.57  ? 14  GLU A CA  1 
ATOM   23  C  C   . GLU A 1 14  ? 4.172   8.964   0.903   1.00 38.12  ? 14  GLU A C   1 
ATOM   24  O  O   . GLU A 1 14  ? 5.028   8.147   0.579   1.00 37.79  ? 14  GLU A O   1 
ATOM   25  C  CB  . GLU A 1 14  ? 4.164   11.270  -0.042  1.00 41.54  ? 14  GLU A CB  1 
ATOM   26  C  CG  . GLU A 1 14  ? 3.764   12.247  -1.141  1.00 44.11  ? 14  GLU A CG  1 
ATOM   27  C  CD  . GLU A 1 14  ? 4.270   13.663  -0.878  1.00 47.09  ? 14  GLU A CD  1 
ATOM   28  O  OE1 . GLU A 1 14  ? 4.321   14.085  0.303   1.00 48.42  ? 14  GLU A OE1 1 
ATOM   29  O  OE2 . GLU A 1 14  ? 4.617   14.359  -1.853  1.00 48.60  ? 14  GLU A OE2 1 
ATOM   30  N  N   . LYS A 1 15  ? 3.739   9.100   2.156   1.00 38.77  ? 15  LYS A N   1 
ATOM   31  C  CA  . LYS A 1 15  ? 4.268   8.279   3.238   1.00 37.82  ? 15  LYS A CA  1 
ATOM   32  C  C   . LYS A 1 15  ? 3.901   6.816   3.012   1.00 37.46  ? 15  LYS A C   1 
ATOM   33  O  O   . LYS A 1 15  ? 4.703   5.925   3.271   1.00 38.02  ? 15  LYS A O   1 
ATOM   34  C  CB  . LYS A 1 15  ? 3.753   8.760   4.596   1.00 39.49  ? 15  LYS A CB  1 
ATOM   35  C  CG  . LYS A 1 15  ? 4.563   8.239   5.783   1.00 43.10  ? 15  LYS A CG  1 
ATOM   36  C  CD  . LYS A 1 15  ? 6.027   8.658   5.662   1.00 46.10  ? 15  LYS A CD  1 
ATOM   37  C  CE  . LYS A 1 15  ? 6.911   7.886   6.618   1.00 49.23  ? 15  LYS A CE  1 
ATOM   38  N  NZ  . LYS A 1 15  ? 8.359   8.108   6.352   1.00 50.59  ? 15  LYS A NZ  1 
ATOM   39  N  N   . ALA A 1 16  ? 2.694   6.581   2.505   1.00 37.45  ? 16  ALA A N   1 
ATOM   40  C  CA  . ALA A 1 16  ? 2.228   5.231   2.216   1.00 37.13  ? 16  ALA A CA  1 
ATOM   41  C  C   . ALA A 1 16  ? 3.159   4.595   1.191   1.00 37.80  ? 16  ALA A C   1 
ATOM   42  O  O   . ALA A 1 16  ? 3.584   3.451   1.355   1.00 38.68  ? 16  ALA A O   1 
ATOM   43  C  CB  . ALA A 1 16  ? 0.810   5.277   1.681   1.00 36.54  ? 16  ALA A CB  1 
ATOM   44  N  N   . LEU A 1 17  ? 3.488   5.351   0.147   1.00 37.35  ? 17  LEU A N   1 
ATOM   45  C  CA  . LEU A 1 17  ? 4.382   4.866   -0.907  1.00 39.04  ? 17  LEU A CA  1 
ATOM   46  C  C   . LEU A 1 17  ? 5.793   4.631   -0.374  1.00 38.74  ? 17  LEU A C   1 
ATOM   47  O  O   . LEU A 1 17  ? 6.526   3.801   -0.905  1.00 39.14  ? 17  LEU A O   1 
ATOM   48  C  CB  . LEU A 1 17  ? 4.422   5.851   -2.076  1.00 38.98  ? 17  LEU A CB  1 
ATOM   49  C  CG  . LEU A 1 17  ? 3.130   5.999   -2.879  1.00 40.18  ? 17  LEU A CG  1 
ATOM   50  C  CD1 . LEU A 1 17  ? 3.261   7.165   -3.835  1.00 39.27  ? 17  LEU A CD1 1 
ATOM   51  C  CD2 . LEU A 1 17  ? 2.822   4.709   -3.618  1.00 39.03  ? 17  LEU A CD2 1 
ATOM   52  N  N   . ASP A 1 18  ? 6.179   5.387   0.650   1.00 40.99  ? 18  ASP A N   1 
ATOM   53  C  CA  . ASP A 1 18  ? 7.491   5.224   1.271   1.00 41.26  ? 18  ASP A CA  1 
ATOM   54  C  C   . ASP A 1 18  ? 7.527   3.865   1.961   1.00 41.61  ? 18  ASP A C   1 
ATOM   55  O  O   . ASP A 1 18  ? 8.448   3.078   1.742   1.00 42.42  ? 18  ASP A O   1 
ATOM   56  C  CB  . ASP A 1 18  ? 7.764   6.327   2.299   1.00 42.65  ? 18  ASP A CB  1 
ATOM   57  C  CG  . ASP A 1 18  ? 8.045   7.674   1.659   1.00 43.64  ? 18  ASP A CG  1 
ATOM   58  O  OD1 . ASP A 1 18  ? 8.838   7.735   0.696   1.00 45.08  ? 18  ASP A OD1 1 
ATOM   59  O  OD2 . ASP A 1 18  ? 7.472   8.677   2.124   1.00 46.81  ? 18  ASP A OD2 1 
ATOM   60  N  N   . PHE A 1 19  ? 6.509   3.589   2.776   1.00 39.47  ? 19  PHE A N   1 
ATOM   61  C  CA  . PHE A 1 19  ? 6.408   2.317   3.492   1.00 39.00  ? 19  PHE A CA  1 
ATOM   62  C  C   . PHE A 1 19  ? 6.567   1.148   2.527   1.00 38.19  ? 19  PHE A C   1 
ATOM   63  O  O   . PHE A 1 19  ? 7.331   0.218   2.779   1.00 38.78  ? 19  PHE A O   1 
ATOM   64  C  CB  . PHE A 1 19  ? 5.042   2.180   4.182   1.00 38.99  ? 19  PHE A CB  1 
ATOM   65  C  CG  . PHE A 1 19  ? 4.814   3.147   5.311   1.00 39.13  ? 19  PHE A CG  1 
ATOM   66  C  CD1 . PHE A 1 19  ? 3.542   3.299   5.849   1.00 40.82  ? 19  PHE A CD1 1 
ATOM   67  C  CD2 . PHE A 1 19  ? 5.857   3.895   5.847   1.00 40.23  ? 19  PHE A CD2 1 
ATOM   68  C  CE1 . PHE A 1 19  ? 3.310   4.178   6.904   1.00 41.15  ? 19  PHE A CE1 1 
ATOM   69  C  CE2 . PHE A 1 19  ? 5.638   4.775   6.899   1.00 41.44  ? 19  PHE A CE2 1 
ATOM   70  C  CZ  . PHE A 1 19  ? 4.363   4.919   7.428   1.00 41.10  ? 19  PHE A CZ  1 
ATOM   71  N  N   . ILE A 1 20  ? 5.831   1.200   1.422   1.00 37.88  ? 20  ILE A N   1 
ATOM   72  C  CA  . ILE A 1 20  ? 5.877   0.147   0.417   1.00 37.17  ? 20  ILE A CA  1 
ATOM   73  C  C   . ILE A 1 20  ? 7.275   0.058   -0.193  1.00 37.97  ? 20  ILE A C   1 
ATOM   74  O  O   . ILE A 1 20  ? 7.768   -1.034  -0.488  1.00 36.06  ? 20  ILE A O   1 
ATOM   75  C  CB  . ILE A 1 20  ? 4.836   0.407   -0.694  1.00 38.25  ? 20  ILE A CB  1 
ATOM   76  C  CG1 . ILE A 1 20  ? 3.429   0.446   -0.087  1.00 39.17  ? 20  ILE A CG1 1 
ATOM   77  C  CG2 . ILE A 1 20  ? 4.924   -0.673  -1.768  1.00 36.72  ? 20  ILE A CG2 1 
ATOM   78  C  CD1 . ILE A 1 20  ? 2.919   -0.836  0.629   1.00 36.32  ? 20  ILE A CD1 1 
ATOM   79  N  N   . GLY A 1 21  ? 7.906   1.218   -0.356  1.00 39.98  ? 21  GLY A N   1 
ATOM   80  C  CA  . GLY A 1 21  ? 9.242   1.281   -0.922  1.00 40.63  ? 21  GLY A CA  1 
ATOM   81  C  C   . GLY A 1 21  ? 10.300  0.696   -0.005  1.00 41.14  ? 21  GLY A C   1 
ATOM   82  O  O   . GLY A 1 21  ? 11.385  0.329   -0.457  1.00 41.36  ? 21  GLY A O   1 
ATOM   83  N  N   . GLY A 1 22  ? 9.990   0.629   1.290   1.00 41.11  ? 22  GLY A N   1 
ATOM   84  C  CA  . GLY A 1 22  ? 10.919  0.073   2.257   1.00 39.30  ? 22  GLY A CA  1 
ATOM   85  C  C   . GLY A 1 22  ? 10.793  -1.435  2.396   1.00 39.26  ? 22  GLY A C   1 
ATOM   86  O  O   . GLY A 1 22  ? 11.495  -2.051  3.200   1.00 38.14  ? 22  GLY A O   1 
HETATM 87  N  N   . MSE A 1 23  ? 9.872   -2.024  1.636   1.00 36.90  ? 23  MSE A N   1 
HETATM 88  C  CA  . MSE A 1 23  ? 9.641   -3.467  1.659   1.00 37.69  ? 23  MSE A CA  1 
HETATM 89  C  C   . MSE A 1 23  ? 10.606  -4.143  0.684   1.00 36.86  ? 23  MSE A C   1 
HETATM 90  O  O   . MSE A 1 23  ? 11.469  -3.484  0.109   1.00 37.03  ? 23  MSE A O   1 
HETATM 91  C  CB  . MSE A 1 23  ? 8.193   -3.767  1.263   1.00 39.89  ? 23  MSE A CB  1 
HETATM 92  C  CG  . MSE A 1 23  ? 7.170   -3.045  2.122   1.00 43.32  ? 23  MSE A CG  1 
HETATM 93  SE SE  . MSE A 1 23  ? 5.304   -3.380  1.677   1.00 47.42  ? 23  MSE A SE  1 
HETATM 94  C  CE  . MSE A 1 23  ? 5.514   -4.616  0.219   1.00 48.71  ? 23  MSE A CE  1 
ATOM   95  N  N   . ASN A 1 24  ? 10.490  -5.453  0.516   1.00 37.60  ? 24  ASN A N   1 
ATOM   96  C  CA  . ASN A 1 24  ? 11.372  -6.144  -0.414  1.00 38.76  ? 24  ASN A CA  1 
ATOM   97  C  C   . ASN A 1 24  ? 10.820  -5.968  -1.829  1.00 37.09  ? 24  ASN A C   1 
ATOM   98  O  O   . ASN A 1 24  ? 10.271  -6.897  -2.435  1.00 35.27  ? 24  ASN A O   1 
ATOM   99  C  CB  . ASN A 1 24  ? 11.511  -7.625  -0.062  1.00 39.82  ? 24  ASN A CB  1 
ATOM   100 C  CG  . ASN A 1 24  ? 12.784  -8.236  -0.629  1.00 44.94  ? 24  ASN A CG  1 
ATOM   101 O  OD1 . ASN A 1 24  ? 13.209  -9.311  -0.206  1.00 46.66  ? 24  ASN A OD1 1 
ATOM   102 N  ND2 . ASN A 1 24  ? 13.416  -7.535  -1.575  1.00 44.40  ? 24  ASN A ND2 1 
ATOM   103 N  N   . THR A 1 25  ? 10.969  -4.747  -2.328  1.00 38.63  ? 25  THR A N   1 
ATOM   104 C  CA  . THR A 1 25  ? 10.505  -4.353  -3.650  1.00 40.26  ? 25  THR A CA  1 
ATOM   105 C  C   . THR A 1 25  ? 11.146  -5.161  -4.778  1.00 40.55  ? 25  THR A C   1 
ATOM   106 O  O   . THR A 1 25  ? 10.587  -5.274  -5.870  1.00 40.06  ? 25  THR A O   1 
ATOM   107 C  CB  . THR A 1 25  ? 10.775  -2.854  -3.882  1.00 41.74  ? 25  THR A CB  1 
ATOM   108 O  OG1 . THR A 1 25  ? 12.176  -2.586  -3.733  1.00 41.18  ? 25  THR A OG1 1 
ATOM   109 C  CG2 . THR A 1 25  ? 10.008  -2.013  -2.860  1.00 41.29  ? 25  THR A CG2 1 
ATOM   110 N  N   . SER A 1 26  ? 12.304  -5.752  -4.495  1.00 40.83  ? 26  SER A N   1 
ATOM   111 C  CA  . SER A 1 26  ? 13.025  -6.545  -5.484  1.00 40.48  ? 26  SER A CA  1 
ATOM   112 C  C   . SER A 1 26  ? 12.385  -7.901  -5.761  1.00 41.17  ? 26  SER A C   1 
ATOM   113 O  O   . SER A 1 26  ? 12.634  -8.496  -6.802  1.00 40.03  ? 26  SER A O   1 
ATOM   114 C  CB  . SER A 1 26  ? 14.477  -6.735  -5.051  1.00 40.51  ? 26  SER A CB  1 
ATOM   115 O  OG  . SER A 1 26  ? 15.116  -5.482  -4.891  1.00 42.34  ? 26  SER A OG  1 
ATOM   116 N  N   . ALA A 1 27  ? 11.565  -8.385  -4.831  1.00 41.00  ? 27  ALA A N   1 
ATOM   117 C  CA  . ALA A 1 27  ? 10.913  -9.680  -5.002  1.00 44.61  ? 27  ALA A CA  1 
ATOM   118 C  C   . ALA A 1 27  ? 9.802   -9.650  -6.051  1.00 46.32  ? 27  ALA A C   1 
ATOM   119 O  O   . ALA A 1 27  ? 9.010   -8.705  -6.106  1.00 46.95  ? 27  ALA A O   1 
ATOM   120 C  CB  . ALA A 1 27  ? 10.361  -10.179 -3.673  1.00 43.70  ? 27  ALA A CB  1 
ATOM   121 N  N   . SER A 1 28  ? 9.755   -10.688 -6.882  1.00 48.14  ? 28  SER A N   1 
ATOM   122 C  CA  . SER A 1 28  ? 8.737   -10.800 -7.921  1.00 49.25  ? 28  SER A CA  1 
ATOM   123 C  C   . SER A 1 28  ? 7.390   -11.084 -7.272  1.00 49.30  ? 28  SER A C   1 
ATOM   124 O  O   . SER A 1 28  ? 6.353   -10.582 -7.710  1.00 49.26  ? 28  SER A O   1 
ATOM   125 C  CB  . SER A 1 28  ? 9.100   -11.915 -8.901  1.00 51.05  ? 28  SER A CB  1 
ATOM   126 O  OG  . SER A 1 28  ? 10.303  -11.609 -9.579  1.00 50.97  ? 28  SER A OG  1 
ATOM   127 N  N   . VAL A 1 29  ? 7.422   -11.913 -6.235  1.00 47.86  ? 29  VAL A N   1 
ATOM   128 C  CA  . VAL A 1 29  ? 6.225   -12.259 -5.486  1.00 48.07  ? 29  VAL A CA  1 
ATOM   129 C  C   . VAL A 1 29  ? 6.464   -11.752 -4.070  1.00 46.64  ? 29  VAL A C   1 
ATOM   130 O  O   . VAL A 1 29  ? 7.368   -12.221 -3.375  1.00 46.51  ? 29  VAL A O   1 
ATOM   131 C  CB  . VAL A 1 29  ? 5.977   -13.781 -5.468  1.00 48.42  ? 29  VAL A CB  1 
ATOM   132 C  CG1 . VAL A 1 29  ? 4.721   -14.101 -4.671  1.00 49.70  ? 29  VAL A CG1 1 
ATOM   133 C  CG2 . VAL A 1 29  ? 5.840   -14.297 -6.890  1.00 49.75  ? 29  VAL A CG2 1 
ATOM   134 N  N   . PRO A 1 30  ? 5.690   -10.738 -3.650  1.00 45.00  ? 30  PRO A N   1 
ATOM   135 C  CA  . PRO A 1 30  ? 5.818   -10.152 -2.314  1.00 44.16  ? 30  PRO A CA  1 
ATOM   136 C  C   . PRO A 1 30  ? 5.724   -11.180 -1.186  1.00 42.60  ? 30  PRO A C   1 
ATOM   137 O  O   . PRO A 1 30  ? 4.969   -12.152 -1.271  1.00 41.87  ? 30  PRO A O   1 
ATOM   138 C  CB  . PRO A 1 30  ? 4.654   -9.158  -2.269  1.00 43.02  ? 30  PRO A CB  1 
ATOM   139 C  CG  . PRO A 1 30  ? 4.511   -8.744  -3.692  1.00 43.56  ? 30  PRO A CG  1 
ATOM   140 C  CD  . PRO A 1 30  ? 4.631   -10.061 -4.418  1.00 44.36  ? 30  PRO A CD  1 
ATOM   141 N  N   . HIS A 1 31  ? 6.547   -10.986 -0.162  1.00 43.32  ? 31  HIS A N   1 
ATOM   142 C  CA  . HIS A 1 31  ? 6.552   -11.865 1.004   1.00 44.82  ? 31  HIS A CA  1 
ATOM   143 C  C   . HIS A 1 31  ? 5.256   -11.640 1.772   1.00 43.98  ? 31  HIS A C   1 
ATOM   144 O  O   . HIS A 1 31  ? 4.691   -10.547 1.718   1.00 44.15  ? 31  HIS A O   1 
ATOM   145 C  CB  . HIS A 1 31  ? 7.741   -11.542 1.910   1.00 47.30  ? 31  HIS A CB  1 
ATOM   146 C  CG  . HIS A 1 31  ? 9.071   -11.854 1.298   1.00 48.82  ? 31  HIS A CG  1 
ATOM   147 N  ND1 . HIS A 1 31  ? 10.224  -11.185 1.645   1.00 50.23  ? 31  HIS A ND1 1 
ATOM   148 C  CD2 . HIS A 1 31  ? 9.429   -12.759 0.357   1.00 50.68  ? 31  HIS A CD2 1 
ATOM   149 C  CE1 . HIS A 1 31  ? 11.235  -11.663 0.943   1.00 50.76  ? 31  HIS A CE1 1 
ATOM   150 N  NE2 . HIS A 1 31  ? 10.780  -12.619 0.154   1.00 50.32  ? 31  HIS A NE2 1 
ATOM   151 N  N   . SER A 1 32  ? 4.800   -12.663 2.491   1.00 43.80  ? 32  SER A N   1 
ATOM   152 C  CA  . SER A 1 32  ? 3.559   -12.574 3.263   1.00 42.80  ? 32  SER A CA  1 
ATOM   153 C  C   . SER A 1 32  ? 3.403   -11.320 4.128   1.00 41.25  ? 32  SER A C   1 
ATOM   154 O  O   . SER A 1 32  ? 2.342   -10.700 4.114   1.00 40.31  ? 32  SER A O   1 
ATOM   155 C  CB  . SER A 1 32  ? 3.357   -13.829 4.116   1.00 45.12  ? 32  SER A CB  1 
ATOM   156 O  OG  . SER A 1 32  ? 2.883   -14.911 3.331   1.00 46.48  ? 32  SER A OG  1 
HETATM 157 N  N   . MSE A 1 33  ? 4.438   -10.941 4.880   1.00 39.38  ? 33  MSE A N   1 
HETATM 158 C  CA  . MSE A 1 33  ? 4.337   -9.745  5.724   1.00 39.45  ? 33  MSE A CA  1 
HETATM 159 C  C   . MSE A 1 33  ? 4.114   -8.511  4.880   1.00 36.47  ? 33  MSE A C   1 
HETATM 160 O  O   . MSE A 1 33  ? 3.257   -7.681  5.185   1.00 33.85  ? 33  MSE A O   1 
HETATM 161 C  CB  . MSE A 1 33  ? 5.587   -9.534  6.580   1.00 41.00  ? 33  MSE A CB  1 
HETATM 162 C  CG  . MSE A 1 33  ? 5.632   -10.388 7.812   1.00 43.45  ? 33  MSE A CG  1 
HETATM 163 SE SE  . MSE A 1 33  ? 6.975   -9.807  9.060   1.00 46.93  ? 33  MSE A SE  1 
HETATM 164 C  CE  . MSE A 1 33  ? 8.545   -10.214 7.999   1.00 44.90  ? 33  MSE A CE  1 
ATOM   165 N  N   . ASP A 1 34  ? 4.903   -8.409  3.817   1.00 35.91  ? 34  ASP A N   1 
ATOM   166 C  CA  . ASP A 1 34  ? 4.835   -7.295  2.888   1.00 34.61  ? 34  ASP A CA  1 
ATOM   167 C  C   . ASP A 1 34  ? 3.453   -7.220  2.238   1.00 32.86  ? 34  ASP A C   1 
ATOM   168 O  O   . ASP A 1 34  ? 2.901   -6.138  2.094   1.00 32.04  ? 34  ASP A O   1 
ATOM   169 C  CB  . ASP A 1 34  ? 5.922   -7.441  1.814   1.00 37.64  ? 34  ASP A CB  1 
ATOM   170 C  CG  . ASP A 1 34  ? 7.342   -7.233  2.358   1.00 41.02  ? 34  ASP A CG  1 
ATOM   171 O  OD1 . ASP A 1 34  ? 7.521   -6.511  3.365   1.00 41.23  ? 34  ASP A OD1 1 
ATOM   172 O  OD2 . ASP A 1 34  ? 8.292   -7.772  1.747   1.00 41.84  ? 34  ASP A OD2 1 
ATOM   173 N  N   . GLU A 1 35  ? 2.899   -8.371  1.855   1.00 30.96  ? 35  GLU A N   1 
ATOM   174 C  CA  . GLU A 1 35  ? 1.578   -8.404  1.238   1.00 32.06  ? 35  GLU A CA  1 
ATOM   175 C  C   . GLU A 1 35  ? 0.525   -7.902  2.225   1.00 31.99  ? 35  GLU A C   1 
ATOM   176 O  O   . GLU A 1 35  ? -0.215  -6.960  1.934   1.00 29.15  ? 35  GLU A O   1 
ATOM   177 C  CB  . GLU A 1 35  ? 1.216   -9.818  0.779   1.00 33.05  ? 35  GLU A CB  1 
ATOM   178 C  CG  . GLU A 1 35  ? -0.195  -9.920  0.202   1.00 35.20  ? 35  GLU A CG  1 
ATOM   179 C  CD  . GLU A 1 35  ? -0.557  -11.306 -0.314  1.00 37.33  ? 35  GLU A CD  1 
ATOM   180 O  OE1 . GLU A 1 35  ? 0.345   -12.047 -0.756  1.00 37.49  ? 35  GLU A OE1 1 
ATOM   181 O  OE2 . GLU A 1 35  ? -1.761  -11.650 -0.298  1.00 38.29  ? 35  GLU A OE2 1 
ATOM   182 N  N   . SER A 1 36  ? 0.494   -8.513  3.406   1.00 31.52  ? 36  SER A N   1 
ATOM   183 C  CA  . SER A 1 36  ? -0.463  -8.135  4.450   1.00 29.68  ? 36  SER A CA  1 
ATOM   184 C  C   . SER A 1 36  ? -0.355  -6.661  4.828   1.00 28.12  ? 36  SER A C   1 
ATOM   185 O  O   . SER A 1 36  ? -1.365  -5.990  5.023   1.00 26.91  ? 36  SER A O   1 
ATOM   186 C  CB  . SER A 1 36  ? -0.278  -9.019  5.691   1.00 30.45  ? 36  SER A CB  1 
ATOM   187 O  OG  . SER A 1 36  ? -0.838  -10.310 5.485   1.00 32.35  ? 36  SER A OG  1 
ATOM   188 N  N   . THR A 1 37  ? 0.872   -6.154  4.880   1.00 26.88  ? 37  THR A N   1 
ATOM   189 C  CA  . THR A 1 37  ? 1.132   -4.767  5.234   1.00 26.75  ? 37  THR A CA  1 
ATOM   190 C  C   . THR A 1 37  ? 0.758   -3.806  4.102   1.00 27.07  ? 37  THR A C   1 
ATOM   191 O  O   . THR A 1 37  ? 0.179   -2.746  4.351   1.00 26.31  ? 37  THR A O   1 
ATOM   192 C  CB  . THR A 1 37  ? 2.610   -4.572  5.630   1.00 28.31  ? 37  THR A CB  1 
ATOM   193 O  OG1 . THR A 1 37  ? 2.881   -5.323  6.818   1.00 30.05  ? 37  THR A OG1 1 
ATOM   194 C  CG2 . THR A 1 37  ? 2.917   -3.129  5.889   1.00 27.62  ? 37  THR A CG2 1 
ATOM   195 N  N   . ALA A 1 38  ? 1.067   -4.189  2.862   1.00 24.94  ? 38  ALA A N   1 
ATOM   196 C  CA  . ALA A 1 38  ? 0.758   -3.356  1.701   1.00 25.33  ? 38  ALA A CA  1 
ATOM   197 C  C   . ALA A 1 38  ? -0.760  -3.254  1.557   1.00 22.62  ? 38  ALA A C   1 
ATOM   198 O  O   . ALA A 1 38  ? -1.292  -2.174  1.372   1.00 24.02  ? 38  ALA A O   1 
ATOM   199 C  CB  . ALA A 1 38  ? 1.381   -3.945  0.435   1.00 24.93  ? 38  ALA A CB  1 
ATOM   200 N  N   . LYS A 1 39  ? -1.448  -4.384  1.666   1.00 23.29  ? 39  LYS A N   1 
ATOM   201 C  CA  . LYS A 1 39  ? -2.900  -4.416  1.569   1.00 23.36  ? 39  LYS A CA  1 
ATOM   202 C  C   . LYS A 1 39  ? -3.529  -3.595  2.697   1.00 24.67  ? 39  LYS A C   1 
ATOM   203 O  O   . LYS A 1 39  ? -4.525  -2.887  2.497   1.00 21.55  ? 39  LYS A O   1 
ATOM   204 C  CB  . LYS A 1 39  ? -3.407  -5.853  1.647   1.00 23.45  ? 39  LYS A CB  1 
ATOM   205 C  CG  . LYS A 1 39  ? -3.083  -6.710  0.433   1.00 25.56  ? 39  LYS A CG  1 
ATOM   206 C  CD  . LYS A 1 39  ? -3.727  -8.081  0.600   1.00 24.73  ? 39  LYS A CD  1 
ATOM   207 C  CE  . LYS A 1 39  ? -3.644  -8.917  -0.667  1.00 28.33  ? 39  LYS A CE  1 
ATOM   208 N  NZ  . LYS A 1 39  ? -4.305  -10.231 -0.453  1.00 26.37  ? 39  LYS A NZ  1 
ATOM   209 N  N   . GLY A 1 40  ? -2.937  -3.695  3.885   1.00 22.71  ? 40  GLY A N   1 
ATOM   210 C  CA  . GLY A 1 40  ? -3.436  -2.953  5.026   1.00 22.44  ? 40  GLY A CA  1 
ATOM   211 C  C   . GLY A 1 40  ? -3.356  -1.465  4.775   1.00 22.02  ? 40  GLY A C   1 
ATOM   212 O  O   . GLY A 1 40  ? -4.319  -0.735  5.000   1.00 22.71  ? 40  GLY A O   1 
ATOM   213 N  N   . ILE A 1 41  ? -2.206  -1.018  4.278   1.00 21.48  ? 41  ILE A N   1 
ATOM   214 C  CA  . ILE A 1 41  ? -1.988  0.388   3.977   1.00 22.36  ? 41  ILE A CA  1 
ATOM   215 C  C   . ILE A 1 41  ? -3.020  0.900   2.966   1.00 22.31  ? 41  ILE A C   1 
ATOM   216 O  O   . ILE A 1 41  ? -3.620  1.950   3.170   1.00 24.70  ? 41  ILE A O   1 
ATOM   217 C  CB  . ILE A 1 41  ? -0.580  0.614   3.394   1.00 24.22  ? 41  ILE A CB  1 
ATOM   218 C  CG1 . ILE A 1 41  ? 0.490   0.277   4.440   1.00 26.27  ? 41  ILE A CG1 1 
ATOM   219 C  CG2 . ILE A 1 41  ? -0.424  2.053   2.906   1.00 24.26  ? 41  ILE A CG2 1 
ATOM   220 C  CD1 . ILE A 1 41  ? 1.904   0.115   3.886   1.00 36.32  ? 41  ILE A CD1 1 
ATOM   221 N  N   . LEU A 1 42  ? -3.219  0.144   1.894   1.00 20.92  ? 42  LEU A N   1 
ATOM   222 C  CA  . LEU A 1 42  ? -4.160  0.517   0.834   1.00 21.41  ? 42  LEU A CA  1 
ATOM   223 C  C   . LEU A 1 42  ? -5.607  0.579   1.317   1.00 21.83  ? 42  LEU A C   1 
ATOM   224 O  O   . LEU A 1 42  ? -6.317  1.547   1.043   1.00 22.15  ? 42  LEU A O   1 
ATOM   225 C  CB  . LEU A 1 42  ? -4.063  -0.465  -0.325  1.00 19.01  ? 42  LEU A CB  1 
ATOM   226 C  CG  . LEU A 1 42  ? -2.720  -0.594  -1.042  1.00 21.41  ? 42  LEU A CG  1 
ATOM   227 C  CD1 . LEU A 1 42  ? -2.839  -1.691  -2.065  1.00 21.11  ? 42  LEU A CD1 1 
ATOM   228 C  CD2 . LEU A 1 42  ? -2.316  0.729   -1.694  1.00 20.22  ? 42  LEU A CD2 1 
ATOM   229 N  N   . LYS A 1 43  ? -6.042  -0.461  2.022   1.00 21.47  ? 43  LYS A N   1 
ATOM   230 C  CA  . LYS A 1 43  ? -7.399  -0.504  2.554   1.00 20.36  ? 43  LYS A CA  1 
ATOM   231 C  C   . LYS A 1 43  ? -7.623  0.614   3.559   1.00 21.49  ? 43  LYS A C   1 
ATOM   232 O  O   . LYS A 1 43  ? -8.685  1.244   3.565   1.00 20.95  ? 43  LYS A O   1 
ATOM   233 C  CB  . LYS A 1 43  ? -7.680  -1.849  3.237   1.00 20.23  ? 43  LYS A CB  1 
ATOM   234 C  CG  . LYS A 1 43  ? -9.045  -1.911  3.954   1.00 17.21  ? 43  LYS A CG  1 
ATOM   235 C  CD  . LYS A 1 43  ? -9.225  -3.208  4.728   1.00 20.18  ? 43  LYS A CD  1 
ATOM   236 C  CE  . LYS A 1 43  ? -10.678 -3.427  5.159   1.00 23.57  ? 43  LYS A CE  1 
ATOM   237 N  NZ  . LYS A 1 43  ? -11.208 -2.362  6.066   1.00 29.99  ? 43  LYS A NZ  1 
ATOM   238 N  N   . TYR A 1 44  ? -6.641  0.841   4.426   1.00 21.76  ? 44  TYR A N   1 
ATOM   239 C  CA  . TYR A 1 44  ? -6.786  1.870   5.452   1.00 21.45  ? 44  TYR A CA  1 
ATOM   240 C  C   . TYR A 1 44  ? -6.973  3.270   4.882   1.00 22.76  ? 44  TYR A C   1 
ATOM   241 O  O   . TYR A 1 44  ? -7.868  3.990   5.311   1.00 24.23  ? 44  TYR A O   1 
ATOM   242 C  CB  . TYR A 1 44  ? -5.609  1.873   6.434   1.00 20.63  ? 44  TYR A CB  1 
ATOM   243 C  CG  . TYR A 1 44  ? -5.810  2.841   7.591   1.00 18.30  ? 44  TYR A CG  1 
ATOM   244 C  CD1 . TYR A 1 44  ? -6.817  2.634   8.529   1.00 22.70  ? 44  TYR A CD1 1 
ATOM   245 C  CD2 . TYR A 1 44  ? -5.022  3.979   7.722   1.00 21.07  ? 44  TYR A CD2 1 
ATOM   246 C  CE1 . TYR A 1 44  ? -7.048  3.544   9.567   1.00 21.21  ? 44  TYR A CE1 1 
ATOM   247 C  CE2 . TYR A 1 44  ? -5.236  4.890   8.758   1.00 23.34  ? 44  TYR A CE2 1 
ATOM   248 C  CZ  . TYR A 1 44  ? -6.256  4.669   9.672   1.00 22.84  ? 44  TYR A CZ  1 
ATOM   249 O  OH  . TYR A 1 44  ? -6.499  5.584   10.673  1.00 25.31  ? 44  TYR A OH  1 
ATOM   250 N  N   . LEU A 1 45  ? -6.122  3.642   3.935   1.00 21.75  ? 45  LEU A N   1 
ATOM   251 C  CA  . LEU A 1 45  ? -6.191  4.961   3.315   1.00 24.74  ? 45  LEU A CA  1 
ATOM   252 C  C   . LEU A 1 45  ? -7.465  5.145   2.501   1.00 23.82  ? 45  LEU A C   1 
ATOM   253 O  O   . LEU A 1 45  ? -8.055  6.229   2.488   1.00 26.16  ? 45  LEU A O   1 
ATOM   254 C  CB  . LEU A 1 45  ? -4.955  5.219   2.457   1.00 24.35  ? 45  LEU A CB  1 
ATOM   255 C  CG  . LEU A 1 45  ? -3.701  5.553   3.267   1.00 26.95  ? 45  LEU A CG  1 
ATOM   256 C  CD1 . LEU A 1 45  ? -2.622  6.067   2.326   1.00 26.16  ? 45  LEU A CD1 1 
ATOM   257 C  CD2 . LEU A 1 45  ? -4.004  6.606   4.335   1.00 29.54  ? 45  LEU A CD2 1 
ATOM   258 N  N   . HIS A 1 46  ? -7.902  4.077   1.848   1.00 23.26  ? 46  HIS A N   1 
ATOM   259 C  CA  . HIS A 1 46  ? -9.134  4.124   1.079   1.00 25.76  ? 46  HIS A CA  1 
ATOM   260 C  C   . HIS A 1 46  ? -10.299 4.376   2.047   1.00 25.36  ? 46  HIS A C   1 
ATOM   261 O  O   . HIS A 1 46  ? -11.154 5.206   1.768   1.00 24.06  ? 46  HIS A O   1 
ATOM   262 C  CB  . HIS A 1 46  ? -9.355  2.820   0.313   1.00 24.12  ? 46  HIS A CB  1 
ATOM   263 C  CG  . HIS A 1 46  ? -10.479 2.890   -0.670  1.00 24.74  ? 46  HIS A CG  1 
ATOM   264 N  ND1 . HIS A 1 46  ? -11.798 2.713   -0.311  1.00 24.36  ? 46  HIS A ND1 1 
ATOM   265 C  CD2 . HIS A 1 46  ? -10.485 3.151   -1.999  1.00 26.26  ? 46  HIS A CD2 1 
ATOM   266 C  CE1 . HIS A 1 46  ? -12.567 2.858   -1.375  1.00 23.92  ? 46  HIS A CE1 1 
ATOM   267 N  NE2 . HIS A 1 46  ? -11.795 3.126   -2.411  1.00 27.17  ? 46  HIS A NE2 1 
ATOM   268 N  N   . ASP A 1 47  ? -10.281 3.718   3.212   1.00 26.32  ? 47  ASP A N   1 
ATOM   269 C  CA  . ASP A 1 47  ? -11.343 3.898   4.219   1.00 26.67  ? 47  ASP A CA  1 
ATOM   270 C  C   . ASP A 1 47  ? -11.312 5.319   4.781   1.00 27.32  ? 47  ASP A C   1 
ATOM   271 O  O   . ASP A 1 47  ? -12.332 5.845   5.211   1.00 27.21  ? 47  ASP A O   1 
ATOM   272 C  CB  . ASP A 1 47  ? -11.189 2.922   5.395   1.00 31.96  ? 47  ASP A CB  1 
ATOM   273 C  CG  . ASP A 1 47  ? -11.375 1.458   5.004   1.00 33.22  ? 47  ASP A CG  1 
ATOM   274 O  OD1 . ASP A 1 47  ? -12.009 1.164   3.971   1.00 34.91  ? 47  ASP A OD1 1 
ATOM   275 O  OD2 . ASP A 1 47  ? -10.876 0.596   5.762   1.00 35.80  ? 47  ASP A OD2 1 
ATOM   276 N  N   . LEU A 1 48  ? -10.134 5.930   4.796   1.00 28.13  ? 48  LEU A N   1 
ATOM   277 C  CA  . LEU A 1 48  ? -9.997  7.287   5.310   1.00 28.93  ? 48  LEU A CA  1 
ATOM   278 C  C   . LEU A 1 48  ? -10.376 8.356   4.292   1.00 29.26  ? 48  LEU A C   1 
ATOM   279 O  O   . LEU A 1 48  ? -10.326 9.549   4.593   1.00 27.57  ? 48  LEU A O   1 
ATOM   280 C  CB  . LEU A 1 48  ? -8.575  7.541   5.813   1.00 31.14  ? 48  LEU A CB  1 
ATOM   281 C  CG  . LEU A 1 48  ? -8.211  7.027   7.205   1.00 33.66  ? 48  LEU A CG  1 
ATOM   282 C  CD1 . LEU A 1 48  ? -6.897  7.671   7.631   1.00 34.20  ? 48  LEU A CD1 1 
ATOM   283 C  CD2 . LEU A 1 48  ? -9.308  7.377   8.201   1.00 35.24  ? 48  LEU A CD2 1 
ATOM   284 N  N   . GLY A 1 49  ? -10.755 7.929   3.094   1.00 29.25  ? 49  GLY A N   1 
ATOM   285 C  CA  . GLY A 1 49  ? -11.141 8.878   2.066   1.00 30.44  ? 49  GLY A CA  1 
ATOM   286 C  C   . GLY A 1 49  ? -9.987  9.386   1.240   1.00 32.05  ? 49  GLY A C   1 
ATOM   287 O  O   . GLY A 1 49  ? -10.133 10.357  0.499   1.00 31.09  ? 49  GLY A O   1 
ATOM   288 N  N   . VAL A 1 50  ? -8.836  8.735   1.370   1.00 32.65  ? 50  VAL A N   1 
ATOM   289 C  CA  . VAL A 1 50  ? -7.654  9.125   0.613   1.00 34.49  ? 50  VAL A CA  1 
ATOM   290 C  C   . VAL A 1 50  ? -7.123  7.882   -0.102  1.00 35.69  ? 50  VAL A C   1 
ATOM   291 O  O   . VAL A 1 50  ? -6.131  7.279   0.311   1.00 37.87  ? 50  VAL A O   1 
ATOM   292 C  CB  . VAL A 1 50  ? -6.566  9.712   1.535   1.00 34.67  ? 50  VAL A CB  1 
ATOM   293 C  CG1 . VAL A 1 50  ? -5.418  10.240  0.709   1.00 37.04  ? 50  VAL A CG1 1 
ATOM   294 C  CG2 . VAL A 1 50  ? -7.146  10.822  2.400   1.00 35.39  ? 50  VAL A CG2 1 
ATOM   295 N  N   . PRO A 1 51  ? -7.786  7.485   -1.191  1.00 35.08  ? 51  PRO A N   1 
ATOM   296 C  CA  . PRO A 1 51  ? -7.370  6.306   -1.948  1.00 34.76  ? 51  PRO A CA  1 
ATOM   297 C  C   . PRO A 1 51  ? -6.017  6.439   -2.637  1.00 34.99  ? 51  PRO A C   1 
ATOM   298 O  O   . PRO A 1 51  ? -5.585  7.534   -3.004  1.00 33.90  ? 51  PRO A O   1 
ATOM   299 C  CB  . PRO A 1 51  ? -8.501  6.146   -2.957  1.00 35.75  ? 51  PRO A CB  1 
ATOM   300 C  CG  . PRO A 1 51  ? -8.909  7.557   -3.231  1.00 36.97  ? 51  PRO A CG  1 
ATOM   301 C  CD  . PRO A 1 51  ? -8.942  8.139   -1.832  1.00 36.34  ? 51  PRO A CD  1 
ATOM   302 N  N   . VAL A 1 52  ? -5.324  5.314   -2.736  1.00 34.75  ? 52  VAL A N   1 
ATOM   303 C  CA  . VAL A 1 52  ? -4.031  5.264   -3.396  1.00 34.80  ? 52  VAL A CA  1 
ATOM   304 C  C   . VAL A 1 52  ? -4.324  4.551   -4.710  1.00 34.72  ? 52  VAL A C   1 
ATOM   305 O  O   . VAL A 1 52  ? -4.557  3.343   -4.737  1.00 34.77  ? 52  VAL A O   1 
ATOM   306 C  CB  . VAL A 1 52  ? -3.001  4.481   -2.544  1.00 35.16  ? 52  VAL A CB  1 
ATOM   307 C  CG1 . VAL A 1 52  ? -1.627  4.486   -3.227  1.00 36.11  ? 52  VAL A CG1 1 
ATOM   308 C  CG2 . VAL A 1 52  ? -2.903  5.110   -1.162  1.00 31.63  ? 52  VAL A CG2 1 
ATOM   309 N  N   . SER A 1 53  ? -4.418  5.332   -5.781  1.00 35.56  ? 53  SER A N   1 
ATOM   310 C  CA  . SER A 1 53  ? -4.719  4.788   -7.101  1.00 35.43  ? 53  SER A CA  1 
ATOM   311 C  C   . SER A 1 53  ? -3.620  3.866   -7.612  1.00 36.12  ? 53  SER A C   1 
ATOM   312 O  O   . SER A 1 53  ? -2.457  4.017   -7.252  1.00 33.71  ? 53  SER A O   1 
ATOM   313 C  CB  . SER A 1 53  ? -4.923  5.928   -8.103  1.00 35.20  ? 53  SER A CB  1 
ATOM   314 O  OG  . SER A 1 53  ? -3.704  6.616   -8.345  1.00 35.15  ? 53  SER A OG  1 
ATOM   315 N  N   . PRO A 1 54  ? -3.984  2.885   -8.452  1.00 35.81  ? 54  PRO A N   1 
ATOM   316 C  CA  . PRO A 1 54  ? -2.983  1.964   -8.992  1.00 39.07  ? 54  PRO A CA  1 
ATOM   317 C  C   . PRO A 1 54  ? -1.922  2.705   -9.821  1.00 40.99  ? 54  PRO A C   1 
ATOM   318 O  O   . PRO A 1 54  ? -0.769  2.282   -9.873  1.00 40.43  ? 54  PRO A O   1 
ATOM   319 C  CB  . PRO A 1 54  ? -3.823  1.023   -9.854  1.00 38.21  ? 54  PRO A CB  1 
ATOM   320 C  CG  . PRO A 1 54  ? -5.111  0.964   -9.112  1.00 37.16  ? 54  PRO A CG  1 
ATOM   321 C  CD  . PRO A 1 54  ? -5.343  2.424   -8.774  1.00 36.69  ? 54  PRO A CD  1 
ATOM   322 N  N   . GLU A 1 55  ? -2.304  3.826   -10.434 1.00 42.03  ? 55  GLU A N   1 
ATOM   323 C  CA  . GLU A 1 55  ? -1.368  4.596   -11.250 1.00 43.19  ? 55  GLU A CA  1 
ATOM   324 C  C   . GLU A 1 55  ? -0.306  5.307   -10.421 1.00 42.69  ? 55  GLU A C   1 
ATOM   325 O  O   . GLU A 1 55  ? 0.841   5.425   -10.854 1.00 41.32  ? 55  GLU A O   1 
ATOM   326 C  CB  . GLU A 1 55  ? -2.089  5.593   -12.183 1.00 44.29  ? 55  GLU A CB  1 
ATOM   327 C  CG  . GLU A 1 55  ? -3.510  5.992   -11.787 1.00 48.12  ? 55  GLU A CG  1 
ATOM   328 C  CD  . GLU A 1 55  ? -4.564  4.956   -12.163 1.00 48.41  ? 55  GLU A CD  1 
ATOM   329 O  OE1 . GLU A 1 55  ? -4.286  4.060   -12.994 1.00 50.33  ? 55  GLU A OE1 1 
ATOM   330 O  OE2 . GLU A 1 55  ? -5.689  5.051   -11.635 1.00 50.54  ? 55  GLU A OE2 1 
ATOM   331 N  N   . VAL A 1 56  ? -0.683  5.788   -9.238  1.00 41.06  ? 56  VAL A N   1 
ATOM   332 C  CA  . VAL A 1 56  ? 0.273   6.455   -8.361  1.00 43.03  ? 56  VAL A CA  1 
ATOM   333 C  C   . VAL A 1 56  ? 1.259   5.395   -7.859  1.00 44.02  ? 56  VAL A C   1 
ATOM   334 O  O   . VAL A 1 56  ? 2.417   5.697   -7.555  1.00 43.73  ? 56  VAL A O   1 
ATOM   335 C  CB  . VAL A 1 56  ? -0.441  7.170   -7.183  1.00 43.71  ? 56  VAL A CB  1 
ATOM   336 C  CG1 . VAL A 1 56  ? 0.530   7.484   -6.067  1.00 44.07  ? 56  VAL A CG1 1 
ATOM   337 C  CG2 . VAL A 1 56  ? -1.073  8.469   -7.678  1.00 43.16  ? 56  VAL A CG2 1 
ATOM   338 N  N   . VAL A 1 57  ? 0.794   4.148   -7.833  1.00 44.95  ? 57  VAL A N   1 
ATOM   339 C  CA  . VAL A 1 57  ? 1.607   3.011   -7.412  1.00 45.92  ? 57  VAL A CA  1 
ATOM   340 C  C   . VAL A 1 57  ? 2.598   2.657   -8.519  1.00 46.97  ? 57  VAL A C   1 
ATOM   341 O  O   . VAL A 1 57  ? 3.795   2.538   -8.268  1.00 47.98  ? 57  VAL A O   1 
ATOM   342 C  CB  . VAL A 1 57  ? 0.734   1.772   -7.113  1.00 45.01  ? 57  VAL A CB  1 
ATOM   343 C  CG1 . VAL A 1 57  ? 1.615   0.557   -6.825  1.00 44.23  ? 57  VAL A CG1 1 
ATOM   344 C  CG2 . VAL A 1 57  ? -0.184  2.047   -5.927  1.00 45.17  ? 57  VAL A CG2 1 
ATOM   345 N  N   . VAL A 1 58  ? 2.092   2.494   -9.740  1.00 47.54  ? 58  VAL A N   1 
ATOM   346 C  CA  . VAL A 1 58  ? 2.936   2.154   -10.886 1.00 48.27  ? 58  VAL A CA  1 
ATOM   347 C  C   . VAL A 1 58  ? 3.983   3.228   -11.142 1.00 48.50  ? 58  VAL A C   1 
ATOM   348 O  O   . VAL A 1 58  ? 5.143   2.917   -11.410 1.00 49.44  ? 58  VAL A O   1 
ATOM   349 C  CB  . VAL A 1 58  ? 2.111   1.940   -12.172 1.00 48.27  ? 58  VAL A CB  1 
ATOM   350 C  CG1 . VAL A 1 58  ? 3.036   1.654   -13.350 1.00 48.30  ? 58  VAL A CG1 1 
ATOM   351 C  CG2 . VAL A 1 58  ? 1.135   0.788   -11.991 1.00 48.09  ? 58  VAL A CG2 1 
ATOM   352 N  N   . ALA A 1 59  ? 3.569   4.488   -11.042 1.00 49.46  ? 59  ALA A N   1 
ATOM   353 C  CA  . ALA A 1 59  ? 4.472   5.613   -11.255 1.00 50.68  ? 59  ALA A CA  1 
ATOM   354 C  C   . ALA A 1 59  ? 5.646   5.504   -10.287 1.00 51.37  ? 59  ALA A C   1 
ATOM   355 O  O   . ALA A 1 59  ? 6.806   5.625   -10.682 1.00 52.55  ? 59  ALA A O   1 
ATOM   356 C  CB  . ALA A 1 59  ? 3.736   6.929   -11.041 1.00 51.49  ? 59  ALA A CB  1 
ATOM   357 N  N   . ARG A 1 60  ? 5.324   5.234   -9.026  1.00 50.74  ? 60  ARG A N   1 
ATOM   358 C  CA  . ARG A 1 60  ? 6.318   5.081   -7.979  1.00 49.87  ? 60  ARG A CA  1 
ATOM   359 C  C   . ARG A 1 60  ? 7.217   3.877   -8.252  1.00 49.99  ? 60  ARG A C   1 
ATOM   360 O  O   . ARG A 1 60  ? 8.434   3.953   -8.086  1.00 48.60  ? 60  ARG A O   1 
ATOM   361 C  CB  . ARG A 1 60  ? 5.619   4.906   -6.633  1.00 49.36  ? 60  ARG A CB  1 
ATOM   362 C  CG  . ARG A 1 60  ? 6.559   4.862   -5.443  1.00 50.30  ? 60  ARG A CG  1 
ATOM   363 C  CD  . ARG A 1 60  ? 7.421   6.096   -5.389  1.00 47.99  ? 60  ARG A CD  1 
ATOM   364 N  NE  . ARG A 1 60  ? 7.952   6.298   -4.051  1.00 52.13  ? 60  ARG A NE  1 
ATOM   365 C  CZ  . ARG A 1 60  ? 7.535   7.248   -3.223  1.00 50.79  ? 60  ARG A CZ  1 
ATOM   366 N  NH1 . ARG A 1 60  ? 6.584   8.092   -3.598  1.00 50.36  ? 60  ARG A NH1 1 
ATOM   367 N  NH2 . ARG A 1 60  ? 8.059   7.346   -2.012  1.00 52.75  ? 60  ARG A NH2 1 
ATOM   368 N  N   . GLY A 1 61  ? 6.600   2.773   -8.669  1.00 51.27  ? 61  GLY A N   1 
ATOM   369 C  CA  . GLY A 1 61  ? 7.340   1.560   -8.967  1.00 54.05  ? 61  GLY A CA  1 
ATOM   370 C  C   . GLY A 1 61  ? 8.363   1.743   -10.073 1.00 56.29  ? 61  GLY A C   1 
ATOM   371 O  O   . GLY A 1 61  ? 9.466   1.201   -9.998  1.00 56.47  ? 61  GLY A O   1 
ATOM   372 N  N   . GLU A 1 62  ? 7.993   2.500   -11.105 1.00 57.34  ? 62  GLU A N   1 
ATOM   373 C  CA  . GLU A 1 62  ? 8.887   2.766   -12.229 1.00 58.96  ? 62  GLU A CA  1 
ATOM   374 C  C   . GLU A 1 62  ? 10.026  3.686   -11.800 1.00 58.62  ? 62  GLU A C   1 
ATOM   375 O  O   . GLU A 1 62  ? 11.188  3.440   -12.125 1.00 59.38  ? 62  GLU A O   1 
ATOM   376 C  CB  . GLU A 1 62  ? 8.116   3.401   -13.393 1.00 60.64  ? 62  GLU A CB  1 
ATOM   377 C  CG  . GLU A 1 62  ? 7.100   2.475   -14.064 1.00 62.99  ? 62  GLU A CG  1 
ATOM   378 C  CD  . GLU A 1 62  ? 6.344   3.143   -15.208 1.00 64.39  ? 62  GLU A CD  1 
ATOM   379 O  OE1 . GLU A 1 62  ? 5.748   4.223   -14.990 1.00 64.38  ? 62  GLU A OE1 1 
ATOM   380 O  OE2 . GLU A 1 62  ? 6.334   2.581   -16.326 1.00 64.23  ? 62  GLU A OE2 1 
ATOM   381 N  N   . GLN A 1 63  ? 9.686   4.728   -11.044 1.00 58.78  ? 63  GLN A N   1 
ATOM   382 C  CA  . GLN A 1 63  ? 10.663  5.699   -10.566 1.00 59.11  ? 63  GLN A CA  1 
ATOM   383 C  C   . GLN A 1 63  ? 11.792  5.055   -9.769  1.00 59.22  ? 63  GLN A C   1 
ATOM   384 O  O   . GLN A 1 63  ? 12.957  5.128   -10.164 1.00 59.26  ? 63  GLN A O   1 
ATOM   385 C  CB  . GLN A 1 63  ? 9.984   6.765   -9.706  1.00 59.85  ? 63  GLN A CB  1 
ATOM   386 C  CG  . GLN A 1 63  ? 10.947  7.829   -9.197  1.00 61.89  ? 63  GLN A CG  1 
ATOM   387 C  CD  . GLN A 1 63  ? 10.381  8.656   -8.060  1.00 62.43  ? 63  GLN A CD  1 
ATOM   388 O  OE1 . GLN A 1 63  ? 9.166   8.714   -7.857  1.00 64.08  ? 63  GLN A OE1 1 
ATOM   389 N  NE2 . GLN A 1 63  ? 11.265  9.303   -7.308  1.00 62.54  ? 63  GLN A NE2 1 
ATOM   390 N  N   . GLU A 1 64  ? 11.444  4.430   -8.646  1.00 58.31  ? 64  GLU A N   1 
ATOM   391 C  CA  . GLU A 1 64  ? 12.432  3.785   -7.783  1.00 57.28  ? 64  GLU A CA  1 
ATOM   392 C  C   . GLU A 1 64  ? 12.967  2.475   -8.359  1.00 56.20  ? 64  GLU A C   1 
ATOM   393 O  O   . GLU A 1 64  ? 13.877  1.863   -7.799  1.00 55.85  ? 64  GLU A O   1 
ATOM   394 C  CB  . GLU A 1 64  ? 11.851  3.560   -6.386  1.00 58.03  ? 64  GLU A CB  1 
ATOM   395 C  CG  . GLU A 1 64  ? 11.489  4.854   -5.666  1.00 61.01  ? 64  GLU A CG  1 
ATOM   396 C  CD  . GLU A 1 64  ? 11.086  4.649   -4.214  1.00 62.65  ? 64  GLU A CD  1 
ATOM   397 O  OE1 . GLU A 1 64  ? 10.519  3.585   -3.885  1.00 63.61  ? 64  GLU A OE1 1 
ATOM   398 O  OE2 . GLU A 1 64  ? 11.335  5.563   -3.398  1.00 64.55  ? 64  GLU A OE2 1 
ATOM   399 N  N   . GLY A 1 65  ? 12.394  2.054   -9.484  1.00 54.82  ? 65  GLY A N   1 
ATOM   400 C  CA  . GLY A 1 65  ? 12.831  0.835   -10.141 1.00 53.17  ? 65  GLY A CA  1 
ATOM   401 C  C   . GLY A 1 65  ? 12.597  -0.460  -9.388  1.00 52.07  ? 65  GLY A C   1 
ATOM   402 O  O   . GLY A 1 65  ? 13.489  -1.308  -9.318  1.00 52.17  ? 65  GLY A O   1 
ATOM   403 N  N   . TRP A 1 66  ? 11.404  -0.621  -8.824  1.00 50.50  ? 66  TRP A N   1 
ATOM   404 C  CA  . TRP A 1 66  ? 11.067  -1.844  -8.103  1.00 48.91  ? 66  TRP A CA  1 
ATOM   405 C  C   . TRP A 1 66  ? 10.972  -2.965  -9.127  1.00 48.61  ? 66  TRP A C   1 
ATOM   406 O  O   . TRP A 1 66  ? 10.968  -2.716  -10.333 1.00 47.91  ? 66  TRP A O   1 
ATOM   407 C  CB  . TRP A 1 66  ? 9.688   -1.729  -7.434  1.00 48.18  ? 66  TRP A CB  1 
ATOM   408 C  CG  . TRP A 1 66  ? 9.522   -0.631  -6.431  1.00 47.28  ? 66  TRP A CG  1 
ATOM   409 C  CD1 . TRP A 1 66  ? 10.504  0.125   -5.864  1.00 46.57  ? 66  TRP A CD1 1 
ATOM   410 C  CD2 . TRP A 1 66  ? 8.283   -0.169  -5.872  1.00 47.56  ? 66  TRP A CD2 1 
ATOM   411 N  NE1 . TRP A 1 66  ? 9.958   1.031   -4.987  1.00 46.96  ? 66  TRP A NE1 1 
ATOM   412 C  CE2 . TRP A 1 66  ? 8.597   0.874   -4.973  1.00 47.45  ? 66  TRP A CE2 1 
ATOM   413 C  CE3 . TRP A 1 66  ? 6.940   -0.535  -6.047  1.00 46.05  ? 66  TRP A CE3 1 
ATOM   414 C  CZ2 . TRP A 1 66  ? 7.614   1.559   -4.248  1.00 45.60  ? 66  TRP A CZ2 1 
ATOM   415 C  CZ3 . TRP A 1 66  ? 5.963   0.146   -5.329  1.00 45.81  ? 66  TRP A CZ3 1 
ATOM   416 C  CH2 . TRP A 1 66  ? 6.307   1.184   -4.438  1.00 46.91  ? 66  TRP A CH2 1 
ATOM   417 N  N   . ASN A 1 67  ? 10.897  -4.201  -8.642  1.00 48.12  ? 67  ASN A N   1 
ATOM   418 C  CA  . ASN A 1 67  ? 10.729  -5.348  -9.521  1.00 49.19  ? 67  ASN A CA  1 
ATOM   419 C  C   . ASN A 1 67  ? 9.349   -5.086  -10.120 1.00 50.74  ? 67  ASN A C   1 
ATOM   420 O  O   . ASN A 1 67  ? 8.365   -4.985  -9.389  1.00 51.34  ? 67  ASN A O   1 
ATOM   421 C  CB  . ASN A 1 67  ? 10.706  -6.633  -8.691  1.00 47.74  ? 67  ASN A CB  1 
ATOM   422 C  CG  . ASN A 1 67  ? 10.470  -7.886  -9.525  1.00 47.77  ? 67  ASN A CG  1 
ATOM   423 O  OD1 . ASN A 1 67  ? 10.959  -8.960  -9.187  1.00 47.48  ? 67  ASN A OD1 1 
ATOM   424 N  ND2 . ASN A 1 67  ? 9.693   -7.763  -10.594 1.00 46.74  ? 67  ASN A ND2 1 
ATOM   425 N  N   . PRO A 1 68  ? 9.269   -4.909  -11.450 1.00 51.13  ? 68  PRO A N   1 
ATOM   426 C  CA  . PRO A 1 68  ? 7.989   -4.646  -12.124 1.00 50.98  ? 68  PRO A CA  1 
ATOM   427 C  C   . PRO A 1 68  ? 6.867   -5.621  -11.762 1.00 50.87  ? 68  PRO A C   1 
ATOM   428 O  O   . PRO A 1 68  ? 5.695   -5.243  -11.736 1.00 50.67  ? 68  PRO A O   1 
ATOM   429 C  CB  . PRO A 1 68  ? 8.363   -4.707  -13.614 1.00 51.72  ? 68  PRO A CB  1 
ATOM   430 C  CG  . PRO A 1 68  ? 9.657   -5.506  -13.633 1.00 51.49  ? 68  PRO A CG  1 
ATOM   431 C  CD  . PRO A 1 68  ? 10.366  -4.984  -12.428 1.00 50.80  ? 68  PRO A CD  1 
ATOM   432 N  N   . GLU A 1 69  ? 7.234   -6.862  -11.450 1.00 49.57  ? 69  GLU A N   1 
ATOM   433 C  CA  . GLU A 1 69  ? 6.266   -7.892  -11.072 1.00 49.79  ? 69  GLU A CA  1 
ATOM   434 C  C   . GLU A 1 69  ? 5.702   -7.574  -9.678  1.00 48.96  ? 69  GLU A C   1 
ATOM   435 O  O   . GLU A 1 69  ? 4.547   -7.880  -9.371  1.00 48.22  ? 69  GLU A O   1 
ATOM   436 C  CB  . GLU A 1 69  ? 6.951   -9.265  -11.069 1.00 51.61  ? 69  GLU A CB  1 
ATOM   437 C  CG  . GLU A 1 69  ? 6.011   -10.467 -11.063 1.00 54.31  ? 69  GLU A CG  1 
ATOM   438 C  CD  . GLU A 1 69  ? 5.286   -10.688 -12.392 1.00 56.98  ? 69  GLU A CD  1 
ATOM   439 O  OE1 . GLU A 1 69  ? 5.656   -10.054 -13.407 1.00 57.46  ? 69  GLU A OE1 1 
ATOM   440 O  OE2 . GLU A 1 69  ? 4.345   -11.512 -12.417 1.00 56.95  ? 69  GLU A OE2 1 
ATOM   441 N  N   . PHE A 1 70  ? 6.535   -6.953  -8.846  1.00 47.43  ? 70  PHE A N   1 
ATOM   442 C  CA  . PHE A 1 70  ? 6.155   -6.557  -7.492  1.00 46.29  ? 70  PHE A CA  1 
ATOM   443 C  C   . PHE A 1 70  ? 5.160   -5.409  -7.591  1.00 46.95  ? 70  PHE A C   1 
ATOM   444 O  O   . PHE A 1 70  ? 4.122   -5.415  -6.930  1.00 47.30  ? 70  PHE A O   1 
ATOM   445 C  CB  . PHE A 1 70  ? 7.393   -6.104  -6.711  1.00 44.13  ? 70  PHE A CB  1 
ATOM   446 C  CG  . PHE A 1 70  ? 7.089   -5.521  -5.359  1.00 40.84  ? 70  PHE A CG  1 
ATOM   447 C  CD1 . PHE A 1 70  ? 6.966   -6.342  -4.245  1.00 40.42  ? 70  PHE A CD1 1 
ATOM   448 C  CD2 . PHE A 1 70  ? 6.958   -4.144  -5.196  1.00 39.94  ? 70  PHE A CD2 1 
ATOM   449 C  CE1 . PHE A 1 70  ? 6.721   -5.802  -2.988  1.00 38.53  ? 70  PHE A CE1 1 
ATOM   450 C  CE2 . PHE A 1 70  ? 6.713   -3.592  -3.948  1.00 39.44  ? 70  PHE A CE2 1 
ATOM   451 C  CZ  . PHE A 1 70  ? 6.594   -4.421  -2.839  1.00 37.92  ? 70  PHE A CZ  1 
ATOM   452 N  N   . THR A 1 71  ? 5.496   -4.429  -8.427  1.00 46.48  ? 71  THR A N   1 
ATOM   453 C  CA  . THR A 1 71  ? 4.661   -3.253  -8.656  1.00 44.95  ? 71  THR A CA  1 
ATOM   454 C  C   . THR A 1 71  ? 3.290   -3.691  -9.162  1.00 44.97  ? 71  THR A C   1 
ATOM   455 O  O   . THR A 1 71  ? 2.264   -3.172  -8.718  1.00 44.32  ? 71  THR A O   1 
ATOM   456 C  CB  . THR A 1 71  ? 5.318   -2.319  -9.690  1.00 44.26  ? 71  THR A CB  1 
ATOM   457 O  OG1 . THR A 1 71  ? 6.646   -1.999  -9.258  1.00 42.49  ? 71  THR A OG1 1 
ATOM   458 C  CG2 . THR A 1 71  ? 4.518   -1.034  -9.841  1.00 43.24  ? 71  THR A CG2 1 
ATOM   459 N  N   . LYS A 1 72  ? 3.291   -4.668  -10.065 1.00 43.80  ? 72  LYS A N   1 
ATOM   460 C  CA  . LYS A 1 72  ? 2.069   -5.223  -10.643 1.00 43.38  ? 72  LYS A CA  1 
ATOM   461 C  C   . LYS A 1 72  ? 1.156   -5.767  -9.543  1.00 42.32  ? 72  LYS A C   1 
ATOM   462 O  O   . LYS A 1 72  ? -0.065  -5.604  -9.591  1.00 41.17  ? 72  LYS A O   1 
ATOM   463 C  CB  . LYS A 1 72  ? 2.429   -6.345  -11.618 1.00 45.55  ? 72  LYS A CB  1 
ATOM   464 C  CG  . LYS A 1 72  ? 1.250   -7.116  -12.179 1.00 47.71  ? 72  LYS A CG  1 
ATOM   465 C  CD  . LYS A 1 72  ? 1.726   -8.332  -12.968 1.00 50.30  ? 72  LYS A CD  1 
ATOM   466 C  CE  . LYS A 1 72  ? 0.551   -9.144  -13.505 1.00 51.12  ? 72  LYS A CE  1 
ATOM   467 N  NZ  . LYS A 1 72  ? 0.995   -10.428 -14.119 1.00 53.37  ? 72  LYS A NZ  1 
ATOM   468 N  N   . LYS A 1 73  ? 1.758   -6.426  -8.558  1.00 40.99  ? 73  LYS A N   1 
ATOM   469 C  CA  . LYS A 1 73  ? 1.012   -6.994  -7.446  1.00 38.01  ? 73  LYS A CA  1 
ATOM   470 C  C   . LYS A 1 73  ? 0.425   -5.920  -6.538  1.00 35.59  ? 73  LYS A C   1 
ATOM   471 O  O   . LYS A 1 73  ? -0.761  -5.955  -6.226  1.00 35.98  ? 73  LYS A O   1 
ATOM   472 C  CB  . LYS A 1 73  ? 1.894   -7.951  -6.647  1.00 39.28  ? 73  LYS A CB  1 
ATOM   473 C  CG  . LYS A 1 73  ? 1.864   -9.373  -7.168  1.00 41.73  ? 73  LYS A CG  1 
ATOM   474 C  CD  . LYS A 1 73  ? 0.461   -9.929  -7.051  1.00 43.59  ? 73  LYS A CD  1 
ATOM   475 C  CE  . LYS A 1 73  ? 0.417   -11.415 -7.335  1.00 45.07  ? 73  LYS A CE  1 
ATOM   476 N  NZ  . LYS A 1 73  ? -0.974  -11.928 -7.177  1.00 46.32  ? 73  LYS A NZ  1 
ATOM   477 N  N   . VAL A 1 74  ? 1.238   -4.945  -6.154  1.00 32.92  ? 74  VAL A N   1 
ATOM   478 C  CA  . VAL A 1 74  ? 0.762   -3.873  -5.288  1.00 32.34  ? 74  VAL A CA  1 
ATOM   479 C  C   . VAL A 1 74  ? -0.313  -3.048  -6.007  1.00 32.45  ? 74  VAL A C   1 
ATOM   480 O  O   . VAL A 1 74  ? -1.299  -2.633  -5.400  1.00 29.78  ? 74  VAL A O   1 
ATOM   481 C  CB  . VAL A 1 74  ? 1.927   -2.979  -4.810  1.00 30.87  ? 74  VAL A CB  1 
ATOM   482 C  CG1 . VAL A 1 74  ? 1.406   -1.837  -3.942  1.00 26.26  ? 74  VAL A CG1 1 
ATOM   483 C  CG2 . VAL A 1 74  ? 2.934   -3.821  -4.017  1.00 31.61  ? 74  VAL A CG2 1 
ATOM   484 N  N   . ALA A 1 75  ? -0.137  -2.855  -7.314  1.00 33.52  ? 75  ALA A N   1 
ATOM   485 C  CA  . ALA A 1 75  ? -1.096  -2.100  -8.127  1.00 32.41  ? 75  ALA A CA  1 
ATOM   486 C  C   . ALA A 1 75  ? -2.413  -2.869  -8.265  1.00 33.27  ? 75  ALA A C   1 
ATOM   487 O  O   . ALA A 1 75  ? -3.492  -2.270  -8.303  1.00 34.52  ? 75  ALA A O   1 
ATOM   488 C  CB  . ALA A 1 75  ? -0.508  -1.810  -9.496  1.00 31.02  ? 75  ALA A CB  1 
ATOM   489 N  N   . GLY A 1 76  ? -2.308  -4.192  -8.353  1.00 30.72  ? 76  GLY A N   1 
ATOM   490 C  CA  . GLY A 1 76  ? -3.475  -5.045  -8.470  1.00 32.09  ? 76  GLY A CA  1 
ATOM   491 C  C   . GLY A 1 76  ? -4.278  -5.080  -7.184  1.00 32.78  ? 76  GLY A C   1 
ATOM   492 O  O   . GLY A 1 76  ? -5.487  -5.300  -7.203  1.00 30.45  ? 76  GLY A O   1 
ATOM   493 N  N   . TRP A 1 77  ? -3.597  -4.894  -6.055  1.00 30.70  ? 77  TRP A N   1 
ATOM   494 C  CA  . TRP A 1 77  ? -4.275  -4.887  -4.768  1.00 29.33  ? 77  TRP A CA  1 
ATOM   495 C  C   . TRP A 1 77  ? -4.988  -3.554  -4.598  1.00 29.09  ? 77  TRP A C   1 
ATOM   496 O  O   . TRP A 1 77  ? -6.103  -3.491  -4.054  1.00 27.32  ? 77  TRP A O   1 
ATOM   497 C  CB  . TRP A 1 77  ? -3.274  -5.089  -3.625  1.00 27.32  ? 77  TRP A CB  1 
ATOM   498 C  CG  . TRP A 1 77  ? -2.673  -6.448  -3.591  1.00 27.96  ? 77  TRP A CG  1 
ATOM   499 C  CD1 . TRP A 1 77  ? -3.262  -7.619  -3.968  1.00 27.09  ? 77  TRP A CD1 1 
ATOM   500 C  CD2 . TRP A 1 77  ? -1.352  -6.784  -3.154  1.00 28.74  ? 77  TRP A CD2 1 
ATOM   501 N  NE1 . TRP A 1 77  ? -2.390  -8.661  -3.797  1.00 28.77  ? 77  TRP A NE1 1 
ATOM   502 C  CE2 . TRP A 1 77  ? -1.206  -8.176  -3.302  1.00 28.24  ? 77  TRP A CE2 1 
ATOM   503 C  CE3 . TRP A 1 77  ? -0.276  -6.039  -2.647  1.00 27.09  ? 77  TRP A CE3 1 
ATOM   504 C  CZ2 . TRP A 1 77  ? -0.025  -8.845  -2.968  1.00 27.16  ? 77  TRP A CZ2 1 
ATOM   505 C  CZ3 . TRP A 1 77  ? 0.898   -6.705  -2.310  1.00 28.81  ? 77  TRP A CZ3 1 
ATOM   506 C  CH2 . TRP A 1 77  ? 1.011   -8.095  -2.475  1.00 26.29  ? 77  TRP A CH2 1 
ATOM   507 N  N   . ALA A 1 78  ? -4.334  -2.489  -5.053  1.00 26.98  ? 78  ALA A N   1 
ATOM   508 C  CA  . ALA A 1 78  ? -4.898  -1.152  -4.968  1.00 26.91  ? 78  ALA A CA  1 
ATOM   509 C  C   . ALA A 1 78  ? -6.135  -1.076  -5.864  1.00 28.53  ? 78  ALA A C   1 
ATOM   510 O  O   . ALA A 1 78  ? -7.045  -0.297  -5.602  1.00 26.54  ? 78  ALA A O   1 
ATOM   511 C  CB  . ALA A 1 78  ? -3.873  -0.113  -5.384  1.00 26.96  ? 78  ALA A CB  1 
ATOM   512 N  N   . GLU A 1 79  ? -6.151  -1.898  -6.909  1.00 29.42  ? 79  GLU A N   1 
ATOM   513 C  CA  . GLU A 1 79  ? -7.274  -1.949  -7.836  1.00 32.23  ? 79  GLU A CA  1 
ATOM   514 C  C   . GLU A 1 79  ? -8.464  -2.632  -7.159  1.00 31.02  ? 79  GLU A C   1 
ATOM   515 O  O   . GLU A 1 79  ? -9.596  -2.166  -7.265  1.00 27.96  ? 79  GLU A O   1 
ATOM   516 C  CB  . GLU A 1 79  ? -6.884  -2.704  -9.111  1.00 36.70  ? 79  GLU A CB  1 
ATOM   517 C  CG  . GLU A 1 79  ? -8.014  -2.801  -10.143 1.00 41.48  ? 79  GLU A CG  1 
ATOM   518 C  CD  . GLU A 1 79  ? -7.591  -3.448  -11.452 1.00 45.19  ? 79  GLU A CD  1 
ATOM   519 O  OE1 . GLU A 1 79  ? -6.481  -3.148  -11.946 1.00 47.26  ? 79  GLU A OE1 1 
ATOM   520 O  OE2 . GLU A 1 79  ? -8.388  -4.241  -12.000 1.00 46.33  ? 79  GLU A OE2 1 
ATOM   521 N  N   . LYS A 1 80  ? -8.196  -3.721  -6.439  1.00 29.84  ? 80  LYS A N   1 
ATOM   522 C  CA  . LYS A 1 80  ? -9.254  -4.437  -5.741  1.00 29.40  ? 80  LYS A CA  1 
ATOM   523 C  C   . LYS A 1 80  ? -9.860  -3.540  -4.673  1.00 27.26  ? 80  LYS A C   1 
ATOM   524 O  O   . LYS A 1 80  ? -11.075 -3.519  -4.479  1.00 27.60  ? 80  LYS A O   1 
ATOM   525 C  CB  . LYS A 1 80  ? -8.727  -5.732  -5.107  1.00 32.69  ? 80  LYS A CB  1 
ATOM   526 C  CG  . LYS A 1 80  ? -8.475  -6.853  -6.107  1.00 39.50  ? 80  LYS A CG  1 
ATOM   527 C  CD  . LYS A 1 80  ? -8.104  -8.154  -5.393  1.00 43.67  ? 80  LYS A CD  1 
ATOM   528 C  CE  . LYS A 1 80  ? -7.780  -9.271  -6.381  1.00 46.63  ? 80  LYS A CE  1 
ATOM   529 N  NZ  . LYS A 1 80  ? -7.393  -10.545 -5.699  1.00 48.53  ? 80  LYS A NZ  1 
ATOM   530 N  N   . VAL A 1 81  ? -9.009  -2.787  -3.991  1.00 23.18  ? 81  VAL A N   1 
ATOM   531 C  CA  . VAL A 1 81  ? -9.470  -1.875  -2.956  1.00 25.67  ? 81  VAL A CA  1 
ATOM   532 C  C   . VAL A 1 81  ? -10.316 -0.761  -3.603  1.00 23.16  ? 81  VAL A C   1 
ATOM   533 O  O   . VAL A 1 81  ? -11.441 -0.493  -3.180  1.00 24.06  ? 81  VAL A O   1 
ATOM   534 C  CB  . VAL A 1 81  ? -8.279  -1.258  -2.210  1.00 24.46  ? 81  VAL A CB  1 
ATOM   535 C  CG1 . VAL A 1 81  ? -8.764  -0.233  -1.219  1.00 26.10  ? 81  VAL A CG1 1 
ATOM   536 C  CG2 . VAL A 1 81  ? -7.490  -2.343  -1.504  1.00 28.86  ? 81  VAL A CG2 1 
ATOM   537 N  N   . ALA A 1 82  ? -9.803  -0.199  -4.693  1.00 22.48  ? 82  ALA A N   1 
ATOM   538 C  CA  . ALA A 1 82  ? -10.487 0.874   -5.412  1.00 21.05  ? 82  ALA A CA  1 
ATOM   539 C  C   . ALA A 1 82  ? -11.797 0.426   -6.094  1.00 20.16  ? 82  ALA A C   1 
ATOM   540 O  O   . ALA A 1 82  ? -12.646 1.256   -6.412  1.00 19.36  ? 82  ALA A O   1 
ATOM   541 C  CB  . ALA A 1 82  ? -9.542  1.480   -6.432  1.00 18.74  ? 82  ALA A CB  1 
ATOM   542 N  N   . SER A 1 83  ? -11.955 -0.875  -6.311  1.00 20.11  ? 83  SER A N   1 
ATOM   543 C  CA  . SER A 1 83  ? -13.159 -1.413  -6.958  1.00 20.67  ? 83  SER A CA  1 
ATOM   544 C  C   . SER A 1 83  ? -14.367 -1.294  -6.042  1.00 21.79  ? 83  SER A C   1 
ATOM   545 O  O   . SER A 1 83  ? -15.507 -1.338  -6.496  1.00 21.06  ? 83  SER A O   1 
ATOM   546 C  CB  . SER A 1 83  ? -12.967 -2.896  -7.318  1.00 23.38  ? 83  SER A CB  1 
ATOM   547 O  OG  . SER A 1 83  ? -13.028 -3.713  -6.151  1.00 25.59  ? 83  SER A OG  1 
ATOM   548 N  N   . GLY A 1 84  ? -14.104 -1.180  -4.742  1.00 22.74  ? 84  GLY A N   1 
ATOM   549 C  CA  . GLY A 1 84  ? -15.172 -1.095  -3.767  1.00 21.41  ? 84  GLY A CA  1 
ATOM   550 C  C   . GLY A 1 84  ? -15.491 -2.457  -3.161  1.00 23.17  ? 84  GLY A C   1 
ATOM   551 O  O   . GLY A 1 84  ? -16.297 -2.564  -2.233  1.00 22.97  ? 84  GLY A O   1 
ATOM   552 N  N   . ASN A 1 85  ? -14.867 -3.508  -3.678  1.00 20.58  ? 85  ASN A N   1 
ATOM   553 C  CA  . ASN A 1 85  ? -15.097 -4.853  -3.156  1.00 21.01  ? 85  ASN A CA  1 
ATOM   554 C  C   . ASN A 1 85  ? -14.224 -5.111  -1.927  1.00 22.63  ? 85  ASN A C   1 
ATOM   555 O  O   . ASN A 1 85  ? -13.312 -4.342  -1.628  1.00 21.12  ? 85  ASN A O   1 
ATOM   556 C  CB  . ASN A 1 85  ? -14.782 -5.905  -4.225  1.00 20.53  ? 85  ASN A CB  1 
ATOM   557 C  CG  . ASN A 1 85  ? -15.648 -5.751  -5.463  1.00 21.13  ? 85  ASN A CG  1 
ATOM   558 O  OD1 . ASN A 1 85  ? -16.852 -5.506  -5.366  1.00 21.91  ? 85  ASN A OD1 1 
ATOM   559 N  ND2 . ASN A 1 85  ? -15.034 -5.876  -6.633  1.00 20.45  ? 85  ASN A ND2 1 
ATOM   560 N  N   . ARG A 1 86  ? -14.508 -6.197  -1.213  1.00 21.92  ? 86  ARG A N   1 
ATOM   561 C  CA  . ARG A 1 86  ? -13.724 -6.565  -0.037  1.00 24.01  ? 86  ARG A CA  1 
ATOM   562 C  C   . ARG A 1 86  ? -12.454 -7.265  -0.498  1.00 23.05  ? 86  ARG A C   1 
ATOM   563 O  O   . ARG A 1 86  ? -12.417 -7.824  -1.591  1.00 21.65  ? 86  ARG A O   1 
ATOM   564 C  CB  . ARG A 1 86  ? -14.528 -7.503  0.865   1.00 25.59  ? 86  ARG A CB  1 
ATOM   565 C  CG  . ARG A 1 86  ? -15.909 -6.976  1.201   1.00 33.11  ? 86  ARG A CG  1 
ATOM   566 C  CD  . ARG A 1 86  ? -16.599 -7.838  2.230   1.00 34.00  ? 86  ARG A CD  1 
ATOM   567 N  NE  . ARG A 1 86  ? -15.992 -7.663  3.543   1.00 37.88  ? 86  ARG A NE  1 
ATOM   568 C  CZ  . ARG A 1 86  ? -16.581 -8.004  4.683   1.00 38.30  ? 86  ARG A CZ  1 
ATOM   569 N  NH1 . ARG A 1 86  ? -17.792 -8.542  4.670   1.00 32.63  ? 86  ARG A NH1 1 
ATOM   570 N  NH2 . ARG A 1 86  ? -15.963 -7.790  5.840   1.00 41.49  ? 86  ARG A NH2 1 
ATOM   571 N  N   . ILE A 1 87  ? -11.410 -7.231  0.324   1.00 22.95  ? 87  ILE A N   1 
ATOM   572 C  CA  . ILE A 1 87  ? -10.155 -7.890  -0.028  1.00 25.44  ? 87  ILE A CA  1 
ATOM   573 C  C   . ILE A 1 87  ? -9.711  -8.800  1.118   1.00 26.66  ? 87  ILE A C   1 
ATOM   574 O  O   . ILE A 1 87  ? -9.994  -8.526  2.286   1.00 24.82  ? 87  ILE A O   1 
ATOM   575 C  CB  . ILE A 1 87  ? -9.064  -6.850  -0.410  1.00 27.00  ? 87  ILE A CB  1 
ATOM   576 C  CG1 . ILE A 1 87  ? -7.792  -7.550  -0.895  1.00 31.04  ? 87  ILE A CG1 1 
ATOM   577 C  CG2 . ILE A 1 87  ? -8.767  -5.930  0.761   1.00 28.13  ? 87  ILE A CG2 1 
ATOM   578 C  CD1 . ILE A 1 87  ? -7.924  -8.329  -2.192  1.00 36.32  ? 87  ILE A CD1 1 
ATOM   579 N  N   . LEU A 1 88  ? -9.118  -9.938  0.779   1.00 25.60  ? 88  LEU A N   1 
ATOM   580 C  CA  . LEU A 1 88  ? -8.656  -10.869 1.796   1.00 27.81  ? 88  LEU A CA  1 
ATOM   581 C  C   . LEU A 1 88  ? -7.274  -10.465 2.306   1.00 26.91  ? 88  LEU A C   1 
ATOM   582 O  O   . LEU A 1 88  ? -6.349  -10.294 1.518   1.00 26.96  ? 88  LEU A O   1 
ATOM   583 C  CB  . LEU A 1 88  ? -8.585  -12.293 1.230   1.00 29.21  ? 88  LEU A CB  1 
ATOM   584 C  CG  . LEU A 1 88  ? -7.981  -13.341 2.184   1.00 28.03  ? 88  LEU A CG  1 
ATOM   585 C  CD1 . LEU A 1 88  ? -8.996  -13.729 3.231   1.00 26.90  ? 88  LEU A CD1 1 
ATOM   586 C  CD2 . LEU A 1 88  ? -7.519  -14.571 1.429   1.00 30.45  ? 88  LEU A CD2 1 
ATOM   587 N  N   . ILE A 1 89  ? -7.143  -10.282 3.619   1.00 27.72  ? 89  ILE A N   1 
ATOM   588 C  CA  . ILE A 1 89  ? -5.845  -9.932  4.219   1.00 28.35  ? 89  ILE A CA  1 
ATOM   589 C  C   . ILE A 1 89  ? -5.556  -11.007 5.274   1.00 26.88  ? 89  ILE A C   1 
ATOM   590 O  O   . ILE A 1 89  ? -6.105  -10.975 6.374   1.00 25.26  ? 89  ILE A O   1 
ATOM   591 C  CB  . ILE A 1 89  ? -5.858  -8.522  4.857   1.00 28.18  ? 89  ILE A CB  1 
ATOM   592 C  CG1 . ILE A 1 89  ? -6.257  -7.474  3.809   1.00 27.79  ? 89  ILE A CG1 1 
ATOM   593 C  CG2 . ILE A 1 89  ? -4.469  -8.194  5.403   1.00 29.50  ? 89  ILE A CG2 1 
ATOM   594 C  CD1 . ILE A 1 89  ? -7.740  -7.364  3.575   1.00 36.32  ? 89  ILE A CD1 1 
ATOM   595 N  N   . LYS A 1 90  ? -4.701  -11.958 4.912   1.00 29.11  ? 90  LYS A N   1 
ATOM   596 C  CA  . LYS A 1 90  ? -4.359  -13.108 5.760   1.00 31.24  ? 90  LYS A CA  1 
ATOM   597 C  C   . LYS A 1 90  ? -3.981  -12.840 7.218   1.00 31.74  ? 90  LYS A C   1 
ATOM   598 O  O   . LYS A 1 90  ? -4.597  -13.395 8.135   1.00 35.10  ? 90  LYS A O   1 
ATOM   599 C  CB  . LYS A 1 90  ? -3.278  -13.947 5.072   1.00 33.25  ? 90  LYS A CB  1 
ATOM   600 C  CG  . LYS A 1 90  ? -2.969  -15.274 5.731   1.00 39.52  ? 90  LYS A CG  1 
ATOM   601 C  CD  . LYS A 1 90  ? -1.904  -16.029 4.939   1.00 42.27  ? 90  LYS A CD  1 
ATOM   602 C  CE  . LYS A 1 90  ? -1.505  -17.336 5.612   1.00 44.17  ? 90  LYS A CE  1 
ATOM   603 N  NZ  . LYS A 1 90  ? -0.877  -17.146 6.956   1.00 45.63  ? 90  LYS A NZ  1 
ATOM   604 N  N   . ASN A 1 91  ? -2.968  -12.009 7.436   1.00 29.32  ? 91  ASN A N   1 
ATOM   605 C  CA  . ASN A 1 91  ? -2.521  -11.677 8.793   1.00 24.89  ? 91  ASN A CA  1 
ATOM   606 C  C   . ASN A 1 91  ? -2.448  -10.158 8.849   1.00 20.52  ? 91  ASN A C   1 
ATOM   607 O  O   . ASN A 1 91  ? -1.380  -9.574  8.718   1.00 19.27  ? 91  ASN A O   1 
ATOM   608 C  CB  . ASN A 1 91  ? -1.142  -12.292 9.067   1.00 26.52  ? 91  ASN A CB  1 
ATOM   609 C  CG  . ASN A 1 91  ? -1.142  -13.805 8.952   1.00 26.65  ? 91  ASN A CG  1 
ATOM   610 O  OD1 . ASN A 1 91  ? -1.690  -14.493 9.798   1.00 31.12  ? 91  ASN A OD1 1 
ATOM   611 N  ND2 . ASN A 1 91  ? -0.553  -14.320 7.885   1.00 26.89  ? 91  ASN A ND2 1 
ATOM   612 N  N   . PRO A 1 92  ? -3.601  -9.502  9.036   1.00 19.32  ? 92  PRO A N   1 
ATOM   613 C  CA  . PRO A 1 92  ? -3.718  -8.041  9.100   1.00 19.70  ? 92  PRO A CA  1 
ATOM   614 C  C   . PRO A 1 92  ? -2.889  -7.323  10.148  1.00 18.71  ? 92  PRO A C   1 
ATOM   615 O  O   . PRO A 1 92  ? -2.550  -6.167  9.961   1.00 18.85  ? 92  PRO A O   1 
ATOM   616 C  CB  . PRO A 1 92  ? -5.217  -7.817  9.305   1.00 19.61  ? 92  PRO A CB  1 
ATOM   617 C  CG  . PRO A 1 92  ? -5.690  -9.082  9.942   1.00 20.58  ? 92  PRO A CG  1 
ATOM   618 C  CD  . PRO A 1 92  ? -4.907  -10.149 9.255   1.00 22.04  ? 92  PRO A CD  1 
ATOM   619 N  N   . GLU A 1 93  ? -2.517  -8.013  11.219  1.00 17.57  ? 93  GLU A N   1 
ATOM   620 C  CA  . GLU A 1 93  ? -1.723  -7.393  12.271  1.00 19.15  ? 93  GLU A CA  1 
ATOM   621 C  C   . GLU A 1 93  ? -0.369  -6.835  11.820  1.00 17.92  ? 93  GLU A C   1 
ATOM   622 O  O   . GLU A 1 93  ? 0.203   -6.007  12.514  1.00 19.41  ? 93  GLU A O   1 
ATOM   623 C  CB  . GLU A 1 93  ? -1.496  -8.377  13.426  1.00 20.63  ? 93  GLU A CB  1 
ATOM   624 C  CG  . GLU A 1 93  ? -0.562  -9.565  13.083  1.00 19.45  ? 93  GLU A CG  1 
ATOM   625 C  CD  . GLU A 1 93  ? -1.268  -10.747 12.416  1.00 23.75  ? 93  GLU A CD  1 
ATOM   626 O  OE1 . GLU A 1 93  ? -2.425  -10.610 11.975  1.00 18.85  ? 93  GLU A OE1 1 
ATOM   627 O  OE2 . GLU A 1 93  ? -0.657  -11.835 12.348  1.00 22.42  ? 93  GLU A OE2 1 
ATOM   628 N  N   . TYR A 1 94  ? 0.155   -7.309  10.690  1.00 18.50  ? 94  TYR A N   1 
ATOM   629 C  CA  . TYR A 1 94  ? 1.444   -6.832  10.189  1.00 19.62  ? 94  TYR A CA  1 
ATOM   630 C  C   . TYR A 1 94  ? 1.423   -5.349  9.851   1.00 19.21  ? 94  TYR A C   1 
ATOM   631 O  O   . TYR A 1 94  ? 2.464   -4.698  9.813   1.00 21.56  ? 94  TYR A O   1 
ATOM   632 C  CB  . TYR A 1 94  ? 1.927   -7.687  9.009   1.00 20.66  ? 94  TYR A CB  1 
ATOM   633 C  CG  . TYR A 1 94  ? 2.457   -9.035  9.450   1.00 21.22  ? 94  TYR A CG  1 
ATOM   634 C  CD1 . TYR A 1 94  ? 3.515   -9.130  10.360  1.00 22.29  ? 94  TYR A CD1 1 
ATOM   635 C  CD2 . TYR A 1 94  ? 1.873   -10.217 8.997   1.00 22.91  ? 94  TYR A CD2 1 
ATOM   636 C  CE1 . TYR A 1 94  ? 3.969   -10.373 10.818  1.00 21.90  ? 94  TYR A CE1 1 
ATOM   637 C  CE2 . TYR A 1 94  ? 2.323   -11.449 9.438   1.00 23.13  ? 94  TYR A CE2 1 
ATOM   638 C  CZ  . TYR A 1 94  ? 3.363   -11.528 10.345  1.00 22.58  ? 94  TYR A CZ  1 
ATOM   639 O  OH  . TYR A 1 94  ? 3.789   -12.780 10.752  1.00 22.27  ? 94  TYR A OH  1 
ATOM   640 N  N   . PHE A 1 95  ? 0.233   -4.826  9.590   1.00 18.02  ? 95  PHE A N   1 
ATOM   641 C  CA  . PHE A 1 95  ? 0.055   -3.403  9.319   1.00 18.40  ? 95  PHE A CA  1 
ATOM   642 C  C   . PHE A 1 95  ? -0.070  -2.884  10.753  1.00 19.17  ? 95  PHE A C   1 
ATOM   643 O  O   . PHE A 1 95  ? -1.130  -2.973  11.363  1.00 18.97  ? 95  PHE A O   1 
ATOM   644 C  CB  . PHE A 1 95  ? -1.243  -3.186  8.539   1.00 18.27  ? 95  PHE A CB  1 
ATOM   645 C  CG  . PHE A 1 95  ? -1.664  -1.751  8.422   1.00 18.07  ? 95  PHE A CG  1 
ATOM   646 C  CD1 . PHE A 1 95  ? -0.757  -0.765  8.039   1.00 21.85  ? 95  PHE A CD1 1 
ATOM   647 C  CD2 . PHE A 1 95  ? -2.988  -1.392  8.656   1.00 20.42  ? 95  PHE A CD2 1 
ATOM   648 C  CE1 . PHE A 1 95  ? -1.177  0.566   7.886   1.00 22.04  ? 95  PHE A CE1 1 
ATOM   649 C  CE2 . PHE A 1 95  ? -3.411  -0.066  8.504   1.00 20.58  ? 95  PHE A CE2 1 
ATOM   650 C  CZ  . PHE A 1 95  ? -2.503  0.904   8.119   1.00 18.97  ? 95  PHE A CZ  1 
ATOM   651 N  N   . SER A 1 96  ? 1.046   -2.420  11.298  1.00 20.56  ? 96  SER A N   1 
ATOM   652 C  CA  . SER A 1 96  ? 1.107   -1.967  12.686  1.00 22.05  ? 96  SER A CA  1 
ATOM   653 C  C   . SER A 1 96  ? 0.288   -0.749  13.078  1.00 22.07  ? 96  SER A C   1 
ATOM   654 O  O   . SER A 1 96  ? -0.084  0.082   12.245  1.00 20.46  ? 96  SER A O   1 
ATOM   655 C  CB  . SER A 1 96  ? 2.559   -1.741  13.105  1.00 21.52  ? 96  SER A CB  1 
ATOM   656 O  OG  . SER A 1 96  ? 3.091   -0.597  12.469  1.00 22.57  ? 96  SER A OG  1 
ATOM   657 N  N   . THR A 1 97  ? 0.043   -0.635  14.379  1.00 22.71  ? 97  THR A N   1 
ATOM   658 C  CA  . THR A 1 97  ? -0.706  0.493   14.907  1.00 24.31  ? 97  THR A CA  1 
ATOM   659 C  C   . THR A 1 97  ? 0.097   1.769   14.681  1.00 24.19  ? 97  THR A C   1 
ATOM   660 O  O   . THR A 1 97  ? -0.465  2.830   14.396  1.00 24.65  ? 97  THR A O   1 
ATOM   661 C  CB  . THR A 1 97  ? -1.041  0.279   16.391  1.00 26.41  ? 97  THR A CB  1 
ATOM   662 O  OG1 . THR A 1 97  ? -1.873  -0.885  16.509  1.00 27.05  ? 97  THR A OG1 1 
ATOM   663 C  CG2 . THR A 1 97  ? -1.781  1.485   16.956  1.00 28.13  ? 97  THR A CG2 1 
ATOM   664 N  N   . TYR A 1 98  ? 1.422   1.643   14.733  1.00 24.30  ? 98  TYR A N   1 
ATOM   665 C  CA  . TYR A 1 98  ? 2.304   2.774   14.507  1.00 22.05  ? 98  TYR A CA  1 
ATOM   666 C  C   . TYR A 1 98  ? 2.044   3.339   13.108  1.00 23.88  ? 98  TYR A C   1 
ATOM   667 O  O   . TYR A 1 98  ? 1.751   4.532   12.948  1.00 22.11  ? 98  TYR A O   1 
ATOM   668 C  CB  . TYR A 1 98  ? 3.755   2.335   14.626  1.00 21.16  ? 98  TYR A CB  1 
ATOM   669 C  CG  . TYR A 1 98  ? 4.747   3.427   14.324  1.00 22.20  ? 98  TYR A CG  1 
ATOM   670 C  CD1 . TYR A 1 98  ? 5.121   4.346   15.303  1.00 20.52  ? 98  TYR A CD1 1 
ATOM   671 C  CD2 . TYR A 1 98  ? 5.307   3.552   13.057  1.00 23.94  ? 98  TYR A CD2 1 
ATOM   672 C  CE1 . TYR A 1 98  ? 6.019   5.366   15.023  1.00 23.49  ? 98  TYR A CE1 1 
ATOM   673 C  CE2 . TYR A 1 98  ? 6.213   4.572   12.768  1.00 26.01  ? 98  TYR A CE2 1 
ATOM   674 C  CZ  . TYR A 1 98  ? 6.557   5.476   13.757  1.00 25.13  ? 98  TYR A CZ  1 
ATOM   675 O  OH  . TYR A 1 98  ? 7.404   6.521   13.461  1.00 26.87  ? 98  TYR A OH  1 
HETATM 676 N  N   . MSE A 1 99  ? 2.130   2.469   12.101  1.00 24.85  ? 99  MSE A N   1 
HETATM 677 C  CA  . MSE A 1 99  ? 1.891   2.878   10.714  1.00 27.90  ? 99  MSE A CA  1 
HETATM 678 C  C   . MSE A 1 99  ? 0.504   3.477   10.541  1.00 26.58  ? 99  MSE A C   1 
HETATM 679 O  O   . MSE A 1 99  ? 0.341   4.526   9.918   1.00 27.15  ? 99  MSE A O   1 
HETATM 680 C  CB  . MSE A 1 99  ? 2.008   1.688   9.766   1.00 31.57  ? 99  MSE A CB  1 
HETATM 681 C  CG  . MSE A 1 99  ? 3.405   1.215   9.516   1.00 38.61  ? 99  MSE A CG  1 
HETATM 682 SE SE  . MSE A 1 99  ? 3.365   -0.186  8.161   1.00 52.68  ? 99  MSE A SE  1 
HETATM 683 C  CE  . MSE A 1 99  ? 3.521   -1.683  9.357   1.00 41.08  ? 99  MSE A CE  1 
ATOM   684 N  N   . GLN A 1 100 ? -0.495  2.797   11.089  1.00 25.06  ? 100 GLN A N   1 
ATOM   685 C  CA  . GLN A 1 100 ? -1.873  3.255   10.985  1.00 26.32  ? 100 GLN A CA  1 
ATOM   686 C  C   . GLN A 1 100 ? -2.086  4.645   11.598  1.00 26.86  ? 100 GLN A C   1 
ATOM   687 O  O   . GLN A 1 100 ? -2.584  5.555   10.939  1.00 25.91  ? 100 GLN A O   1 
ATOM   688 C  CB  . GLN A 1 100 ? -2.803  2.232   11.633  1.00 27.04  ? 100 GLN A CB  1 
ATOM   689 C  CG  . GLN A 1 100 ? -4.277  2.581   11.567  1.00 27.49  ? 100 GLN A CG  1 
ATOM   690 C  CD  . GLN A 1 100 ? -5.150  1.479   12.115  1.00 32.72  ? 100 GLN A CD  1 
ATOM   691 O  OE1 . GLN A 1 100 ? -5.913  1.693   13.058  1.00 38.61  ? 100 GLN A OE1 1 
ATOM   692 N  NE2 . GLN A 1 100 ? -5.052  0.289   11.527  1.00 30.14  ? 100 GLN A NE2 1 
ATOM   693 N  N   . GLU A 1 101 ? -1.703  4.796   12.860  1.00 26.79  ? 101 GLU A N   1 
ATOM   694 C  CA  . GLU A 1 101 ? -1.846  6.067   13.557  1.00 27.10  ? 101 GLU A CA  1 
ATOM   695 C  C   . GLU A 1 101 ? -1.033  7.167   12.891  1.00 26.66  ? 101 GLU A C   1 
ATOM   696 O  O   . GLU A 1 101 ? -1.423  8.330   12.920  1.00 26.33  ? 101 GLU A O   1 
ATOM   697 C  CB  . GLU A 1 101 ? -1.448  5.915   15.024  1.00 29.21  ? 101 GLU A CB  1 
ATOM   698 C  CG  . GLU A 1 101 ? -2.468  5.169   15.895  1.00 30.13  ? 101 GLU A CG  1 
ATOM   699 C  CD  . GLU A 1 101 ? -3.750  5.958   16.139  1.00 34.20  ? 101 GLU A CD  1 
ATOM   700 O  OE1 . GLU A 1 101 ? -3.677  7.121   16.598  1.00 35.93  ? 101 GLU A OE1 1 
ATOM   701 O  OE2 . GLU A 1 101 ? -4.835  5.402   15.889  1.00 33.46  ? 101 GLU A OE2 1 
ATOM   702 N  N   . GLN A 1 102 ? 0.092   6.805   12.274  1.00 27.47  ? 102 GLN A N   1 
ATOM   703 C  CA  . GLN A 1 102 ? 0.907   7.796   11.582  1.00 28.83  ? 102 GLN A CA  1 
ATOM   704 C  C   . GLN A 1 102 ? 0.159   8.323   10.358  1.00 30.62  ? 102 GLN A C   1 
ATOM   705 O  O   . GLN A 1 102 ? 0.104   9.536   10.120  1.00 29.83  ? 102 GLN A O   1 
ATOM   706 C  CB  . GLN A 1 102 ? 2.254   7.203   11.156  1.00 30.64  ? 102 GLN A CB  1 
ATOM   707 C  CG  . GLN A 1 102 ? 3.135   8.199   10.438  1.00 34.18  ? 102 GLN A CG  1 
ATOM   708 C  CD  . GLN A 1 102 ? 4.535   7.687   10.180  1.00 34.42  ? 102 GLN A CD  1 
ATOM   709 O  OE1 . GLN A 1 102 ? 4.845   6.517   10.412  1.00 35.49  ? 102 GLN A OE1 1 
ATOM   710 N  NE2 . GLN A 1 102 ? 5.390   8.564   9.691   1.00 36.36  ? 102 GLN A NE2 1 
ATOM   711 N  N   . LEU A 1 103 ? -0.439  7.406   9.602   1.00 29.54  ? 103 LEU A N   1 
ATOM   712 C  CA  . LEU A 1 103 ? -1.195  7.765   8.407   1.00 29.64  ? 103 LEU A CA  1 
ATOM   713 C  C   . LEU A 1 103 ? -2.455  8.542   8.772   1.00 29.68  ? 103 LEU A C   1 
ATOM   714 O  O   . LEU A 1 103 ? -2.783  9.528   8.119   1.00 32.21  ? 103 LEU A O   1 
ATOM   715 C  CB  . LEU A 1 103 ? -1.546  6.514   7.596   1.00 28.06  ? 103 LEU A CB  1 
ATOM   716 C  CG  . LEU A 1 103 ? -0.349  5.805   6.948   1.00 28.33  ? 103 LEU A CG  1 
ATOM   717 C  CD1 . LEU A 1 103 ? -0.734  4.434   6.407   1.00 25.42  ? 103 LEU A CD1 1 
ATOM   718 C  CD2 . LEU A 1 103 ? 0.230   6.666   5.843   1.00 28.41  ? 103 LEU A CD2 1 
ATOM   719 N  N   . LYS A 1 104 ? -3.138  8.106   9.828   1.00 29.55  ? 104 LYS A N   1 
ATOM   720 C  CA  . LYS A 1 104 ? -4.343  8.769   10.301  1.00 30.00  ? 104 LYS A CA  1 
ATOM   721 C  C   . LYS A 1 104 ? -4.005  10.221  10.642  1.00 32.51  ? 104 LYS A C   1 
ATOM   722 O  O   . LYS A 1 104 ? -4.723  11.143  10.259  1.00 30.16  ? 104 LYS A O   1 
ATOM   723 C  CB  . LYS A 1 104 ? -4.881  8.057   11.543  1.00 30.87  ? 104 LYS A CB  1 
ATOM   724 C  CG  . LYS A 1 104 ? -6.133  8.671   12.139  1.00 31.39  ? 104 LYS A CG  1 
ATOM   725 C  CD  . LYS A 1 104 ? -6.609  7.869   13.338  1.00 35.04  ? 104 LYS A CD  1 
ATOM   726 C  CE  . LYS A 1 104 ? -7.625  8.644   14.172  1.00 37.70  ? 104 LYS A CE  1 
ATOM   727 N  NZ  . LYS A 1 104 ? -6.999  9.789   14.904  1.00 39.25  ? 104 LYS A NZ  1 
ATOM   728 N  N   . GLU A 1 105 ? -2.868  10.399  11.307  1.00 32.20  ? 105 GLU A N   1 
ATOM   729 C  CA  . GLU A 1 105 ? -2.380  11.708  11.715  1.00 35.67  ? 105 GLU A CA  1 
ATOM   730 C  C   . GLU A 1 105 ? -2.125  12.628  10.524  1.00 34.55  ? 105 GLU A C   1 
ATOM   731 O  O   . GLU A 1 105 ? -2.525  13.790  10.545  1.00 35.69  ? 105 GLU A O   1 
ATOM   732 C  CB  . GLU A 1 105 ? -1.101  11.534  12.539  1.00 37.35  ? 105 GLU A CB  1 
ATOM   733 C  CG  . GLU A 1 105 ? -0.405  12.813  12.939  1.00 42.65  ? 105 GLU A CG  1 
ATOM   734 C  CD  . GLU A 1 105 ? 0.859   12.540  13.721  1.00 44.74  ? 105 GLU A CD  1 
ATOM   735 O  OE1 . GLU A 1 105 ? 1.889   12.207  13.098  1.00 46.33  ? 105 GLU A OE1 1 
ATOM   736 O  OE2 . GLU A 1 105 ? 0.818   12.635  14.963  1.00 47.66  ? 105 GLU A OE2 1 
ATOM   737 N  N   . LEU A 1 106 ? -1.458  12.108  9.494   1.00 34.43  ? 106 LEU A N   1 
ATOM   738 C  CA  . LEU A 1 106 ? -1.154  12.877  8.288   1.00 35.55  ? 106 LEU A CA  1 
ATOM   739 C  C   . LEU A 1 106 ? -2.420  13.268  7.518   1.00 37.04  ? 106 LEU A C   1 
ATOM   740 O  O   . LEU A 1 106 ? -2.509  14.372  6.983   1.00 36.26  ? 106 LEU A O   1 
ATOM   741 C  CB  . LEU A 1 106 ? -0.217  12.086  7.369   1.00 37.11  ? 106 LEU A CB  1 
ATOM   742 C  CG  . LEU A 1 106 ? 1.297   12.177  7.611   1.00 38.81  ? 106 LEU A CG  1 
ATOM   743 C  CD1 . LEU A 1 106 ? 1.662   11.841  9.051   1.00 40.68  ? 106 LEU A CD1 1 
ATOM   744 C  CD2 . LEU A 1 106 ? 2.011   11.240  6.652   1.00 40.66  ? 106 LEU A CD2 1 
ATOM   745 N  N   . VAL A 1 107 ? -3.386  12.354  7.443   1.00 35.74  ? 107 VAL A N   1 
ATOM   746 C  CA  . VAL A 1 107 ? -4.642  12.644  6.751   1.00 35.68  ? 107 VAL A CA  1 
ATOM   747 C  C   . VAL A 1 107 ? -5.398  13.768  7.475   1.00 37.38  ? 107 VAL A C   1 
ATOM   748 O  O   . VAL A 1 107 ? -5.872  14.712  6.839   1.00 34.71  ? 107 VAL A O   1 
ATOM   749 C  CB  . VAL A 1 107 ? -5.557  11.386  6.651   1.00 35.95  ? 107 VAL A CB  1 
ATOM   750 C  CG1 . VAL A 1 107 ? -6.927  11.762  6.108   1.00 34.20  ? 107 VAL A CG1 1 
ATOM   751 C  CG2 . VAL A 1 107 ? -4.921  10.334  5.745   1.00 33.78  ? 107 VAL A CG2 1 
ATOM   752 N  N   . LEU A 1 108 ? -5.492  13.672  8.803   1.00 37.99  ? 108 LEU A N   1 
ATOM   753 C  CA  . LEU A 1 108 ? -6.194  14.678  9.599   1.00 43.48  ? 108 LEU A CA  1 
ATOM   754 C  C   . LEU A 1 108 ? -5.559  16.067  9.555   1.00 46.40  ? 108 LEU A C   1 
ATOM   755 O  O   . LEU A 1 108 ? -6.267  17.073  9.616   1.00 48.51  ? 108 LEU A O   1 
ATOM   756 C  CB  . LEU A 1 108 ? -6.358  14.221  11.057  1.00 43.34  ? 108 LEU A CB  1 
ATOM   757 C  CG  . LEU A 1 108 ? -7.363  13.094  11.316  1.00 43.33  ? 108 LEU A CG  1 
ATOM   758 C  CD1 . LEU A 1 108 ? -7.434  12.792  12.796  1.00 44.34  ? 108 LEU A CD1 1 
ATOM   759 C  CD2 . LEU A 1 108 ? -8.739  13.483  10.790  1.00 43.12  ? 108 LEU A CD2 1 
ATOM   760 N  N   . GLU A 1 109 ? -4.236  16.119  9.422   1.00 49.24  ? 109 GLU A N   1 
ATOM   761 C  CA  . GLU A 1 109 ? -3.524  17.391  9.368   1.00 52.55  ? 109 GLU A CA  1 
ATOM   762 C  C   . GLU A 1 109 ? -3.689  18.079  8.008   1.00 54.13  ? 109 GLU A C   1 
ATOM   763 O  O   . GLU A 1 109 ? -3.056  19.099  7.736   1.00 53.81  ? 109 GLU A O   1 
ATOM   764 C  CB  . GLU A 1 109 ? -2.045  17.177  9.698   1.00 53.53  ? 109 GLU A CB  1 
ATOM   765 C  CG  . GLU A 1 109 ? -1.291  18.457  10.043  1.00 58.66  ? 109 GLU A CG  1 
ATOM   766 C  CD  . GLU A 1 109 ? -0.234  18.252  11.117  1.00 60.12  ? 109 GLU A CD  1 
ATOM   767 O  OE1 . GLU A 1 109 ? 0.749   17.519  10.864  1.00 61.83  ? 109 GLU A OE1 1 
ATOM   768 O  OE2 . GLU A 1 109 ? -0.389  18.827  12.215  1.00 60.95  ? 109 GLU A OE2 1 
ATOM   769 N  N   . HIS A 1 110 ? -4.549  17.511  7.164   1.00 56.25  ? 110 HIS A N   1 
ATOM   770 C  CA  . HIS A 1 110 ? -4.827  18.061  5.837   1.00 58.00  ? 110 HIS A CA  1 
ATOM   771 C  C   . HIS A 1 110 ? -6.307  18.415  5.675   1.00 58.28  ? 110 HIS A C   1 
ATOM   772 O  O   . HIS A 1 110 ? -6.598  19.609  5.448   1.00 36.32  ? 110 HIS A O   1 
ATOM   773 C  CB  . HIS A 1 110 ? -4.405  17.074  4.744   1.00 60.21  ? 110 HIS A CB  1 
ATOM   774 C  CG  . HIS A 1 110 ? -2.936  17.071  4.465   1.00 62.00  ? 110 HIS A CG  1 
ATOM   775 N  ND1 . HIS A 1 110 ? -2.424  16.995  3.186   1.00 62.23  ? 110 HIS A ND1 1 
ATOM   776 C  CD2 . HIS A 1 110 ? -1.867  17.145  5.294   1.00 63.18  ? 110 HIS A CD2 1 
ATOM   777 C  CE1 . HIS A 1 110 ? -1.104  17.027  3.242   1.00 63.81  ? 110 HIS A CE1 1 
ATOM   778 N  NE2 . HIS A 1 110 ? -0.742  17.118  4.509   1.00 64.19  ? 110 HIS A NE2 1 
HETATM 779 O  O   . HOH B 2 .   ? -6.134  -1.877  6.705   1.00 17.63  ? 116 HOH A O   1 
HETATM 780 O  O   . HOH B 2 .   ? -3.041  -5.515  7.075   1.00 17.58  ? 117 HOH A O   1 
HETATM 781 O  O   . HOH B 2 .   ? -5.312  -4.215  7.687   1.00 24.87  ? 118 HOH A O   1 
HETATM 782 O  O   . HOH B 2 .   ? -2.574  -1.559  19.126  1.00 25.61  ? 119 HOH A O   1 
HETATM 783 O  O   . HOH B 2 .   ? -12.835 -1.783  -1.136  1.00 21.83  ? 120 HOH A O   1 
HETATM 784 O  O   . HOH B 2 .   ? -2.679  9.187   15.166  1.00 30.09  ? 121 HOH A O   1 
HETATM 785 O  O   . HOH B 2 .   ? -16.589 0.252   -8.712  1.00 33.48  ? 122 HOH A O   1 
HETATM 786 O  O   . HOH B 2 .   ? -3.254  -1.558  12.414  1.00 31.18  ? 123 HOH A O   1 
HETATM 787 O  O   . HOH B 2 .   ? -7.612  -5.499  8.267   1.00 24.24  ? 124 HOH A O   1 
HETATM 788 O  O   . HOH B 2 .   ? -11.967 -5.163  2.192   1.00 39.40  ? 125 HOH A O   1 
HETATM 789 O  O   . HOH B 2 .   ? -6.401  3.011   -1.314  1.00 19.84  ? 126 HOH A O   1 
HETATM 790 O  O   . HOH B 2 .   ? -13.491 11.900  3.610   1.00 39.54  ? 127 HOH A O   1 
HETATM 791 O  O   . HOH B 2 .   ? -3.378  12.950  1.793   1.00 45.35  ? 128 HOH A O   1 
HETATM 792 O  O   . HOH B 2 .   ? -2.599  -16.394 12.715  1.00 35.09  ? 129 HOH A O   1 
HETATM 793 O  O   . HOH B 2 .   ? -10.073 13.987  7.716   1.00 44.24  ? 130 HOH A O   1 
HETATM 794 O  O   . HOH B 2 .   ? -13.576 1.820   1.892   1.00 37.27  ? 131 HOH A O   1 
HETATM 795 O  O   . HOH B 2 .   ? -6.554  10.684  -2.776  1.00 32.36  ? 132 HOH A O   1 
HETATM 796 O  O   . HOH B 2 .   ? -2.713  13.216  15.155  1.00 44.10  ? 133 HOH A O   1 
HETATM 797 O  O   . HOH B 2 .   ? 10.167  2.574   6.280   1.00 43.89  ? 134 HOH A O   1 
HETATM 798 O  O   . HOH B 2 .   ? -16.499 -3.554  0.266   1.00 29.31  ? 135 HOH A O   1 
HETATM 799 O  O   . HOH B 2 .   ? -4.256  8.477   -5.269  1.00 37.58  ? 136 HOH A O   1 
HETATM 800 O  O   . HOH B 2 .   ? 1.233   -2.534  15.998  1.00 25.12  ? 137 HOH A O   1 
HETATM 801 O  O   . HOH B 2 .   ? 6.121   -5.388  5.335   1.00 34.58  ? 138 HOH A O   1 
HETATM 802 O  O   . HOH B 2 .   ? -9.592  -3.537  8.505   1.00 31.07  ? 139 HOH A O   1 
HETATM 803 O  O   . HOH B 2 .   ? -10.570 -6.365  4.196   1.00 38.37  ? 140 HOH A O   1 
HETATM 804 O  O   . HOH B 2 .   ? -6.886  -6.649  -12.675 1.00 49.63  ? 141 HOH A O   1 
HETATM 805 O  O   . HOH B 2 .   ? -3.702  -7.129  -11.622 1.00 37.88  ? 142 HOH A O   1 
HETATM 806 O  O   . HOH B 2 .   ? -6.319  15.004  2.771   1.00 55.58  ? 143 HOH A O   1 
HETATM 807 O  O   . HOH B 2 .   ? 2.468   -11.786 -2.468  1.00 43.09  ? 144 HOH A O   1 
HETATM 808 O  O   . HOH B 2 .   ? -9.032  -11.164 -1.994  1.00 46.01  ? 145 HOH A O   1 
HETATM 809 O  O   . HOH B 2 .   ? 2.338   -0.232  16.696  1.00 31.92  ? 146 HOH A O   1 
HETATM 810 O  O   . HOH B 2 .   ? -5.573  -5.497  -1.193  1.00 79.42  ? 147 HOH A O   1 
HETATM 811 O  O   . HOH B 2 .   ? -14.425 2.147   -8.443  1.00 25.78  ? 148 HOH A O   1 
HETATM 812 O  O   . HOH B 2 .   ? -11.191 -5.710  -8.348  1.00 35.33  ? 149 HOH A O   1 
HETATM 813 O  O   . HOH B 2 .   ? -7.835  -5.565  11.446  1.00 32.95  ? 150 HOH A O   1 
HETATM 814 O  O   . HOH B 2 .   ? -10.350 0.793   8.357   1.00 47.91  ? 151 HOH A O   1 
HETATM 815 O  O   . HOH B 2 .   ? -6.691  1.750   -3.789  1.00 37.28  ? 152 HOH A O   1 
HETATM 816 O  O   . HOH B 2 .   ? -18.501 -0.906  -2.466  1.00 43.41  ? 153 HOH A O   1 
HETATM 817 O  O   . HOH B 2 .   ? -3.937  -13.653 12.361  1.00 44.78  ? 154 HOH A O   1 
HETATM 818 O  O   . HOH B 2 .   ? -14.697 4.310   5.549   1.00 30.49  ? 155 HOH A O   1 
HETATM 819 O  O   . HOH B 2 .   ? 7.688   -3.161  6.038   1.00 35.66  ? 156 HOH A O   1 
HETATM 820 O  O   . HOH B 2 .   ? 11.788  4.515   -0.832  1.00 40.83  ? 157 HOH A O   1 
HETATM 821 O  O   . HOH B 2 .   ? 14.313  7.183   -1.203  1.00 43.15  ? 158 HOH A O   1 
HETATM 822 O  O   . HOH B 2 .   ? 0.679   -12.991 5.753   1.00 33.78  ? 159 HOH A O   1 
HETATM 823 O  O   . HOH B 2 .   ? 9.876   -7.885  4.026   1.00 39.36  ? 160 HOH A O   1 
HETATM 824 O  O   . HOH B 2 .   ? -4.338  11.092  -6.012  1.00 44.89  ? 161 HOH A O   1 
HETATM 825 O  O   . HOH B 2 .   ? -13.271 -7.883  5.693   1.00 57.58  ? 162 HOH A O   1 
HETATM 826 O  O   . HOH B 2 .   ? 6.529   -15.489 1.965   1.00 42.51  ? 163 HOH A O   1 
HETATM 827 O  O   . HOH B 2 .   ? -19.002 -5.528  -3.627  1.00 44.67  ? 164 HOH A O   1 
HETATM 828 O  O   . HOH B 2 .   ? 0.745   3.781   -14.732 1.00 43.16  ? 165 HOH A O   1 
HETATM 829 O  O   . HOH B 2 .   ? -9.337  -7.790  7.059   1.00 32.38  ? 166 HOH A O   1 
HETATM 830 O  O   . HOH B 2 .   ? -7.001  20.716  9.380   1.00 54.42  ? 167 HOH A O   1 
HETATM 831 O  O   . HOH B 2 .   ? -3.186  -11.416 2.685   1.00 37.63  ? 168 HOH A O   1 
HETATM 832 O  O   . HOH B 2 .   ? 15.761  -1.345  -11.689 1.00 48.46  ? 169 HOH A O   1 
HETATM 833 O  O   . HOH B 2 .   ? 2.246   -7.903  14.033  1.00 35.92  ? 170 HOH A O   1 
HETATM 834 O  O   . HOH B 2 .   ? 8.654   -9.215  -1.040  1.00 68.08  ? 171 HOH A O   1 
HETATM 835 O  O   . HOH B 2 .   ? 8.167   8.992   9.174   1.00 47.97  ? 172 HOH A O   1 
HETATM 836 O  O   . HOH B 2 .   ? 3.410   16.529  11.388  1.00 33.85  ? 173 HOH A O   1 
HETATM 837 O  O   . HOH B 2 .   ? -5.480  -10.383 -3.267  1.00 37.75  ? 174 HOH A O   1 
HETATM 838 O  O   . HOH B 2 .   ? -15.335 -7.115  8.500   1.00 36.55  ? 175 HOH A O   1 
HETATM 839 O  O   . HOH B 2 .   ? 17.229  -5.558  -2.995  1.00 44.95  ? 176 HOH A O   1 
HETATM 840 O  O   . HOH B 2 .   ? 2.868   10.370  -5.345  1.00 43.21  ? 177 HOH A O   1 
HETATM 841 O  O   . HOH B 2 .   ? -14.317 -4.531  4.557   1.00 58.87  ? 178 HOH A O   1 
HETATM 842 O  O   . HOH B 2 .   ? -9.088  17.168  8.921   1.00 44.53  ? 179 HOH A O   1 
HETATM 843 O  O   . HOH B 2 .   ? -8.432  -1.084  7.979   1.00 37.66  ? 180 HOH A O   1 
HETATM 844 O  O   . HOH B 2 .   ? -7.063  21.984  3.484   1.00 40.84  ? 181 HOH A O   1 
HETATM 845 O  O   . HOH B 2 .   ? 14.130  -2.368  -5.686  1.00 44.14  ? 182 HOH A O   1 
HETATM 846 O  O   . HOH B 2 .   ? -4.505  18.045  -1.107  1.00 40.32  ? 183 HOH A O   1 
HETATM 847 O  O   . HOH B 2 .   ? -2.382  -7.903  -7.217  1.00 38.69  ? 184 HOH A O   1 
HETATM 848 O  O   . HOH B 2 .   ? -8.442  2.552   -9.114  1.00 110.49 ? 185 HOH A O   1 
HETATM 849 O  O   . HOH B 2 .   ? 0.989   13.637  -2.885  1.00 47.87  ? 186 HOH A O   1 
HETATM 850 O  O   . HOH B 2 .   ? -14.559 -0.253  0.382   1.00 46.49  ? 187 HOH A O   1 
HETATM 851 O  O   . HOH B 2 .   ? -9.360  4.087   12.491  1.00 50.02  ? 188 HOH A O   1 
HETATM 852 O  O   . HOH B 2 .   ? -8.093  5.597   15.074  1.00 63.26  ? 189 HOH A O   1 
HETATM 853 O  O   . HOH B 2 .   ? 5.652   -3.100  11.162  1.00 44.43  ? 190 HOH A O   1 
HETATM 854 O  O   . HOH B 2 .   ? 16.781  -4.757  -8.390  1.00 46.98  ? 191 HOH A O   1 
HETATM 855 O  O   . HOH B 2 .   ? 5.208   -4.312  8.199   1.00 40.70  ? 192 HOH A O   1 
HETATM 856 O  O   . HOH B 2 .   ? 12.847  12.603  -5.844  1.00 45.10  ? 193 HOH A O   1 
HETATM 857 O  O   . HOH B 2 .   ? -6.423  24.106  5.237   1.00 55.33  ? 194 HOH A O   1 
HETATM 858 O  O   . HOH B 2 .   ? -2.406  17.018  0.328   1.00 39.55  ? 195 HOH A O   1 
HETATM 859 O  O   . HOH B 2 .   ? 13.331  -1.653  -0.578  1.00 57.83  ? 196 HOH A O   1 
HETATM 860 O  O   . HOH B 2 .   ? -1.934  -4.857  -11.910 1.00 31.64  ? 197 HOH A O   1 
HETATM 861 O  O   . HOH B 2 .   ? 3.526   8.308   -7.865  1.00 42.09  ? 198 HOH A O   1 
HETATM 862 O  O   . HOH B 2 .   ? -2.944  4.549   -15.728 1.00 47.93  ? 199 HOH A O   1 
HETATM 863 O  O   . HOH B 2 .   ? -4.857  21.919  6.533   1.00 46.25  ? 200 HOH A O   1 
HETATM 864 O  O   . HOH B 2 .   ? -2.169  0.325   20.972  1.00 33.00  ? 201 HOH A O   1 
HETATM 865 O  O   . HOH B 2 .   ? -1.747  -14.832 -5.480  1.00 41.57  ? 202 HOH A O   1 
HETATM 866 O  O   . HOH B 2 .   ? -13.249 -1.560  3.674   1.00 37.03  ? 203 HOH A O   1 
HETATM 867 O  O   . HOH B 2 .   ? -2.652  13.354  4.314   1.00 49.02  ? 204 HOH A O   1 
HETATM 868 O  O   . HOH B 2 .   ? -10.136 9.715   11.002  1.00 43.70  ? 205 HOH A O   1 
HETATM 869 O  O   . HOH B 2 .   ? 3.594   -8.516  -15.383 1.00 47.39  ? 206 HOH A O   1 
HETATM 870 O  O   . HOH B 2 .   ? -9.450  -11.042 5.950   1.00 28.44  ? 207 HOH A O   1 
HETATM 871 O  O   . HOH B 2 .   ? 11.971  1.955   -15.695 1.00 52.28  ? 208 HOH A O   1 
HETATM 872 O  O   . HOH B 2 .   ? 6.207   2.858   9.722   1.00 54.85  ? 209 HOH A O   1 
HETATM 873 O  O   . HOH B 2 .   ? 6.158   0.835   7.162   1.00 63.31  ? 210 HOH A O   1 
HETATM 874 O  O   . HOH B 2 .   ? -2.081  -11.925 -4.254  1.00 41.66  ? 211 HOH A O   1 
HETATM 875 O  O   . HOH B 2 .   ? 3.785   -5.182  12.462  1.00 45.79  ? 212 HOH A O   1 
HETATM 876 O  O   . HOH B 2 .   ? -11.528 -2.453  1.577   1.00 52.13  ? 213 HOH A O   1 
HETATM 877 O  O   . HOH B 2 .   ? -0.525  -2.960  -13.195 1.00 55.17  ? 214 HOH A O   1 
HETATM 878 O  O   . HOH B 2 .   ? 6.179   -13.802 -15.100 1.00 50.02  ? 215 HOH A O   1 
HETATM 879 O  O   . HOH B 2 .   ? 3.222   22.679  9.947   1.00 59.26  ? 216 HOH A O   1 
HETATM 880 O  O   . HOH B 2 .   ? 0.115   -9.973  -10.591 1.00 75.00  ? 217 HOH A O   1 
HETATM 881 O  O   . HOH B 2 .   ? -6.570  -6.829  -9.191  1.00 40.18  ? 218 HOH A O   1 
HETATM 882 O  O   . HOH B 2 .   ? 4.871   -1.430  4.078   1.00 91.25  ? 219 HOH A O   1 
HETATM 883 O  O   . HOH B 2 .   ? -4.610  11.112  14.832  1.00 41.54  ? 220 HOH A O   1 
HETATM 884 O  O   . HOH B 2 .   ? -4.768  9.566   -9.459  1.00 62.61  ? 221 HOH A O   1 
HETATM 885 O  O   . HOH B 2 .   ? 6.914   8.049   -9.327  1.00 66.64  ? 222 HOH A O   1 
HETATM 886 O  O   . HOH B 2 .   ? -7.429  6.720   -10.399 1.00 50.45  ? 223 HOH A O   1 
HETATM 887 O  O   . HOH B 2 .   ? -8.113  22.938  6.964   1.00 40.94  ? 224 HOH A O   1 
HETATM 888 O  O   . HOH B 2 .   ? 1.825   8.435   7.744   1.00 88.98  ? 225 HOH A O   1 
HETATM 889 O  O   . HOH B 2 .   ? -12.072 12.010  1.357   1.00 37.55  ? 226 HOH A O   1 
HETATM 890 O  O   . HOH B 2 .   ? 14.310  -2.406  -14.256 1.00 61.95  ? 227 HOH A O   1 
HETATM 891 O  O   . HOH B 2 .   ? 9.222   -5.922  6.968   1.00 55.03  ? 228 HOH A O   1 
HETATM 892 O  O   . HOH B 2 .   ? 15.853  5.093   -2.309  1.00 51.45  ? 229 HOH A O   1 
HETATM 893 O  O   . HOH B 2 .   ? 0.586   -8.372  -16.446 1.00 77.28  ? 230 HOH A O   1 
HETATM 894 O  O   . HOH B 2 .   ? -4.241  2.011   15.122  1.00 53.33  ? 231 HOH A O   1 
HETATM 895 O  O   . HOH B 2 .   ? 3.808   -1.467  -6.485  1.00 91.05  ? 232 HOH A O   1 
HETATM 896 O  O   . HOH B 2 .   ? 3.307   -4.330  15.729  1.00 43.80  ? 233 HOH A O   1 
HETATM 897 O  O   . HOH B 2 .   ? 16.578  0.512   -13.604 1.00 51.96  ? 234 HOH A O   1 
HETATM 898 O  O   . HOH B 2 .   ? -0.177  15.842  7.433   1.00 95.06  ? 235 HOH A O   1 
HETATM 899 O  O   . HOH B 2 .   ? 9.831   -15.515 -0.839  1.00 48.33  ? 236 HOH A O   1 
HETATM 900 O  O   . HOH B 2 .   ? -10.775 2.617   10.267  1.00 49.46  ? 237 HOH A O   1 
HETATM 901 O  O   . HOH B 2 .   ? -7.558  -13.322 6.255   1.00 50.62  ? 238 HOH A O   1 
HETATM 902 O  O   . HOH B 2 .   ? 4.035   20.138  12.839  1.00 63.39  ? 239 HOH A O   1 
HETATM 903 O  O   . HOH B 2 .   ? 8.163   0.088   5.331   1.00 36.27  ? 240 HOH A O   1 
HETATM 904 O  O   . HOH B 2 .   ? 2.869   -10.616 -10.217 1.00 47.40  ? 241 HOH A O   1 
HETATM 905 O  O   . HOH B 2 .   ? -8.136  3.848   -11.404 1.00 42.74  ? 242 HOH A O   1 
HETATM 906 O  O   . HOH B 2 .   ? 6.586   12.502  -5.325  1.00 59.13  ? 243 HOH A O   1 
HETATM 907 O  O   . HOH B 2 .   ? 9.812   4.904   -15.889 1.00 46.41  ? 244 HOH A O   1 
HETATM 908 O  O   . HOH B 2 .   ? -1.739  20.428  5.304   1.00 35.26  ? 245 HOH A O   1 
HETATM 909 O  O   . HOH B 2 .   ? 9.900   -14.024 -5.275  1.00 52.34  ? 246 HOH A O   1 
HETATM 910 O  O   . HOH B 2 .   ? -12.145 4.719   8.874   1.00 54.05  ? 247 HOH A O   1 
HETATM 911 O  O   . HOH B 2 .   ? -7.178  1.733   -12.912 1.00 45.09  ? 248 HOH A O   1 
HETATM 912 O  O   . HOH B 2 .   ? 7.780   -0.839  -11.596 1.00 42.77  ? 249 HOH A O   1 
HETATM 913 O  O   . HOH B 2 .   ? 16.207  -10.954 1.143   1.00 61.73  ? 250 HOH A O   1 
HETATM 914 O  O   . HOH B 2 .   ? 0.398   4.758   -5.206  1.00 108.48 ? 251 HOH A O   1 
HETATM 915 O  O   . HOH B 2 .   ? 2.718   10.383  -9.427  1.00 41.45  ? 252 HOH A O   1 
HETATM 916 O  O   . HOH B 2 .   ? 4.682   16.770  4.801   1.00 58.90  ? 253 HOH A O   1 
HETATM 917 O  O   . HOH B 2 .   ? 2.338   20.237  10.672  1.00 66.45  ? 254 HOH A O   1 
HETATM 918 O  O   . HOH B 2 .   ? -8.265  2.686   15.400  1.00 46.13  ? 255 HOH A O   1 
HETATM 919 O  O   . HOH B 2 .   ? -1.059  -13.068 2.348   1.00 84.09  ? 256 HOH A O   1 
HETATM 920 O  O   . HOH B 2 .   ? -7.796  -0.218  12.968  1.00 41.54  ? 257 HOH A O   1 
HETATM 921 O  O   . HOH B 2 .   ? -1.276  -18.260 10.171  1.00 61.46  ? 258 HOH A O   1 
HETATM 922 O  O   . HOH B 2 .   ? -6.405  14.156  -0.453  1.00 59.96  ? 259 HOH A O   1 
HETATM 923 O  O   . HOH B 2 .   ? -1.872  -8.294  -9.900  1.00 35.75  ? 260 HOH A O   1 
HETATM 924 O  O   . HOH B 2 .   ? 15.630  4.339   -5.022  1.00 69.15  ? 261 HOH A O   1 
HETATM 925 O  O   . HOH B 2 .   ? 13.470  -10.387 -11.642 1.00 54.89  ? 262 HOH A O   1 
HETATM 926 O  O   . HOH B 2 .   ? 17.467  -0.566  -6.478  1.00 69.60  ? 263 HOH A O   1 
HETATM 927 O  O   . HOH B 2 .   ? 8.782   11.847  8.564   1.00 60.18  ? 264 HOH A O   1 
HETATM 928 O  O   . HOH B 2 .   ? 9.222   10.166  -4.285  1.00 45.69  ? 265 HOH A O   1 
HETATM 929 O  O   . HOH B 2 .   ? 11.433  10.081  -1.034  1.00 67.63  ? 266 HOH A O   1 
HETATM 930 O  O   . HOH B 2 .   ? 9.263   3.547   -18.263 1.00 83.65  ? 267 HOH A O   1 
HETATM 931 O  O   . HOH B 2 .   ? 9.018   8.260   -14.426 1.00 43.47  ? 268 HOH A O   1 
HETATM 932 O  O   . HOH B 2 .   ? 5.245   10.836  -3.517  1.00 55.15  ? 269 HOH A O   1 
HETATM 933 O  O   . HOH B 2 .   ? 12.437  -9.204  2.492   1.00 60.55  ? 270 HOH A O   1 
HETATM 934 O  O   . HOH B 2 .   ? -3.772  -13.161 -8.625  1.00 75.09  ? 271 HOH A O   1 
HETATM 935 O  O   . HOH B 2 .   ? 3.493   16.038  8.655   1.00 47.27  ? 272 HOH A O   1 
HETATM 936 O  O   . HOH B 2 .   ? -4.968  -9.664  -10.809 1.00 41.69  ? 273 HOH A O   1 
HETATM 937 O  O   . HOH B 2 .   ? 12.470  -8.305  9.505   1.00 70.44  ? 274 HOH A O   1 
HETATM 938 O  O   . HOH B 2 .   ? 1.940   -10.555 -17.628 1.00 69.31  ? 275 HOH A O   1 
HETATM 939 O  O   . HOH B 2 .   ? 3.161   18.926  5.335   1.00 52.55  ? 276 HOH A O   1 
HETATM 940 O  O   . HOH B 2 .   ? 7.546   6.415   -13.063 1.00 76.16  ? 277 HOH A O   1 
HETATM 941 O  O   . HOH B 2 .   ? 0.435   22.124  8.461   1.00 42.63  ? 278 HOH A O   1 
# 
